data_8AXG
#
_entry.id   8AXG
#
_cell.length_a   115.475
_cell.length_b   115.475
_cell.length_c   196.786
_cell.angle_alpha   90.000
_cell.angle_beta   90.000
_cell.angle_gamma   90.000
#
_symmetry.space_group_name_H-M   'P 41'
#
loop_
_entity.id
_entity.type
_entity.pdbx_description
1 polymer Fusolisin
2 non-polymer 1,2-ETHANEDIOL
3 non-polymer 'TRIETHYLENE GLYCOL'
4 non-polymer DI(HYDROXYETHYL)ETHER
5 non-polymer 'TETRAETHYLENE GLYCOL'
6 water water
#
_entity_poly.entity_id   1
_entity_poly.type   'polypeptide(L)'
_entity_poly.pdbx_seq_one_letter_code
;HHHHHHGGGGGSSNLPLNPGTPSIPSTPSTPSVPEDNFPTVANPLDSQKGNISALKEKLNRNRENSTATIPTETISYNGS
TVKIGILDSDFTDPVRKAQLSARYPGIEFIPRVNSDTSTSSHGVQVLEVMMDTLEDRTKGKAKFKAIAASIGNGGASETN
KSVNPNVKTYEKVFERFNFNQKVKVVNQSFGADITIEEAPYTKNNIRNYVWAGDSKPFATYFEEKVNNDGGLFVWAAGNR
KGATETNPGQDMDSVGMEAGLPYLVNDLEKGWIAVVGIQPKETVRVGTAPDGTPIVNIKPNGKLNIHRTGTDRLAYAGDN
AKYWSISADDSAIPTAGRAGIGSSYAAPRVSRAAALVAEKFDWMTADQVRQTLFTTTDDTELDASLAGNANAEKRRRVKT
SPDYKYGWGMLNQERALKGPGAFMDVTKYGNTNIFNAEIPAGKTSYFENKIFGFGGLVKSGEGTLHLTNDNSYAGGSVVN
RGTLEIHKIHSSKVTVNQAGRLVLHPKALIGYNEAFFNVITTVDPTRITTGTNLRNKGIVEVNGTTAIIGGDYIAYKGST
TTFNNGAKLNVLGNIKVEDGTVKVL
;
_entity_poly.pdbx_strand_id   AAA,BBB,CCC,DDD
#
loop_
_chem_comp.id
_chem_comp.type
_chem_comp.name
_chem_comp.formula
EDO non-polymer 1,2-ETHANEDIOL 'C2 H6 O2'
PEG non-polymer DI(HYDROXYETHYL)ETHER 'C4 H10 O3'
PG4 non-polymer 'TETRAETHYLENE GLYCOL' 'C8 H18 O5'
PGE non-polymer 'TRIETHYLENE GLYCOL' 'C6 H14 O4'
#
# COMPACT_ATOMS: atom_id res chain seq x y z
N SER A 23 58.92 -4.68 -57.33
CA SER A 23 57.86 -5.58 -56.80
C SER A 23 58.22 -7.04 -57.08
N ILE A 24 58.47 -7.80 -55.99
CA ILE A 24 58.89 -9.19 -56.02
C ILE A 24 57.88 -10.03 -55.23
N PRO A 25 57.23 -11.04 -55.86
CA PRO A 25 56.36 -11.99 -55.14
C PRO A 25 57.04 -12.76 -54.00
N SER A 26 56.25 -13.18 -53.00
CA SER A 26 56.73 -14.03 -51.92
C SER A 26 56.09 -15.42 -51.97
N THR A 27 56.84 -16.43 -51.50
CA THR A 27 56.36 -17.80 -51.42
C THR A 27 55.60 -17.95 -50.09
N PRO A 28 54.43 -18.63 -50.03
CA PRO A 28 53.77 -18.91 -48.76
C PRO A 28 54.64 -19.88 -47.97
N SER A 29 54.62 -19.75 -46.63
CA SER A 29 55.37 -20.60 -45.71
C SER A 29 54.70 -21.97 -45.61
N THR A 30 55.50 -23.04 -45.77
CA THR A 30 55.04 -24.42 -45.62
C THR A 30 54.42 -24.60 -44.23
N PRO A 31 53.34 -25.41 -44.07
CA PRO A 31 52.58 -25.42 -42.82
C PRO A 31 53.29 -25.66 -41.49
N SER A 32 54.56 -26.12 -41.51
CA SER A 32 55.27 -26.72 -40.38
C SER A 32 55.14 -25.89 -39.09
N VAL A 33 55.19 -26.60 -37.95
CA VAL A 33 55.25 -26.01 -36.63
C VAL A 33 56.63 -26.33 -36.04
N PRO A 34 57.65 -25.44 -36.19
CA PRO A 34 58.99 -25.71 -35.67
C PRO A 34 59.05 -25.93 -34.15
N GLU A 35 58.04 -25.42 -33.43
CA GLU A 35 57.95 -25.54 -31.97
CA GLU A 35 57.94 -25.53 -31.98
C GLU A 35 57.86 -27.00 -31.58
N ASP A 36 57.40 -27.84 -32.51
CA ASP A 36 57.27 -29.26 -32.26
C ASP A 36 58.65 -29.86 -32.00
N ASN A 37 59.70 -29.21 -32.52
CA ASN A 37 61.07 -29.68 -32.37
C ASN A 37 61.85 -28.93 -31.30
N PHE A 38 61.22 -27.96 -30.63
CA PHE A 38 61.92 -27.20 -29.61
C PHE A 38 62.22 -28.12 -28.43
N PRO A 39 63.45 -28.09 -27.86
CA PRO A 39 63.73 -28.85 -26.65
C PRO A 39 62.85 -28.36 -25.49
N THR A 40 62.57 -29.26 -24.55
CA THR A 40 61.79 -28.92 -23.38
C THR A 40 62.69 -28.64 -22.19
N VAL A 41 62.15 -27.91 -21.21
CA VAL A 41 62.81 -27.56 -19.96
C VAL A 41 62.06 -28.29 -18.85
N ALA A 42 62.79 -28.80 -17.86
CA ALA A 42 62.19 -29.49 -16.73
C ALA A 42 61.15 -28.58 -16.07
N ASN A 43 59.97 -29.16 -15.80
CA ASN A 43 58.85 -28.44 -15.23
C ASN A 43 58.65 -28.89 -13.78
N PRO A 44 58.80 -27.99 -12.78
CA PRO A 44 58.62 -28.35 -11.38
C PRO A 44 57.28 -28.99 -11.04
N LEU A 45 56.27 -28.83 -11.90
CA LEU A 45 54.92 -29.30 -11.56
C LEU A 45 54.72 -30.71 -12.07
N ASP A 46 55.73 -31.26 -12.76
CA ASP A 46 55.58 -32.53 -13.46
C ASP A 46 55.18 -33.65 -12.51
N SER A 47 55.63 -33.61 -11.25
CA SER A 47 55.31 -34.69 -10.32
C SER A 47 53.84 -34.68 -9.96
N GLN A 48 53.16 -33.53 -10.13
CA GLN A 48 51.78 -33.43 -9.72
C GLN A 48 50.82 -33.72 -10.87
N LYS A 49 51.34 -34.04 -12.06
CA LYS A 49 50.50 -34.08 -13.24
C LYS A 49 49.72 -35.38 -13.37
N GLY A 50 49.95 -36.35 -12.47
CA GLY A 50 49.14 -37.55 -12.44
C GLY A 50 47.67 -37.23 -12.12
N ASN A 51 47.45 -36.19 -11.31
CA ASN A 51 46.11 -35.69 -11.07
C ASN A 51 46.01 -34.24 -11.54
N ILE A 52 45.72 -34.07 -12.84
CA ILE A 52 45.67 -32.74 -13.44
C ILE A 52 44.57 -31.87 -12.80
N SER A 53 43.43 -32.49 -12.47
CA SER A 53 42.31 -31.79 -11.85
C SER A 53 42.71 -31.22 -10.49
N ALA A 54 43.48 -31.99 -9.72
CA ALA A 54 43.84 -31.53 -8.38
C ALA A 54 44.87 -30.42 -8.50
N LEU A 55 45.79 -30.56 -9.46
CA LEU A 55 46.80 -29.54 -9.71
C LEU A 55 46.15 -28.20 -10.11
N LYS A 56 45.20 -28.24 -11.07
CA LYS A 56 44.43 -27.06 -11.48
C LYS A 56 43.77 -26.40 -10.25
N GLU A 57 43.17 -27.22 -9.40
CA GLU A 57 42.43 -26.75 -8.25
C GLU A 57 43.36 -26.04 -7.27
N LYS A 58 44.51 -26.67 -6.98
CA LYS A 58 45.47 -26.10 -6.03
C LYS A 58 46.04 -24.79 -6.58
N LEU A 59 46.46 -24.81 -7.85
CA LEU A 59 47.04 -23.61 -8.46
C LEU A 59 46.03 -22.47 -8.40
N ASN A 60 44.76 -22.77 -8.73
CA ASN A 60 43.75 -21.73 -8.79
C ASN A 60 43.47 -21.17 -7.40
N ARG A 61 43.47 -22.06 -6.41
CA ARG A 61 43.24 -21.66 -5.02
CA ARG A 61 43.24 -21.66 -5.02
C ARG A 61 44.34 -20.70 -4.60
N ASN A 62 45.60 -21.06 -4.89
CA ASN A 62 46.71 -20.16 -4.54
C ASN A 62 46.57 -18.82 -5.26
N ARG A 63 46.17 -18.88 -6.54
CA ARG A 63 45.98 -17.68 -7.35
C ARG A 63 44.93 -16.79 -6.69
N GLU A 64 43.77 -17.38 -6.35
CA GLU A 64 42.67 -16.63 -5.77
C GLU A 64 43.01 -16.09 -4.39
N ASN A 65 43.89 -16.77 -3.64
CA ASN A 65 44.25 -16.29 -2.31
C ASN A 65 45.39 -15.27 -2.35
N SER A 66 45.94 -14.99 -3.53
CA SER A 66 47.00 -13.98 -3.62
C SER A 66 46.44 -12.63 -3.17
N THR A 67 47.29 -11.77 -2.62
CA THR A 67 46.81 -10.49 -2.12
C THR A 67 47.10 -9.35 -3.09
N ALA A 68 47.60 -9.66 -4.29
CA ALA A 68 47.91 -8.66 -5.30
C ALA A 68 46.72 -7.72 -5.49
N THR A 69 46.99 -6.42 -5.65
CA THR A 69 45.92 -5.48 -5.94
C THR A 69 45.78 -5.30 -7.46
N ILE A 70 44.54 -5.00 -7.87
CA ILE A 70 44.20 -4.80 -9.26
C ILE A 70 44.16 -3.29 -9.48
N PRO A 71 44.95 -2.70 -10.41
CA PRO A 71 44.90 -1.26 -10.62
C PRO A 71 43.63 -0.85 -11.38
N THR A 72 43.32 0.43 -11.28
CA THR A 72 42.19 1.04 -11.95
C THR A 72 42.65 2.43 -12.38
N GLU A 73 42.09 2.97 -13.48
CA GLU A 73 42.35 4.35 -13.80
CA GLU A 73 42.33 4.36 -13.84
C GLU A 73 41.31 5.19 -13.07
N THR A 74 41.79 6.03 -12.15
CA THR A 74 40.88 6.81 -11.31
C THR A 74 40.65 8.23 -11.84
N ILE A 75 41.52 8.70 -12.76
CA ILE A 75 41.50 10.07 -13.24
C ILE A 75 40.51 10.18 -14.40
N SER A 76 39.72 11.26 -14.41
CA SER A 76 38.84 11.65 -15.50
C SER A 76 39.00 13.14 -15.75
N TYR A 77 39.07 13.54 -17.04
CA TYR A 77 39.07 14.95 -17.41
C TYR A 77 37.67 15.49 -17.68
N ASN A 78 36.68 14.59 -17.76
CA ASN A 78 35.28 15.01 -17.81
C ASN A 78 34.99 15.84 -19.06
N GLY A 79 35.85 15.77 -20.06
CA GLY A 79 35.59 16.39 -21.35
C GLY A 79 36.41 17.66 -21.58
N SER A 80 37.01 18.17 -20.50
CA SER A 80 37.63 19.49 -20.49
C SER A 80 38.72 19.65 -21.55
N THR A 81 39.29 18.55 -22.07
CA THR A 81 40.39 18.68 -23.03
C THR A 81 39.93 18.57 -24.48
N VAL A 82 38.62 18.42 -24.76
CA VAL A 82 38.18 18.19 -26.13
C VAL A 82 37.05 19.14 -26.52
N LYS A 83 36.79 19.21 -27.83
CA LYS A 83 35.60 19.89 -28.35
C LYS A 83 34.62 18.87 -28.92
N ILE A 84 33.37 19.30 -29.10
CA ILE A 84 32.33 18.46 -29.65
C ILE A 84 31.40 19.33 -30.49
N GLY A 85 30.98 18.83 -31.64
CA GLY A 85 30.16 19.60 -32.56
C GLY A 85 28.67 19.32 -32.39
N ILE A 86 27.85 20.32 -32.73
CA ILE A 86 26.40 20.15 -32.81
C ILE A 86 25.86 21.13 -33.85
N LEU A 87 25.05 20.59 -34.78
CA LEU A 87 24.29 21.38 -35.74
C LEU A 87 22.83 21.22 -35.36
N ASP A 88 22.15 22.33 -35.04
CA ASP A 88 20.76 22.27 -34.63
C ASP A 88 20.06 23.58 -35.00
N SER A 89 18.84 23.75 -34.46
CA SER A 89 17.90 24.81 -34.85
C SER A 89 18.54 26.20 -34.76
N ASP A 90 18.85 26.68 -33.54
CA ASP A 90 19.40 28.02 -33.43
C ASP A 90 20.23 28.22 -32.15
N PHE A 91 21.38 28.89 -32.31
CA PHE A 91 22.22 29.31 -31.19
C PHE A 91 22.68 30.76 -31.39
N THR A 92 21.86 31.61 -32.04
CA THR A 92 22.33 32.93 -32.46
C THR A 92 21.69 34.05 -31.64
N ASP A 93 20.61 33.74 -30.92
CA ASP A 93 19.95 34.74 -30.10
C ASP A 93 20.93 35.28 -29.07
N PRO A 94 21.20 36.61 -29.06
CA PRO A 94 22.21 37.20 -28.18
C PRO A 94 22.01 36.96 -26.69
N VAL A 95 20.74 36.84 -26.25
CA VAL A 95 20.43 36.55 -24.85
C VAL A 95 20.82 35.11 -24.53
N ARG A 96 20.42 34.19 -25.43
CA ARG A 96 20.68 32.76 -25.27
C ARG A 96 22.19 32.52 -25.22
N LYS A 97 22.92 33.15 -26.15
CA LYS A 97 24.36 33.01 -26.25
C LYS A 97 25.02 33.37 -24.92
N ALA A 98 24.54 34.45 -24.28
CA ALA A 98 25.15 34.91 -23.05
C ALA A 98 24.85 33.91 -21.94
N GLN A 99 23.63 33.38 -21.92
CA GLN A 99 23.25 32.36 -20.98
CA GLN A 99 23.25 32.36 -20.98
C GLN A 99 24.12 31.12 -21.19
N LEU A 100 24.24 30.68 -22.45
CA LEU A 100 24.98 29.44 -22.74
C LEU A 100 26.47 29.61 -22.44
N SER A 101 27.02 30.79 -22.76
CA SER A 101 28.42 31.11 -22.49
C SER A 101 28.74 31.02 -21.01
N ALA A 102 27.79 31.46 -20.17
CA ALA A 102 27.98 31.44 -18.73
C ALA A 102 27.84 30.02 -18.23
N ARG A 103 26.89 29.27 -18.81
CA ARG A 103 26.56 27.93 -18.33
C ARG A 103 27.62 26.92 -18.76
N TYR A 104 28.19 27.10 -19.95
CA TYR A 104 29.12 26.14 -20.52
C TYR A 104 30.41 26.84 -20.94
N PRO A 105 31.37 27.06 -20.03
CA PRO A 105 32.59 27.82 -20.35
C PRO A 105 33.34 27.21 -21.53
N GLY A 106 33.63 28.06 -22.53
CA GLY A 106 34.44 27.68 -23.67
C GLY A 106 33.59 27.30 -24.90
N ILE A 107 32.26 27.39 -24.77
CA ILE A 107 31.37 27.12 -25.90
C ILE A 107 31.69 28.12 -27.04
N GLU A 108 31.67 27.65 -28.29
CA GLU A 108 31.89 28.49 -29.45
C GLU A 108 30.65 28.43 -30.33
N PHE A 109 30.27 29.58 -30.90
CA PHE A 109 29.12 29.65 -31.78
C PHE A 109 29.59 29.92 -33.20
N ILE A 110 29.05 29.13 -34.15
CA ILE A 110 29.36 29.34 -35.56
C ILE A 110 28.33 30.31 -36.12
N PRO A 111 28.75 31.45 -36.72
CA PRO A 111 27.80 32.37 -37.37
C PRO A 111 27.16 31.63 -38.54
N ARG A 112 25.85 31.85 -38.74
CA ARG A 112 25.11 31.28 -39.85
C ARG A 112 25.80 31.58 -41.17
N VAL A 113 25.70 30.64 -42.13
CA VAL A 113 26.40 30.74 -43.39
C VAL A 113 25.47 31.31 -44.46
N ASN A 114 24.20 31.55 -44.11
CA ASN A 114 23.18 31.97 -45.04
C ASN A 114 22.15 32.81 -44.29
N SER A 115 20.98 33.08 -44.90
CA SER A 115 20.03 34.02 -44.33
CA SER A 115 20.03 34.02 -44.33
C SER A 115 18.93 33.33 -43.53
N ASP A 116 19.05 32.00 -43.31
CA ASP A 116 18.04 31.27 -42.58
C ASP A 116 17.90 31.79 -41.16
N THR A 117 16.69 31.66 -40.58
CA THR A 117 16.45 32.06 -39.20
CA THR A 117 16.47 32.05 -39.19
C THR A 117 15.57 31.02 -38.51
N SER A 118 15.68 30.93 -37.19
CA SER A 118 14.89 29.98 -36.42
C SER A 118 14.73 30.52 -35.02
N THR A 119 13.58 30.24 -34.40
CA THR A 119 13.34 30.63 -33.03
C THR A 119 13.10 29.38 -32.17
N SER A 120 13.28 28.21 -32.77
CA SER A 120 13.09 26.94 -32.07
C SER A 120 14.18 26.74 -31.01
N SER A 121 13.75 26.37 -29.79
CA SER A 121 14.69 26.08 -28.72
C SER A 121 15.14 24.62 -28.75
N HIS A 122 14.87 23.90 -29.86
CA HIS A 122 15.21 22.50 -30.00
C HIS A 122 16.70 22.29 -29.77
N GLY A 123 17.51 23.12 -30.47
CA GLY A 123 18.96 23.14 -30.36
C GLY A 123 19.44 23.24 -28.91
N VAL A 124 18.88 24.20 -28.17
CA VAL A 124 19.27 24.41 -26.79
C VAL A 124 18.93 23.18 -25.95
N GLN A 125 17.76 22.60 -26.19
CA GLN A 125 17.31 21.43 -25.42
C GLN A 125 18.22 20.23 -25.67
N VAL A 126 18.67 20.07 -26.93
CA VAL A 126 19.57 18.99 -27.30
C VAL A 126 20.94 19.24 -26.65
N LEU A 127 21.43 20.48 -26.76
CA LEU A 127 22.70 20.91 -26.18
C LEU A 127 22.74 20.64 -24.68
N GLU A 128 21.61 20.88 -24.00
CA GLU A 128 21.54 20.70 -22.57
C GLU A 128 21.83 19.25 -22.22
N VAL A 129 21.22 18.34 -22.99
CA VAL A 129 21.43 16.92 -22.74
C VAL A 129 22.89 16.57 -23.03
N MET A 130 23.42 17.11 -24.13
CA MET A 130 24.78 16.81 -24.55
C MET A 130 25.78 17.21 -23.45
N MET A 131 25.50 18.33 -22.76
CA MET A 131 26.43 18.86 -21.76
C MET A 131 26.19 18.23 -20.39
N ASP A 132 25.22 17.30 -20.28
CA ASP A 132 24.89 16.69 -19.00
C ASP A 132 24.50 17.79 -17.99
N THR A 133 23.49 18.59 -18.34
CA THR A 133 23.07 19.75 -17.59
C THR A 133 22.22 19.34 -16.38
N LEU A 134 22.49 19.99 -15.23
CA LEU A 134 21.70 19.82 -14.02
C LEU A 134 20.31 20.41 -14.25
N GLU A 135 19.30 19.88 -13.52
CA GLU A 135 17.93 20.38 -13.62
C GLU A 135 17.86 21.89 -13.35
N ASP A 136 18.70 22.40 -12.43
CA ASP A 136 18.65 23.81 -12.07
C ASP A 136 19.37 24.68 -13.10
N ARG A 137 19.96 24.07 -14.14
CA ARG A 137 20.58 24.79 -15.25
C ARG A 137 21.77 25.67 -14.81
N THR A 138 22.39 25.35 -13.67
CA THR A 138 23.54 26.13 -13.23
C THR A 138 24.78 25.84 -14.07
N LYS A 139 24.99 24.55 -14.42
CA LYS A 139 26.16 24.10 -15.18
C LYS A 139 25.86 22.75 -15.86
N GLY A 140 26.85 22.25 -16.62
CA GLY A 140 26.85 20.89 -17.12
C GLY A 140 27.94 20.07 -16.46
N LYS A 141 27.70 18.77 -16.27
CA LYS A 141 28.68 17.91 -15.64
C LYS A 141 29.81 17.63 -16.63
N ALA A 142 29.50 17.67 -17.93
CA ALA A 142 30.51 17.48 -18.97
C ALA A 142 31.16 18.82 -19.27
N LYS A 143 32.48 18.82 -19.44
CA LYS A 143 33.22 20.08 -19.53
C LYS A 143 33.84 20.24 -20.92
N PHE A 144 33.41 19.46 -21.92
CA PHE A 144 33.94 19.68 -23.27
C PHE A 144 33.43 21.01 -23.82
N LYS A 145 34.14 21.54 -24.84
CA LYS A 145 33.76 22.80 -25.45
C LYS A 145 32.90 22.53 -26.69
N ALA A 146 31.61 22.86 -26.61
CA ALA A 146 30.69 22.66 -27.73
C ALA A 146 30.99 23.67 -28.84
N ILE A 147 30.96 23.15 -30.09
CA ILE A 147 30.99 23.97 -31.29
C ILE A 147 29.59 23.95 -31.85
N ALA A 148 28.83 25.02 -31.57
CA ALA A 148 27.39 25.05 -31.79
C ALA A 148 27.05 25.83 -33.07
N ALA A 149 26.53 25.11 -34.08
CA ALA A 149 26.18 25.67 -35.37
C ALA A 149 24.66 25.66 -35.56
N SER A 150 24.16 26.63 -36.34
CA SER A 150 22.73 26.91 -36.47
C SER A 150 22.30 26.64 -37.92
N ILE A 151 21.34 25.73 -38.11
CA ILE A 151 20.86 25.39 -39.44
C ILE A 151 19.32 25.39 -39.47
N GLY A 152 18.68 25.77 -38.36
CA GLY A 152 17.24 25.91 -38.36
C GLY A 152 16.77 26.96 -39.37
N ASN A 153 15.59 26.74 -39.96
CA ASN A 153 15.07 27.68 -40.93
C ASN A 153 13.56 27.83 -40.77
N GLY A 154 13.05 27.59 -39.55
CA GLY A 154 11.62 27.66 -39.29
C GLY A 154 11.11 29.07 -39.04
N GLY A 155 11.97 30.09 -39.17
CA GLY A 155 11.61 31.49 -38.99
C GLY A 155 11.03 31.80 -37.61
N ALA A 156 10.03 32.70 -37.59
CA ALA A 156 9.47 33.28 -36.38
C ALA A 156 8.61 32.26 -35.59
N SER A 157 8.18 31.18 -36.24
CA SER A 157 7.42 30.15 -35.53
C SER A 157 8.38 29.31 -34.69
N GLU A 158 8.13 29.29 -33.37
CA GLU A 158 9.02 28.60 -32.43
C GLU A 158 8.71 27.12 -32.35
N THR A 159 7.55 26.69 -32.90
CA THR A 159 7.17 25.28 -32.88
C THR A 159 7.68 24.60 -34.15
N ASN A 160 8.20 25.41 -35.09
CA ASN A 160 8.74 24.94 -36.35
C ASN A 160 10.23 24.56 -36.19
N LYS A 161 10.54 23.26 -36.27
CA LYS A 161 11.86 22.73 -35.98
C LYS A 161 12.64 22.41 -37.25
N SER A 162 12.10 22.80 -38.41
CA SER A 162 12.70 22.56 -39.72
C SER A 162 14.16 23.02 -39.77
N VAL A 163 14.99 22.32 -40.56
CA VAL A 163 16.42 22.61 -40.64
C VAL A 163 16.88 22.52 -42.09
N ASN A 164 18.01 23.17 -42.37
CA ASN A 164 18.60 23.24 -43.70
C ASN A 164 20.10 22.96 -43.59
N PRO A 165 20.53 21.68 -43.45
CA PRO A 165 21.95 21.39 -43.27
C PRO A 165 22.71 21.68 -44.56
N ASN A 166 24.00 21.96 -44.46
CA ASN A 166 24.84 22.14 -45.63
C ASN A 166 26.29 21.92 -45.24
N VAL A 167 27.11 21.62 -46.25
CA VAL A 167 28.52 21.34 -46.08
C VAL A 167 29.23 22.61 -45.59
N LYS A 168 28.78 23.78 -46.07
CA LYS A 168 29.34 25.05 -45.65
C LYS A 168 29.37 25.18 -44.13
N THR A 169 28.26 24.85 -43.46
CA THR A 169 28.22 24.87 -42.00
C THR A 169 29.19 23.85 -41.41
N TYR A 170 29.21 22.64 -41.96
CA TYR A 170 30.06 21.58 -41.43
C TYR A 170 31.52 22.02 -41.49
N GLU A 171 31.92 22.65 -42.60
CA GLU A 171 33.30 23.07 -42.79
C GLU A 171 33.69 24.05 -41.68
N LYS A 172 32.76 24.94 -41.33
CA LYS A 172 33.02 25.94 -40.30
C LYS A 172 33.17 25.26 -38.94
N VAL A 173 32.34 24.22 -38.68
CA VAL A 173 32.41 23.49 -37.43
C VAL A 173 33.78 22.82 -37.30
N PHE A 174 34.22 22.14 -38.37
CA PHE A 174 35.44 21.33 -38.33
C PHE A 174 36.69 22.17 -38.20
N GLU A 175 36.61 23.44 -38.61
CA GLU A 175 37.73 24.36 -38.47
C GLU A 175 38.06 24.60 -37.00
N ARG A 176 37.06 24.49 -36.11
CA ARG A 176 37.26 24.79 -34.69
C ARG A 176 37.93 23.63 -33.95
N PHE A 177 37.91 22.42 -34.51
CA PHE A 177 38.55 21.31 -33.82
C PHE A 177 40.06 21.46 -33.90
N ASN A 178 40.74 21.12 -32.81
CA ASN A 178 42.19 21.05 -32.84
C ASN A 178 42.62 19.92 -33.76
N PHE A 179 43.69 20.15 -34.54
CA PHE A 179 44.19 19.17 -35.48
C PHE A 179 44.58 17.89 -34.73
N ASN A 180 45.03 18.05 -33.48
CA ASN A 180 45.55 16.95 -32.69
C ASN A 180 44.43 16.14 -32.03
N GLN A 181 43.17 16.58 -32.14
CA GLN A 181 42.08 15.80 -31.59
C GLN A 181 41.72 14.70 -32.59
N LYS A 182 42.11 13.47 -32.25
CA LYS A 182 42.07 12.35 -33.19
C LYS A 182 40.63 12.04 -33.62
N VAL A 183 39.68 11.95 -32.66
CA VAL A 183 38.29 11.67 -32.96
C VAL A 183 37.48 12.95 -32.75
N LYS A 184 36.68 13.32 -33.74
CA LYS A 184 35.93 14.57 -33.68
C LYS A 184 34.43 14.26 -33.76
N VAL A 185 33.74 14.31 -32.61
CA VAL A 185 32.34 13.90 -32.50
C VAL A 185 31.42 15.07 -32.89
N VAL A 186 30.42 14.78 -33.74
CA VAL A 186 29.43 15.77 -34.14
C VAL A 186 28.03 15.19 -33.95
N ASN A 187 27.17 15.94 -33.24
CA ASN A 187 25.79 15.52 -32.95
C ASN A 187 24.81 16.07 -33.97
N GLN A 188 23.89 15.22 -34.45
CA GLN A 188 22.83 15.62 -35.37
C GLN A 188 21.46 15.10 -34.89
N SER A 189 20.74 15.92 -34.12
CA SER A 189 19.41 15.59 -33.64
C SER A 189 18.36 16.12 -34.63
N PHE A 190 18.53 15.75 -35.90
CA PHE A 190 17.58 16.08 -36.96
C PHE A 190 17.71 15.00 -38.02
N GLY A 191 16.72 14.92 -38.90
CA GLY A 191 16.80 14.04 -40.06
C GLY A 191 15.48 13.91 -40.80
N ALA A 192 15.54 13.23 -41.95
CA ALA A 192 14.43 13.08 -42.87
C ALA A 192 13.31 12.21 -42.28
N ASP A 193 12.10 12.45 -42.77
CA ASP A 193 10.91 11.70 -42.42
C ASP A 193 10.78 10.50 -43.38
N ILE A 194 11.88 9.77 -43.62
CA ILE A 194 11.87 8.62 -44.50
C ILE A 194 12.96 7.66 -44.05
N THR A 195 12.66 6.35 -44.04
CA THR A 195 13.65 5.37 -43.64
C THR A 195 14.71 5.26 -44.73
N ILE A 196 15.90 4.77 -44.35
CA ILE A 196 17.00 4.61 -45.30
C ILE A 196 16.59 3.69 -46.46
N GLU A 197 15.93 2.56 -46.16
CA GLU A 197 15.62 1.61 -47.22
C GLU A 197 14.55 2.15 -48.17
N GLU A 198 13.72 3.09 -47.70
CA GLU A 198 12.67 3.67 -48.54
CA GLU A 198 12.68 3.67 -48.53
C GLU A 198 13.19 4.92 -49.24
N ALA A 199 14.38 5.41 -48.87
CA ALA A 199 14.87 6.65 -49.46
C ALA A 199 15.01 6.43 -50.95
N PRO A 200 14.53 7.37 -51.80
CA PRO A 200 14.64 7.20 -53.25
C PRO A 200 16.05 7.46 -53.80
N TYR A 201 17.03 6.65 -53.36
CA TYR A 201 18.40 6.78 -53.83
C TYR A 201 19.01 5.39 -53.94
N THR A 202 20.10 5.27 -54.69
CA THR A 202 20.81 4.02 -54.82
C THR A 202 22.28 4.27 -54.50
N LYS A 203 23.04 3.20 -54.36
CA LYS A 203 24.47 3.31 -54.10
C LYS A 203 25.14 4.02 -55.29
N ASN A 204 24.51 3.98 -56.47
CA ASN A 204 25.13 4.50 -57.68
C ASN A 204 24.86 6.00 -57.83
N ASN A 205 23.80 6.51 -57.20
CA ASN A 205 23.46 7.91 -57.39
C ASN A 205 23.52 8.76 -56.10
N ILE A 206 23.79 8.14 -54.95
CA ILE A 206 23.68 8.86 -53.68
C ILE A 206 24.66 10.03 -53.65
N ARG A 207 25.84 9.83 -54.27
CA ARG A 207 26.89 10.83 -54.29
C ARG A 207 26.65 11.91 -55.35
N ASN A 208 25.44 11.97 -55.92
CA ASN A 208 25.15 13.00 -56.90
C ASN A 208 24.42 14.16 -56.25
N TYR A 209 23.98 13.97 -55.00
CA TYR A 209 23.12 14.95 -54.35
C TYR A 209 23.90 15.96 -53.52
N VAL A 210 23.52 17.22 -53.69
CA VAL A 210 24.12 18.37 -53.01
CA VAL A 210 24.12 18.37 -53.01
C VAL A 210 23.03 19.07 -52.21
N TRP A 211 23.33 19.44 -50.96
CA TRP A 211 22.41 20.29 -50.23
C TRP A 211 22.39 21.70 -50.85
N ALA A 212 21.31 22.44 -50.63
CA ALA A 212 21.13 23.77 -51.20
C ALA A 212 22.33 24.67 -50.89
N GLY A 213 22.96 25.17 -51.95
CA GLY A 213 24.03 26.14 -51.78
C GLY A 213 25.40 25.51 -51.88
N ASP A 214 25.47 24.18 -51.72
CA ASP A 214 26.76 23.51 -51.70
C ASP A 214 27.21 23.19 -53.11
N SER A 215 28.52 23.02 -53.29
CA SER A 215 29.01 22.42 -54.54
C SER A 215 29.51 21.00 -54.30
N LYS A 216 29.76 20.62 -53.04
CA LYS A 216 30.22 19.27 -52.76
C LYS A 216 29.02 18.42 -52.34
N PRO A 217 28.80 17.23 -52.96
CA PRO A 217 27.75 16.32 -52.50
C PRO A 217 28.01 15.92 -51.04
N PHE A 218 26.96 15.89 -50.23
CA PHE A 218 27.12 15.65 -48.80
C PHE A 218 27.74 14.28 -48.52
N ALA A 219 27.35 13.25 -49.30
CA ALA A 219 27.87 11.91 -49.07
C ALA A 219 29.39 11.90 -49.26
N THR A 220 29.87 12.63 -50.27
CA THR A 220 31.30 12.70 -50.56
C THR A 220 32.00 13.42 -49.41
N TYR A 221 31.38 14.51 -48.93
CA TYR A 221 31.93 15.27 -47.83
C TYR A 221 32.09 14.36 -46.61
N PHE A 222 31.01 13.66 -46.24
CA PHE A 222 31.03 12.82 -45.05
C PHE A 222 32.09 11.73 -45.18
N GLU A 223 32.29 11.17 -46.40
CA GLU A 223 33.33 10.18 -46.64
C GLU A 223 34.70 10.76 -46.31
N GLU A 224 34.95 12.00 -46.75
CA GLU A 224 36.23 12.65 -46.49
C GLU A 224 36.46 12.81 -44.98
N LYS A 225 35.42 13.25 -44.27
CA LYS A 225 35.53 13.53 -42.85
C LYS A 225 35.80 12.24 -42.07
N VAL A 226 35.04 11.18 -42.41
CA VAL A 226 35.15 9.90 -41.74
C VAL A 226 36.50 9.26 -42.05
N ASN A 227 36.92 9.26 -43.33
CA ASN A 227 38.13 8.58 -43.74
C ASN A 227 39.41 9.37 -43.44
N ASN A 228 39.35 10.71 -43.43
CA ASN A 228 40.60 11.43 -43.28
C ASN A 228 40.69 12.20 -41.96
N ASP A 229 39.57 12.55 -41.32
CA ASP A 229 39.64 13.57 -40.28
C ASP A 229 39.14 13.08 -38.91
N GLY A 230 38.92 11.76 -38.79
CA GLY A 230 38.46 11.18 -37.53
C GLY A 230 37.04 11.64 -37.16
N GLY A 231 36.25 12.06 -38.16
CA GLY A 231 34.86 12.46 -37.92
C GLY A 231 34.04 11.27 -37.39
N LEU A 232 33.24 11.53 -36.34
CA LEU A 232 32.31 10.54 -35.81
C LEU A 232 30.95 11.21 -35.73
N PHE A 233 30.04 10.81 -36.63
CA PHE A 233 28.75 11.47 -36.82
C PHE A 233 27.65 10.68 -36.12
N VAL A 234 27.02 11.33 -35.12
CA VAL A 234 25.95 10.73 -34.33
C VAL A 234 24.61 11.33 -34.78
N TRP A 235 23.65 10.47 -35.15
CA TRP A 235 22.37 10.88 -35.70
C TRP A 235 21.23 10.29 -34.89
N ALA A 236 20.21 11.11 -34.60
CA ALA A 236 18.97 10.58 -34.03
C ALA A 236 18.35 9.59 -35.03
N ALA A 237 17.97 8.40 -34.56
CA ALA A 237 17.50 7.35 -35.47
C ALA A 237 16.16 7.74 -36.11
N GLY A 238 15.33 8.53 -35.40
CA GLY A 238 14.01 8.87 -35.91
C GLY A 238 12.92 8.70 -34.85
N ASN A 239 11.80 9.38 -35.06
CA ASN A 239 10.67 9.34 -34.15
C ASN A 239 9.53 8.55 -34.80
N ARG A 240 8.56 9.26 -35.38
CA ARG A 240 7.42 8.69 -36.08
C ARG A 240 7.50 9.05 -37.56
N LYS A 241 6.71 8.33 -38.36
CA LYS A 241 6.62 8.62 -39.79
C LYS A 241 5.35 9.43 -40.04
N GLY A 242 5.52 10.65 -40.57
CA GLY A 242 4.41 11.50 -40.98
C GLY A 242 3.61 12.08 -39.82
N ALA A 243 4.25 12.33 -38.68
CA ALA A 243 3.60 12.98 -37.56
C ALA A 243 3.39 14.46 -37.88
N THR A 244 2.34 15.04 -37.29
CA THR A 244 2.10 16.47 -37.34
C THR A 244 1.79 16.90 -35.92
N GLU A 245 1.46 18.19 -35.76
CA GLU A 245 1.12 18.75 -34.46
C GLU A 245 -0.12 18.07 -33.89
N THR A 246 -0.98 17.51 -34.75
CA THR A 246 -2.23 16.92 -34.26
C THR A 246 -2.28 15.41 -34.51
N ASN A 247 -1.38 14.88 -35.37
CA ASN A 247 -1.41 13.47 -35.72
C ASN A 247 -0.11 12.80 -35.30
N PRO A 248 -0.12 11.73 -34.47
CA PRO A 248 1.11 11.07 -34.05
C PRO A 248 1.81 10.22 -35.11
N GLY A 249 1.27 10.21 -36.34
CA GLY A 249 1.90 9.56 -37.49
C GLY A 249 1.99 8.03 -37.33
N GLN A 250 2.76 7.37 -38.19
CA GLN A 250 2.87 5.92 -38.15
C GLN A 250 4.22 5.46 -37.57
N ASP A 251 4.27 4.15 -37.26
CA ASP A 251 5.47 3.47 -36.82
C ASP A 251 6.59 3.65 -37.84
N MET A 252 7.79 3.99 -37.36
CA MET A 252 8.97 4.07 -38.23
C MET A 252 9.86 2.87 -37.90
N ASP A 253 9.91 1.88 -38.80
CA ASP A 253 10.46 0.57 -38.42
C ASP A 253 11.92 0.40 -38.85
N SER A 254 12.58 1.51 -39.22
CA SER A 254 14.01 1.53 -39.53
C SER A 254 14.51 2.97 -39.35
N VAL A 255 15.83 3.18 -39.37
CA VAL A 255 16.37 4.52 -39.10
C VAL A 255 16.10 5.44 -40.29
N GLY A 256 16.16 6.75 -40.02
CA GLY A 256 16.02 7.78 -41.05
C GLY A 256 17.15 7.72 -42.05
N MET A 257 16.93 8.38 -43.20
CA MET A 257 17.87 8.34 -44.30
C MET A 257 19.30 8.71 -43.90
N GLU A 258 19.48 9.86 -43.23
CA GLU A 258 20.83 10.31 -42.90
C GLU A 258 21.44 9.38 -41.85
N ALA A 259 20.63 9.03 -40.83
CA ALA A 259 21.05 8.10 -39.80
C ALA A 259 21.50 6.78 -40.41
N GLY A 260 20.92 6.41 -41.57
CA GLY A 260 21.19 5.13 -42.21
C GLY A 260 22.11 5.22 -43.39
N LEU A 261 22.75 6.37 -43.61
CA LEU A 261 23.52 6.60 -44.82
C LEU A 261 24.55 5.51 -45.15
N PRO A 262 25.22 4.85 -44.16
CA PRO A 262 26.19 3.79 -44.49
C PRO A 262 25.63 2.68 -45.40
N TYR A 263 24.30 2.46 -45.35
CA TYR A 263 23.59 1.50 -46.18
C TYR A 263 23.88 1.81 -47.65
N LEU A 264 24.02 3.09 -48.00
CA LEU A 264 24.23 3.50 -49.38
C LEU A 264 25.71 3.82 -49.61
N VAL A 265 26.44 4.21 -48.55
CA VAL A 265 27.85 4.56 -48.65
C VAL A 265 28.59 3.82 -47.54
N ASN A 266 29.08 2.61 -47.84
CA ASN A 266 29.54 1.67 -46.83
C ASN A 266 30.71 2.22 -46.01
N ASP A 267 31.57 3.03 -46.63
CA ASP A 267 32.76 3.47 -45.93
C ASP A 267 32.48 4.55 -44.87
N LEU A 268 31.20 4.95 -44.74
CA LEU A 268 30.76 5.87 -43.68
C LEU A 268 30.56 5.13 -42.36
N GLU A 269 30.30 3.82 -42.42
CA GLU A 269 29.89 3.07 -41.23
C GLU A 269 30.89 3.30 -40.08
N LYS A 270 32.20 3.26 -40.38
CA LYS A 270 33.21 3.30 -39.32
C LYS A 270 33.16 4.62 -38.54
N GLY A 271 32.50 5.64 -39.08
CA GLY A 271 32.36 6.91 -38.39
C GLY A 271 30.92 7.34 -38.21
N TRP A 272 30.00 6.37 -38.05
CA TRP A 272 28.56 6.65 -38.00
C TRP A 272 27.90 5.93 -36.82
N ILE A 273 27.00 6.63 -36.13
CA ILE A 273 26.16 5.99 -35.13
C ILE A 273 24.75 6.56 -35.30
N ALA A 274 23.77 5.66 -35.38
CA ALA A 274 22.35 6.02 -35.32
C ALA A 274 21.87 5.74 -33.90
N VAL A 275 21.02 6.64 -33.36
CA VAL A 275 20.64 6.50 -31.96
C VAL A 275 19.13 6.36 -31.77
N VAL A 276 18.71 5.18 -31.31
CA VAL A 276 17.33 4.87 -31.02
C VAL A 276 17.00 5.45 -29.64
N GLY A 277 15.86 6.15 -29.53
CA GLY A 277 15.40 6.67 -28.25
C GLY A 277 14.54 5.66 -27.49
N ILE A 278 14.89 5.38 -26.23
CA ILE A 278 14.11 4.45 -25.42
C ILE A 278 14.03 4.98 -23.98
N GLN A 279 13.30 4.28 -23.11
CA GLN A 279 13.08 4.70 -21.73
C GLN A 279 13.97 3.88 -20.81
N PRO A 280 14.74 4.51 -19.89
CA PRO A 280 15.47 3.77 -18.86
C PRO A 280 14.50 2.95 -18.01
N LYS A 281 13.32 3.50 -17.79
CA LYS A 281 12.29 2.93 -16.95
C LYS A 281 10.94 3.20 -17.63
N GLU A 282 10.13 2.15 -17.81
CA GLU A 282 8.83 2.20 -18.45
C GLU A 282 7.95 3.27 -17.81
N THR A 283 7.33 4.14 -18.62
CA THR A 283 6.47 5.22 -18.12
C THR A 283 5.05 5.10 -18.69
N VAL A 284 4.12 5.88 -18.12
CA VAL A 284 2.73 5.96 -18.55
CA VAL A 284 2.73 5.96 -18.55
C VAL A 284 2.36 7.44 -18.68
N ARG A 285 1.61 7.78 -19.74
CA ARG A 285 1.29 9.18 -20.03
C ARG A 285 0.23 9.68 -19.05
N VAL A 286 0.50 10.81 -18.41
CA VAL A 286 -0.32 11.27 -17.28
C VAL A 286 -0.68 12.76 -17.44
N GLY A 287 -0.41 13.34 -18.62
CA GLY A 287 -0.80 14.71 -18.92
C GLY A 287 -0.02 15.31 -20.10
N THR A 288 -0.41 16.54 -20.46
CA THR A 288 0.23 17.35 -21.48
C THR A 288 0.31 18.77 -20.97
N ALA A 289 1.52 19.35 -20.99
CA ALA A 289 1.73 20.72 -20.53
C ALA A 289 1.07 21.70 -21.50
N PRO A 290 0.78 22.96 -21.08
CA PRO A 290 0.28 23.98 -22.02
C PRO A 290 1.04 24.05 -23.35
N ASP A 291 2.34 23.72 -23.35
CA ASP A 291 3.23 23.81 -24.49
C ASP A 291 2.96 22.72 -25.53
N GLY A 292 2.38 21.61 -25.08
CA GLY A 292 2.30 20.40 -25.88
C GLY A 292 3.30 19.32 -25.41
N THR A 293 4.18 19.68 -24.45
CA THR A 293 5.19 18.83 -23.85
C THR A 293 4.54 17.71 -23.05
N PRO A 294 4.98 16.43 -23.16
CA PRO A 294 4.43 15.34 -22.34
C PRO A 294 4.72 15.45 -20.85
N ILE A 295 3.77 14.94 -20.03
CA ILE A 295 3.93 14.68 -18.61
C ILE A 295 3.66 13.18 -18.41
N VAL A 296 4.63 12.45 -17.84
CA VAL A 296 4.53 10.99 -17.71
C VAL A 296 4.84 10.60 -16.26
N ASN A 297 4.35 9.43 -15.85
CA ASN A 297 4.76 8.84 -14.59
C ASN A 297 5.49 7.52 -14.83
N ILE A 298 6.44 7.24 -13.94
CA ILE A 298 7.08 5.94 -13.83
C ILE A 298 5.99 4.87 -13.62
N LYS A 299 5.91 3.90 -14.53
CA LYS A 299 4.96 2.80 -14.38
C LYS A 299 5.40 1.94 -13.20
N PRO A 300 4.46 1.58 -12.29
CA PRO A 300 4.81 0.78 -11.12
C PRO A 300 5.32 -0.57 -11.63
N ASN A 301 6.48 -0.99 -11.13
CA ASN A 301 7.05 -2.27 -11.54
C ASN A 301 7.33 -2.27 -13.05
N GLY A 302 7.57 -1.10 -13.66
CA GLY A 302 7.85 -1.03 -15.09
C GLY A 302 9.20 -1.68 -15.46
N LYS A 303 9.30 -2.15 -16.71
CA LYS A 303 10.51 -2.75 -17.24
C LYS A 303 11.56 -1.67 -17.51
N LEU A 304 12.82 -2.09 -17.60
CA LEU A 304 13.93 -1.19 -17.82
C LEU A 304 14.36 -1.26 -19.29
N ASN A 305 14.82 -0.12 -19.84
CA ASN A 305 15.46 -0.05 -21.14
C ASN A 305 14.51 -0.57 -22.23
N ILE A 306 13.42 0.17 -22.47
CA ILE A 306 12.35 -0.35 -23.30
C ILE A 306 11.71 0.78 -24.09
N HIS A 307 11.32 0.45 -25.33
CA HIS A 307 10.56 1.35 -26.21
C HIS A 307 9.24 1.73 -25.56
N ARG A 308 8.62 2.81 -26.06
CA ARG A 308 7.30 3.23 -25.60
C ARG A 308 6.23 2.41 -26.32
N THR A 309 4.97 2.62 -25.94
CA THR A 309 3.88 1.80 -26.43
C THR A 309 2.99 2.59 -27.38
N GLY A 310 2.32 1.87 -28.29
CA GLY A 310 1.35 2.45 -29.21
C GLY A 310 1.98 3.52 -30.09
N THR A 311 1.28 4.65 -30.23
CA THR A 311 1.67 5.70 -31.15
C THR A 311 2.72 6.62 -30.52
N ASP A 312 3.17 6.26 -29.31
CA ASP A 312 4.29 6.92 -28.66
C ASP A 312 5.64 6.29 -29.07
N ARG A 313 5.62 5.12 -29.71
CA ARG A 313 6.84 4.36 -29.96
C ARG A 313 7.72 5.04 -31.02
N LEU A 314 9.02 5.21 -30.71
CA LEU A 314 9.95 5.84 -31.64
C LEU A 314 10.52 4.82 -32.63
N ALA A 315 11.40 5.29 -33.53
CA ALA A 315 11.96 4.46 -34.60
C ALA A 315 12.75 3.26 -34.05
N TYR A 316 12.61 2.14 -34.76
CA TYR A 316 13.48 0.97 -34.64
C TYR A 316 14.70 1.19 -35.53
N ALA A 317 15.79 0.47 -35.23
CA ALA A 317 16.98 0.52 -36.06
C ALA A 317 16.72 -0.19 -37.39
N GLY A 318 15.91 -1.25 -37.34
CA GLY A 318 15.71 -2.05 -38.54
C GLY A 318 16.87 -3.02 -38.78
N ASP A 319 16.74 -3.87 -39.81
CA ASP A 319 17.59 -5.04 -39.92
C ASP A 319 18.92 -4.75 -40.61
N ASN A 320 19.11 -3.52 -41.12
CA ASN A 320 20.40 -3.17 -41.71
C ASN A 320 21.20 -2.28 -40.76
N ALA A 321 20.59 -1.15 -40.37
CA ALA A 321 21.23 -0.09 -39.59
C ALA A 321 21.51 -0.50 -38.15
N LYS A 322 20.93 -1.63 -37.69
CA LYS A 322 21.12 -2.06 -36.30
C LYS A 322 22.61 -2.22 -35.97
N TYR A 323 23.47 -2.52 -36.95
CA TYR A 323 24.90 -2.71 -36.74
C TYR A 323 25.63 -1.42 -36.33
N TRP A 324 25.09 -0.25 -36.71
CA TRP A 324 25.71 1.00 -36.28
C TRP A 324 24.76 1.79 -35.38
N SER A 325 23.81 1.07 -34.75
CA SER A 325 22.81 1.67 -33.88
C SER A 325 23.01 1.29 -32.43
N ILE A 326 22.58 2.22 -31.56
CA ILE A 326 22.59 2.04 -30.13
C ILE A 326 21.38 2.80 -29.59
N SER A 327 20.92 2.40 -28.40
CA SER A 327 19.81 3.06 -27.74
C SER A 327 20.34 3.98 -26.65
N ALA A 328 19.55 5.03 -26.35
CA ALA A 328 19.79 5.89 -25.19
C ALA A 328 18.48 6.49 -24.72
N ASP A 329 18.52 7.09 -23.53
CA ASP A 329 17.40 7.78 -22.90
C ASP A 329 16.85 8.85 -23.83
N ASP A 330 15.52 8.82 -24.08
CA ASP A 330 14.88 9.70 -25.04
C ASP A 330 14.31 10.98 -24.41
N SER A 331 14.67 11.26 -23.15
CA SER A 331 14.09 12.40 -22.44
C SER A 331 15.00 13.64 -22.45
N ALA A 332 14.42 14.82 -22.72
CA ALA A 332 15.11 16.08 -22.53
C ALA A 332 15.32 16.32 -21.03
N ILE A 333 16.09 17.35 -20.66
CA ILE A 333 16.26 17.67 -19.25
C ILE A 333 14.95 18.28 -18.76
N PRO A 334 14.31 17.74 -17.70
CA PRO A 334 12.98 18.20 -17.28
C PRO A 334 13.03 19.61 -16.72
N THR A 335 12.00 20.42 -17.02
CA THR A 335 11.75 21.69 -16.34
C THR A 335 10.37 21.63 -15.69
N ALA A 336 10.35 21.74 -14.36
CA ALA A 336 9.11 21.76 -13.59
C ALA A 336 8.25 20.56 -13.97
N GLY A 337 8.86 19.37 -14.00
CA GLY A 337 8.14 18.11 -14.16
C GLY A 337 7.66 17.81 -15.58
N ARG A 338 7.90 18.73 -16.53
CA ARG A 338 7.64 18.44 -17.93
C ARG A 338 8.97 18.22 -18.68
N ALA A 339 8.97 17.32 -19.67
CA ALA A 339 10.15 17.02 -20.47
C ALA A 339 9.75 16.58 -21.87
N GLY A 340 10.38 17.20 -22.88
CA GLY A 340 10.28 16.70 -24.25
C GLY A 340 10.84 15.29 -24.38
N ILE A 341 10.31 14.54 -25.36
CA ILE A 341 10.60 13.12 -25.57
C ILE A 341 10.97 12.99 -27.04
N GLY A 342 12.02 12.23 -27.34
CA GLY A 342 12.43 12.05 -28.73
C GLY A 342 13.83 11.47 -28.88
N SER A 343 14.09 10.87 -30.04
CA SER A 343 15.44 10.44 -30.36
C SER A 343 16.41 11.62 -30.41
N SER A 344 15.86 12.84 -30.53
CA SER A 344 16.67 14.06 -30.48
C SER A 344 17.44 14.16 -29.17
N TYR A 345 16.93 13.51 -28.11
CA TYR A 345 17.53 13.63 -26.79
C TYR A 345 18.39 12.42 -26.48
N ALA A 346 18.23 11.35 -27.28
CA ALA A 346 19.03 10.15 -27.14
C ALA A 346 20.37 10.36 -27.82
N ALA A 347 20.36 10.97 -29.03
CA ALA A 347 21.60 11.18 -29.78
C ALA A 347 22.66 11.92 -28.95
N PRO A 348 22.33 13.06 -28.28
CA PRO A 348 23.35 13.83 -27.54
C PRO A 348 24.00 13.06 -26.39
N ARG A 349 23.30 12.07 -25.83
CA ARG A 349 23.89 11.24 -24.80
C ARG A 349 24.98 10.36 -25.39
N VAL A 350 24.72 9.85 -26.62
CA VAL A 350 25.69 9.01 -27.29
C VAL A 350 26.87 9.90 -27.73
N SER A 351 26.57 11.09 -28.26
CA SER A 351 27.62 12.02 -28.64
C SER A 351 28.52 12.33 -27.45
N ARG A 352 27.90 12.53 -26.27
CA ARG A 352 28.66 12.87 -25.08
C ARG A 352 29.54 11.68 -24.68
N ALA A 353 28.94 10.48 -24.63
CA ALA A 353 29.70 9.31 -24.21
C ALA A 353 30.87 9.07 -25.17
N ALA A 354 30.62 9.24 -26.47
CA ALA A 354 31.64 9.06 -27.50
C ALA A 354 32.80 10.05 -27.27
N ALA A 355 32.47 11.32 -27.05
CA ALA A 355 33.51 12.34 -26.85
C ALA A 355 34.33 12.05 -25.60
N LEU A 356 33.69 11.57 -24.52
CA LEU A 356 34.39 11.25 -23.28
C LEU A 356 35.30 10.03 -23.44
N VAL A 357 34.80 9.00 -24.14
CA VAL A 357 35.59 7.81 -24.41
C VAL A 357 36.82 8.17 -25.26
N ALA A 358 36.60 9.01 -26.30
CA ALA A 358 37.66 9.42 -27.18
C ALA A 358 38.72 10.20 -26.37
N GLU A 359 38.26 11.05 -25.46
CA GLU A 359 39.17 11.84 -24.62
C GLU A 359 40.05 10.92 -23.78
N LYS A 360 39.45 9.92 -23.12
CA LYS A 360 40.17 9.04 -22.21
C LYS A 360 41.10 8.11 -22.97
N PHE A 361 40.60 7.54 -24.06
CA PHE A 361 41.42 6.68 -24.92
C PHE A 361 41.74 7.44 -26.21
N ASP A 362 42.58 8.46 -26.09
CA ASP A 362 42.79 9.46 -27.15
C ASP A 362 43.60 8.90 -28.31
N TRP A 363 44.15 7.71 -28.15
CA TRP A 363 44.78 6.96 -29.22
C TRP A 363 43.78 6.16 -30.06
N MET A 364 42.52 6.01 -29.61
CA MET A 364 41.55 5.22 -30.38
C MET A 364 41.13 5.95 -31.65
N THR A 365 40.81 5.19 -32.71
CA THR A 365 40.14 5.69 -33.90
C THR A 365 38.67 5.88 -33.58
N ALA A 366 37.94 6.62 -34.44
CA ALA A 366 36.51 6.80 -34.29
C ALA A 366 35.81 5.44 -34.23
N ASP A 367 36.26 4.52 -35.10
CA ASP A 367 35.64 3.20 -35.18
C ASP A 367 35.82 2.44 -33.87
N GLN A 368 36.99 2.60 -33.22
CA GLN A 368 37.26 1.92 -31.95
C GLN A 368 36.39 2.52 -30.83
N VAL A 369 36.10 3.81 -30.91
CA VAL A 369 35.17 4.45 -29.98
C VAL A 369 33.75 3.88 -30.17
N ARG A 370 33.31 3.72 -31.43
CA ARG A 370 31.99 3.14 -31.68
C ARG A 370 31.93 1.73 -31.07
N GLN A 371 32.95 0.92 -31.33
CA GLN A 371 33.00 -0.45 -30.82
C GLN A 371 32.94 -0.43 -29.29
N THR A 372 33.64 0.52 -28.66
CA THR A 372 33.63 0.65 -27.22
C THR A 372 32.21 0.88 -26.71
N LEU A 373 31.48 1.83 -27.32
CA LEU A 373 30.10 2.09 -26.93
C LEU A 373 29.20 0.86 -27.15
N PHE A 374 29.33 0.22 -28.33
CA PHE A 374 28.45 -0.89 -28.70
C PHE A 374 28.66 -2.08 -27.79
N THR A 375 29.90 -2.31 -27.31
CA THR A 375 30.23 -3.54 -26.63
C THR A 375 30.14 -3.40 -25.10
N THR A 376 29.59 -2.28 -24.61
CA THR A 376 29.49 -2.04 -23.17
C THR A 376 28.06 -1.65 -22.75
N THR A 377 27.08 -1.93 -23.61
CA THR A 377 25.70 -1.57 -23.37
C THR A 377 25.06 -2.45 -22.30
N ASP A 378 23.94 -1.96 -21.75
CA ASP A 378 23.04 -2.75 -20.92
C ASP A 378 21.97 -3.41 -21.79
N ASP A 379 21.45 -4.54 -21.31
CA ASP A 379 20.40 -5.27 -22.02
C ASP A 379 19.06 -4.54 -21.89
N THR A 380 18.08 -4.94 -22.71
CA THR A 380 16.83 -4.19 -22.88
C THR A 380 15.61 -4.98 -22.38
N GLU A 381 14.54 -4.27 -21.98
CA GLU A 381 13.28 -4.87 -21.58
C GLU A 381 13.49 -5.77 -20.37
N LEU A 382 14.16 -5.24 -19.35
CA LEU A 382 14.57 -6.00 -18.19
C LEU A 382 13.51 -5.84 -17.10
N ASP A 383 13.41 -6.89 -16.27
CA ASP A 383 12.54 -6.89 -15.11
C ASP A 383 12.92 -5.75 -14.16
N ALA A 384 11.90 -5.13 -13.55
CA ALA A 384 12.10 -4.02 -12.63
C ALA A 384 13.03 -4.40 -11.49
N SER A 385 13.08 -5.69 -11.13
CA SER A 385 13.88 -6.11 -9.98
C SER A 385 15.38 -6.03 -10.30
N LEU A 386 15.76 -5.80 -11.57
CA LEU A 386 17.17 -5.66 -11.91
C LEU A 386 17.66 -4.23 -11.74
N ALA A 387 16.84 -3.31 -11.22
CA ALA A 387 17.26 -1.93 -11.00
C ALA A 387 18.22 -1.84 -9.82
N GLY A 388 18.86 -0.67 -9.63
CA GLY A 388 19.74 -0.46 -8.48
C GLY A 388 21.22 -0.75 -8.77
N ASN A 389 22.08 -0.08 -8.00
CA ASN A 389 23.52 -0.10 -8.20
C ASN A 389 24.09 -1.49 -8.03
N ALA A 390 23.54 -2.26 -7.10
CA ALA A 390 24.09 -3.58 -6.83
C ALA A 390 23.91 -4.46 -8.06
N ASN A 391 22.96 -4.09 -8.95
CA ASN A 391 22.67 -4.92 -10.11
C ASN A 391 23.24 -4.35 -11.39
N ALA A 392 24.07 -3.30 -11.29
CA ALA A 392 24.57 -2.57 -12.45
C ALA A 392 25.20 -3.51 -13.48
N GLU A 393 26.03 -4.47 -13.02
CA GLU A 393 26.70 -5.41 -13.90
C GLU A 393 25.78 -6.53 -14.36
N LYS A 394 24.75 -6.81 -13.56
CA LYS A 394 23.80 -7.85 -13.95
C LYS A 394 23.00 -7.39 -15.15
N ARG A 395 22.85 -6.07 -15.34
CA ARG A 395 22.06 -5.52 -16.43
C ARG A 395 22.85 -5.53 -17.76
N ARG A 396 24.14 -5.88 -17.73
CA ARG A 396 24.99 -5.81 -18.94
C ARG A 396 24.43 -6.72 -20.04
N ARG A 397 24.40 -6.23 -21.27
CA ARG A 397 24.07 -7.03 -22.44
C ARG A 397 25.29 -7.87 -22.85
N VAL A 398 25.11 -9.20 -22.97
CA VAL A 398 26.20 -10.00 -23.46
C VAL A 398 25.71 -10.77 -24.69
N LYS A 399 25.77 -10.12 -25.85
CA LYS A 399 25.29 -10.73 -27.08
C LYS A 399 26.26 -10.41 -28.20
N THR A 400 26.38 -11.30 -29.19
CA THR A 400 27.38 -11.09 -30.21
C THR A 400 26.78 -10.41 -31.43
N SER A 401 25.50 -10.03 -31.37
CA SER A 401 24.95 -9.31 -32.51
C SER A 401 23.92 -8.29 -32.02
N PRO A 402 23.62 -7.24 -32.82
CA PRO A 402 22.65 -6.22 -32.41
C PRO A 402 21.24 -6.72 -32.73
N ASP A 403 20.20 -5.98 -32.34
CA ASP A 403 18.86 -6.35 -32.77
C ASP A 403 18.15 -5.18 -33.43
N TYR A 404 17.05 -5.48 -34.16
CA TYR A 404 16.42 -4.50 -35.04
C TYR A 404 15.70 -3.41 -34.24
N LYS A 405 15.38 -3.65 -32.96
CA LYS A 405 14.66 -2.67 -32.16
C LYS A 405 15.61 -1.72 -31.42
N TYR A 406 16.71 -2.25 -30.89
CA TYR A 406 17.54 -1.51 -29.95
C TYR A 406 18.98 -1.32 -30.44
N GLY A 407 19.31 -1.89 -31.60
CA GLY A 407 20.69 -1.88 -32.05
C GLY A 407 21.53 -2.72 -31.09
N TRP A 408 22.65 -2.14 -30.63
CA TRP A 408 23.60 -2.84 -29.79
C TRP A 408 23.17 -2.78 -28.33
N GLY A 409 22.05 -2.10 -28.02
CA GLY A 409 21.49 -2.14 -26.67
C GLY A 409 21.50 -0.74 -26.04
N MET A 410 21.33 -0.67 -24.72
CA MET A 410 21.20 0.60 -24.01
C MET A 410 22.59 1.13 -23.63
N LEU A 411 22.93 2.32 -24.12
CA LEU A 411 24.17 3.01 -23.80
C LEU A 411 24.44 2.94 -22.29
N ASN A 412 25.71 2.69 -21.95
CA ASN A 412 26.15 2.81 -20.58
C ASN A 412 27.48 3.57 -20.58
N GLN A 413 27.40 4.88 -20.32
CA GLN A 413 28.54 5.78 -20.44
C GLN A 413 29.65 5.33 -19.49
N GLU A 414 29.24 4.96 -18.26
CA GLU A 414 30.20 4.61 -17.24
C GLU A 414 30.99 3.35 -17.61
N ARG A 415 30.29 2.34 -18.15
CA ARG A 415 30.97 1.13 -18.55
C ARG A 415 31.85 1.38 -19.79
N ALA A 416 31.35 2.20 -20.72
CA ALA A 416 32.11 2.53 -21.91
C ALA A 416 33.45 3.17 -21.52
N LEU A 417 33.46 4.00 -20.47
CA LEU A 417 34.68 4.69 -20.05
C LEU A 417 35.75 3.74 -19.50
N LYS A 418 35.42 2.47 -19.27
CA LYS A 418 36.39 1.50 -18.80
C LYS A 418 36.96 0.72 -20.00
N GLY A 419 36.58 1.17 -21.21
CA GLY A 419 37.15 0.61 -22.43
C GLY A 419 36.23 -0.44 -23.07
N PRO A 420 36.65 -1.08 -24.20
CA PRO A 420 35.80 -2.01 -24.90
C PRO A 420 35.32 -3.15 -24.01
N GLY A 421 34.14 -3.69 -24.34
CA GLY A 421 33.63 -4.86 -23.62
C GLY A 421 33.58 -6.12 -24.47
N ALA A 422 33.98 -6.02 -25.75
CA ALA A 422 34.10 -7.22 -26.57
C ALA A 422 35.03 -6.93 -27.74
N PHE A 423 35.79 -7.96 -28.10
CA PHE A 423 36.61 -7.94 -29.30
C PHE A 423 35.94 -8.89 -30.29
N MET A 424 35.26 -8.30 -31.28
CA MET A 424 34.51 -9.05 -32.27
C MET A 424 34.07 -8.05 -33.34
N ASP A 425 33.58 -8.58 -34.47
CA ASP A 425 33.02 -7.74 -35.51
C ASP A 425 31.70 -7.16 -35.04
N VAL A 426 31.55 -5.84 -35.14
CA VAL A 426 30.30 -5.20 -34.74
C VAL A 426 29.62 -4.54 -35.95
N THR A 427 30.14 -4.77 -37.17
CA THR A 427 29.77 -3.97 -38.33
C THR A 427 28.94 -4.76 -39.34
N LYS A 428 28.28 -4.00 -40.22
CA LYS A 428 27.51 -4.57 -41.30
C LYS A 428 28.37 -4.75 -42.53
N TYR A 429 29.33 -3.83 -42.75
CA TYR A 429 30.06 -3.80 -44.01
C TYR A 429 31.56 -4.03 -43.84
N GLY A 430 32.08 -4.04 -42.60
CA GLY A 430 33.52 -4.17 -42.41
C GLY A 430 33.86 -5.46 -41.69
N ASN A 431 34.94 -5.43 -40.90
CA ASN A 431 35.26 -6.50 -39.97
C ASN A 431 36.14 -5.98 -38.83
N THR A 432 35.59 -5.78 -37.63
CA THR A 432 36.37 -5.26 -36.51
C THR A 432 36.77 -6.39 -35.55
N ASN A 433 36.92 -7.60 -36.08
CA ASN A 433 37.24 -8.80 -35.31
C ASN A 433 38.48 -8.57 -34.43
N ILE A 434 39.53 -7.97 -35.04
CA ILE A 434 40.79 -7.72 -34.35
C ILE A 434 40.76 -6.29 -33.82
N PHE A 435 41.05 -6.10 -32.54
CA PHE A 435 41.17 -4.74 -32.02
C PHE A 435 42.66 -4.38 -32.04
N ASN A 436 43.01 -3.40 -32.86
CA ASN A 436 44.39 -2.95 -33.02
C ASN A 436 44.63 -1.75 -32.10
N ALA A 437 45.05 -2.04 -30.87
CA ALA A 437 45.31 -0.98 -29.89
C ALA A 437 46.70 -0.41 -30.12
N GLU A 438 46.74 0.74 -30.81
CA GLU A 438 47.99 1.44 -31.04
C GLU A 438 48.14 2.55 -30.01
N ILE A 439 48.96 2.29 -28.98
CA ILE A 439 49.09 3.24 -27.88
C ILE A 439 50.51 3.86 -27.93
N PRO A 440 50.65 5.20 -28.03
CA PRO A 440 51.97 5.84 -28.16
C PRO A 440 52.76 5.87 -26.86
N ALA A 441 54.08 6.13 -26.98
CA ALA A 441 54.98 6.24 -25.85
C ALA A 441 54.43 7.26 -24.86
N GLY A 442 54.51 6.94 -23.56
CA GLY A 442 54.08 7.86 -22.53
C GLY A 442 52.59 7.77 -22.22
N LYS A 443 51.85 6.91 -22.93
CA LYS A 443 50.45 6.70 -22.58
C LYS A 443 50.25 5.31 -22.00
N THR A 444 49.48 5.24 -20.88
CA THR A 444 49.03 3.98 -20.28
C THR A 444 47.50 3.96 -20.24
N SER A 445 46.88 2.89 -20.75
CA SER A 445 45.43 2.75 -20.70
C SER A 445 45.05 1.47 -19.96
N TYR A 446 43.86 1.49 -19.33
CA TYR A 446 43.34 0.34 -18.59
C TYR A 446 42.01 -0.08 -19.24
N PHE A 447 41.94 -1.35 -19.65
CA PHE A 447 40.68 -1.94 -20.09
C PHE A 447 40.15 -2.75 -18.91
N GLU A 448 39.10 -2.25 -18.28
CA GLU A 448 38.73 -2.82 -16.98
C GLU A 448 37.43 -3.64 -17.04
N ASN A 449 36.81 -3.75 -18.22
CA ASN A 449 35.59 -4.56 -18.32
C ASN A 449 35.96 -6.02 -18.58
N LYS A 450 34.99 -6.90 -18.34
CA LYS A 450 35.11 -8.26 -18.85
C LYS A 450 34.86 -8.24 -20.36
N ILE A 451 35.86 -8.68 -21.12
CA ILE A 451 35.81 -8.60 -22.58
C ILE A 451 35.55 -10.00 -23.13
N PHE A 452 34.42 -10.14 -23.86
CA PHE A 452 34.07 -11.40 -24.54
C PHE A 452 34.29 -11.23 -26.05
N GLY A 453 33.90 -12.23 -26.84
CA GLY A 453 33.86 -12.06 -28.29
C GLY A 453 34.71 -13.11 -29.01
N PHE A 454 34.38 -13.34 -30.29
CA PHE A 454 35.09 -14.30 -31.12
C PHE A 454 36.48 -13.78 -31.49
N GLY A 455 36.64 -12.46 -31.50
CA GLY A 455 37.86 -11.82 -31.97
C GLY A 455 38.93 -11.67 -30.90
N GLY A 456 39.86 -10.74 -31.14
CA GLY A 456 41.05 -10.69 -30.31
C GLY A 456 41.74 -9.33 -30.36
N LEU A 457 42.98 -9.31 -29.83
CA LEU A 457 43.68 -8.06 -29.56
C LEU A 457 45.07 -8.09 -30.17
N VAL A 458 45.45 -6.98 -30.82
CA VAL A 458 46.82 -6.75 -31.23
C VAL A 458 47.28 -5.45 -30.57
N LYS A 459 48.30 -5.55 -29.72
CA LYS A 459 48.82 -4.39 -28.99
C LYS A 459 50.03 -3.84 -29.77
N SER A 460 49.96 -2.57 -30.17
CA SER A 460 51.09 -1.95 -30.85
C SER A 460 51.32 -0.53 -30.29
N GLY A 461 52.29 0.19 -30.87
CA GLY A 461 52.77 1.44 -30.30
C GLY A 461 53.64 1.18 -29.05
N GLU A 462 54.33 2.22 -28.60
CA GLU A 462 55.31 2.07 -27.52
C GLU A 462 54.67 2.14 -26.14
N GLY A 463 53.41 2.61 -26.04
CA GLY A 463 52.73 2.73 -24.76
C GLY A 463 52.30 1.40 -24.16
N THR A 464 51.46 1.47 -23.10
CA THR A 464 51.13 0.35 -22.25
C THR A 464 49.61 0.18 -22.18
N LEU A 465 49.16 -1.08 -22.26
CA LEU A 465 47.75 -1.41 -22.06
C LEU A 465 47.65 -2.46 -20.95
N HIS A 466 46.75 -2.21 -19.99
CA HIS A 466 46.43 -3.17 -18.94
C HIS A 466 45.08 -3.79 -19.23
N LEU A 467 45.01 -5.11 -19.08
CA LEU A 467 43.75 -5.86 -19.03
C LEU A 467 43.53 -6.26 -17.57
N THR A 468 42.59 -5.61 -16.89
CA THR A 468 42.47 -5.78 -15.45
C THR A 468 41.41 -6.79 -15.05
N ASN A 469 40.62 -7.32 -16.01
CA ASN A 469 39.46 -8.13 -15.61
C ASN A 469 39.53 -9.53 -16.23
N ASP A 470 38.52 -10.36 -15.92
CA ASP A 470 38.44 -11.71 -16.46
C ASP A 470 37.87 -11.68 -17.88
N ASN A 471 38.71 -12.00 -18.87
CA ASN A 471 38.38 -11.85 -20.28
C ASN A 471 38.17 -13.22 -20.94
N SER A 472 37.18 -13.30 -21.83
CA SER A 472 36.80 -14.56 -22.45
C SER A 472 36.85 -14.49 -23.98
N TYR A 473 37.40 -13.43 -24.55
CA TYR A 473 37.52 -13.38 -26.00
C TYR A 473 38.42 -14.51 -26.50
N ALA A 474 38.06 -15.08 -27.66
CA ALA A 474 38.63 -16.34 -28.13
C ALA A 474 39.77 -16.14 -29.12
N GLY A 475 39.93 -14.93 -29.66
CA GLY A 475 40.85 -14.74 -30.78
C GLY A 475 42.31 -14.52 -30.39
N GLY A 476 42.63 -14.53 -29.08
CA GLY A 476 44.00 -14.38 -28.62
C GLY A 476 44.47 -12.93 -28.58
N SER A 477 45.64 -12.71 -27.97
CA SER A 477 46.29 -11.39 -27.92
C SER A 477 47.71 -11.49 -28.50
N VAL A 478 48.10 -10.48 -29.29
CA VAL A 478 49.43 -10.41 -29.85
C VAL A 478 50.06 -9.10 -29.36
N VAL A 479 51.27 -9.16 -28.79
CA VAL A 479 51.96 -7.94 -28.37
C VAL A 479 53.09 -7.67 -29.35
N ASN A 480 52.88 -6.70 -30.23
CA ASN A 480 53.82 -6.34 -31.29
C ASN A 480 54.79 -5.25 -30.86
N ARG A 481 54.33 -4.37 -29.95
CA ARG A 481 55.16 -3.29 -29.49
C ARG A 481 54.60 -2.78 -28.17
N GLY A 482 55.47 -2.18 -27.35
CA GLY A 482 55.08 -1.64 -26.06
C GLY A 482 54.70 -2.78 -25.11
N THR A 483 53.86 -2.48 -24.13
CA THR A 483 53.60 -3.43 -23.06
C THR A 483 52.11 -3.77 -22.98
N LEU A 484 51.82 -5.05 -22.75
CA LEU A 484 50.51 -5.51 -22.34
C LEU A 484 50.66 -6.08 -20.93
N GLU A 485 49.73 -5.72 -20.03
CA GLU A 485 49.74 -6.27 -18.70
C GLU A 485 48.44 -7.04 -18.44
N ILE A 486 48.58 -8.28 -17.97
CA ILE A 486 47.44 -9.13 -17.67
C ILE A 486 47.38 -9.32 -16.16
N HIS A 487 46.21 -9.00 -15.58
CA HIS A 487 46.01 -9.07 -14.13
C HIS A 487 45.19 -10.28 -13.71
N LYS A 488 44.34 -10.78 -14.60
CA LYS A 488 43.40 -11.84 -14.22
C LYS A 488 43.32 -12.87 -15.36
N ILE A 489 42.11 -13.40 -15.63
CA ILE A 489 41.95 -14.41 -16.68
C ILE A 489 42.03 -13.81 -18.08
N HIS A 490 42.83 -14.46 -18.91
CA HIS A 490 42.87 -14.25 -20.35
C HIS A 490 42.62 -15.61 -20.98
N SER A 491 41.40 -15.82 -21.50
CA SER A 491 40.94 -17.15 -21.86
C SER A 491 41.76 -17.79 -22.98
N SER A 492 42.12 -17.01 -24.00
CA SER A 492 42.72 -17.54 -25.21
C SER A 492 44.26 -17.32 -25.24
N LYS A 493 44.90 -17.68 -26.36
CA LYS A 493 46.36 -17.74 -26.43
C LYS A 493 46.95 -16.32 -26.43
N VAL A 494 48.24 -16.21 -26.06
CA VAL A 494 48.95 -14.94 -26.04
C VAL A 494 50.29 -15.13 -26.75
N THR A 495 50.64 -14.18 -27.64
CA THR A 495 51.90 -14.20 -28.35
C THR A 495 52.60 -12.85 -28.17
N VAL A 496 53.85 -12.90 -27.70
CA VAL A 496 54.66 -11.71 -27.57
C VAL A 496 55.70 -11.73 -28.69
N ASN A 497 55.63 -10.75 -29.60
CA ASN A 497 56.58 -10.68 -30.69
C ASN A 497 57.83 -9.91 -30.23
N GLN A 498 58.80 -9.77 -31.14
CA GLN A 498 60.18 -9.41 -30.80
C GLN A 498 60.26 -8.04 -30.12
N ALA A 499 59.43 -7.07 -30.54
CA ALA A 499 59.48 -5.74 -29.96
C ALA A 499 58.43 -5.56 -28.84
N GLY A 500 57.80 -6.65 -28.41
CA GLY A 500 56.72 -6.54 -27.45
C GLY A 500 57.15 -6.96 -26.05
N ARG A 501 56.36 -6.55 -25.05
CA ARG A 501 56.58 -6.89 -23.66
C ARG A 501 55.24 -7.26 -23.00
N LEU A 502 55.22 -8.39 -22.31
CA LEU A 502 54.05 -8.82 -21.53
C LEU A 502 54.42 -8.86 -20.05
N VAL A 503 53.60 -8.24 -19.21
CA VAL A 503 53.76 -8.35 -17.77
C VAL A 503 52.63 -9.22 -17.23
N LEU A 504 52.98 -10.32 -16.57
CA LEU A 504 52.02 -11.16 -15.87
C LEU A 504 52.03 -10.82 -14.40
N HIS A 505 50.84 -10.51 -13.86
CA HIS A 505 50.68 -10.21 -12.45
C HIS A 505 50.25 -11.47 -11.70
N PRO A 506 50.26 -11.46 -10.35
CA PRO A 506 50.04 -12.71 -9.60
C PRO A 506 48.74 -13.46 -9.89
N LYS A 507 47.69 -12.74 -10.30
CA LYS A 507 46.41 -13.42 -10.51
C LYS A 507 46.16 -13.75 -11.99
N ALA A 508 47.17 -13.49 -12.86
CA ALA A 508 47.08 -13.78 -14.28
C ALA A 508 46.88 -15.27 -14.54
N LEU A 509 45.98 -15.59 -15.48
CA LEU A 509 45.72 -16.97 -15.90
C LEU A 509 45.44 -16.95 -17.40
N ILE A 510 46.36 -17.56 -18.15
CA ILE A 510 46.19 -17.63 -19.59
C ILE A 510 45.72 -19.04 -19.89
N GLY A 511 44.53 -19.16 -20.49
CA GLY A 511 44.04 -20.48 -20.88
C GLY A 511 42.87 -20.91 -20.00
N TYR A 512 41.67 -20.56 -20.47
CA TYR A 512 40.47 -20.84 -19.69
C TYR A 512 39.32 -21.10 -20.64
N ASN A 513 38.60 -22.19 -20.40
CA ASN A 513 37.58 -22.65 -21.32
C ASN A 513 36.23 -21.99 -21.01
N GLU A 514 36.06 -20.77 -21.52
CA GLU A 514 34.78 -20.06 -21.47
C GLU A 514 34.31 -19.88 -22.91
N ALA A 515 33.01 -20.06 -23.19
CA ALA A 515 32.51 -19.83 -24.54
C ALA A 515 32.74 -18.36 -24.89
N PHE A 516 33.06 -18.08 -26.17
CA PHE A 516 33.39 -16.74 -26.63
C PHE A 516 32.21 -15.78 -26.48
N PHE A 517 30.99 -16.34 -26.42
CA PHE A 517 29.78 -15.53 -26.33
C PHE A 517 29.30 -15.34 -24.89
N ASN A 518 30.09 -15.77 -23.89
CA ASN A 518 29.75 -15.51 -22.50
C ASN A 518 30.83 -14.65 -21.86
N VAL A 519 30.47 -13.97 -20.77
CA VAL A 519 31.46 -13.37 -19.89
C VAL A 519 31.67 -14.31 -18.71
N ILE A 520 32.89 -14.30 -18.15
CA ILE A 520 33.20 -15.15 -17.01
C ILE A 520 32.50 -14.59 -15.76
N THR A 521 31.64 -15.39 -15.13
CA THR A 521 30.91 -14.93 -13.94
C THR A 521 31.23 -15.79 -12.71
N THR A 522 31.95 -16.91 -12.92
CA THR A 522 32.49 -17.76 -11.86
C THR A 522 33.79 -18.39 -12.36
N VAL A 523 34.78 -18.53 -11.47
CA VAL A 523 35.98 -19.26 -11.88
C VAL A 523 35.85 -20.72 -11.45
N ASP A 524 35.82 -21.62 -12.43
CA ASP A 524 35.82 -23.05 -12.15
C ASP A 524 37.17 -23.63 -12.59
N PRO A 525 38.00 -24.13 -11.64
CA PRO A 525 39.35 -24.61 -11.98
C PRO A 525 39.38 -25.72 -13.02
N THR A 526 38.27 -26.47 -13.16
CA THR A 526 38.21 -27.54 -14.14
CA THR A 526 38.20 -27.54 -14.14
C THR A 526 38.26 -26.97 -15.56
N ARG A 527 37.93 -25.68 -15.71
CA ARG A 527 37.91 -25.06 -17.03
C ARG A 527 39.28 -24.50 -17.43
N ILE A 528 40.26 -24.49 -16.52
CA ILE A 528 41.61 -24.12 -16.91
C ILE A 528 42.07 -25.12 -17.97
N THR A 529 42.66 -24.62 -19.07
CA THR A 529 42.97 -25.48 -20.21
C THR A 529 44.37 -26.07 -20.06
N THR A 530 44.73 -26.99 -20.94
CA THR A 530 46.09 -27.49 -20.96
C THR A 530 46.72 -27.31 -22.33
N GLY A 531 46.01 -26.66 -23.27
CA GLY A 531 46.55 -26.46 -24.61
C GLY A 531 46.56 -25.00 -25.06
N THR A 532 46.45 -24.05 -24.13
CA THR A 532 46.46 -22.64 -24.51
C THR A 532 47.86 -22.08 -24.25
N ASN A 533 48.55 -21.68 -25.30
CA ASN A 533 49.99 -21.45 -25.19
C ASN A 533 50.33 -19.97 -25.11
N LEU A 534 51.39 -19.67 -24.35
CA LEU A 534 52.04 -18.37 -24.34
C LEU A 534 53.36 -18.51 -25.11
N ARG A 535 53.45 -17.78 -26.23
CA ARG A 535 54.64 -17.73 -27.06
C ARG A 535 55.38 -16.43 -26.77
N ASN A 536 56.69 -16.54 -26.52
CA ASN A 536 57.46 -15.35 -26.18
C ASN A 536 58.69 -15.20 -27.09
N LYS A 537 58.62 -14.22 -27.98
CA LYS A 537 59.75 -13.85 -28.81
C LYS A 537 60.29 -12.50 -28.35
N GLY A 538 59.65 -11.91 -27.33
CA GLY A 538 60.06 -10.61 -26.81
C GLY A 538 60.41 -10.71 -25.33
N ILE A 539 59.73 -9.88 -24.52
CA ILE A 539 59.92 -9.88 -23.08
C ILE A 539 58.65 -10.38 -22.38
N VAL A 540 58.83 -11.34 -21.46
CA VAL A 540 57.82 -11.69 -20.49
C VAL A 540 58.38 -11.43 -19.10
N GLU A 541 57.62 -10.65 -18.31
CA GLU A 541 57.96 -10.32 -16.94
C GLU A 541 56.91 -10.93 -16.01
N VAL A 542 57.35 -11.68 -15.00
CA VAL A 542 56.46 -12.35 -14.06
C VAL A 542 56.57 -11.75 -12.66
N ASN A 543 55.41 -11.62 -12.01
CA ASN A 543 55.29 -11.15 -10.63
C ASN A 543 54.49 -12.17 -9.84
N GLY A 544 54.87 -12.34 -8.55
CA GLY A 544 54.21 -13.30 -7.69
C GLY A 544 54.64 -14.71 -8.02
N THR A 545 54.02 -15.70 -7.37
CA THR A 545 54.36 -17.10 -7.58
C THR A 545 53.12 -17.88 -8.03
N THR A 546 52.04 -17.17 -8.39
CA THR A 546 50.73 -17.81 -8.54
C THR A 546 50.16 -17.75 -9.96
N ALA A 547 50.78 -16.99 -10.89
CA ALA A 547 50.27 -16.91 -12.26
C ALA A 547 50.31 -18.27 -12.96
N ILE A 548 49.35 -18.52 -13.86
CA ILE A 548 49.15 -19.83 -14.49
C ILE A 548 49.11 -19.71 -16.01
N ILE A 549 49.79 -20.64 -16.71
CA ILE A 549 49.60 -20.86 -18.14
C ILE A 549 48.91 -22.20 -18.28
N GLY A 550 47.65 -22.18 -18.73
CA GLY A 550 46.90 -23.39 -19.04
C GLY A 550 47.29 -23.97 -20.40
N GLY A 551 48.58 -24.33 -20.52
CA GLY A 551 49.17 -24.78 -21.78
C GLY A 551 50.68 -24.62 -21.72
N ASP A 552 51.33 -24.50 -22.89
CA ASP A 552 52.79 -24.47 -22.96
C ASP A 552 53.31 -23.04 -22.84
N TYR A 553 54.52 -22.91 -22.25
CA TYR A 553 55.28 -21.68 -22.34
C TYR A 553 56.41 -21.91 -23.35
N ILE A 554 56.41 -21.14 -24.43
CA ILE A 554 57.35 -21.35 -25.52
C ILE A 554 58.17 -20.09 -25.70
N ALA A 555 59.47 -20.20 -25.38
CA ALA A 555 60.39 -19.07 -25.48
C ALA A 555 61.32 -19.24 -26.67
N TYR A 556 61.45 -18.20 -27.49
CA TYR A 556 62.17 -18.23 -28.76
C TYR A 556 63.49 -17.48 -28.65
N LYS A 557 64.34 -17.63 -29.68
CA LYS A 557 65.64 -17.01 -29.76
C LYS A 557 65.48 -15.51 -29.62
N GLY A 558 66.29 -14.91 -28.74
CA GLY A 558 66.27 -13.47 -28.56
C GLY A 558 65.27 -13.02 -27.49
N SER A 559 64.56 -13.96 -26.87
CA SER A 559 63.50 -13.60 -25.92
C SER A 559 64.09 -13.43 -24.51
N THR A 560 63.38 -12.71 -23.65
CA THR A 560 63.75 -12.56 -22.25
C THR A 560 62.57 -12.98 -21.38
N THR A 561 62.86 -13.78 -20.34
CA THR A 561 61.90 -14.09 -19.31
C THR A 561 62.45 -13.61 -17.96
N THR A 562 61.79 -12.62 -17.34
CA THR A 562 62.27 -12.00 -16.11
C THR A 562 61.33 -12.36 -14.96
N PHE A 563 61.91 -12.91 -13.89
CA PHE A 563 61.18 -13.17 -12.67
C PHE A 563 61.52 -12.10 -11.63
N ASN A 564 60.54 -11.27 -11.26
CA ASN A 564 60.80 -10.22 -10.29
C ASN A 564 60.74 -10.78 -8.87
N ASN A 565 61.81 -10.52 -8.09
CA ASN A 565 61.91 -10.82 -6.67
C ASN A 565 61.43 -12.22 -6.35
N GLY A 566 62.02 -13.24 -7.00
CA GLY A 566 61.68 -14.62 -6.69
C GLY A 566 60.34 -15.07 -7.26
N ALA A 567 59.88 -14.41 -8.34
CA ALA A 567 58.62 -14.78 -9.00
C ALA A 567 58.71 -16.17 -9.63
N LYS A 568 57.55 -16.84 -9.75
CA LYS A 568 57.43 -18.15 -10.36
C LYS A 568 56.23 -18.13 -11.33
N LEU A 569 56.32 -18.88 -12.44
CA LEU A 569 55.22 -19.07 -13.39
C LEU A 569 54.83 -20.54 -13.43
N ASN A 570 53.55 -20.81 -13.23
CA ASN A 570 53.02 -22.17 -13.16
C ASN A 570 52.55 -22.59 -14.55
N VAL A 571 53.33 -23.48 -15.19
CA VAL A 571 53.03 -23.90 -16.56
C VAL A 571 52.38 -25.28 -16.51
N LEU A 572 51.11 -25.39 -16.91
CA LEU A 572 50.43 -26.68 -16.86
C LEU A 572 50.82 -27.58 -18.02
N GLY A 573 51.27 -26.98 -19.12
CA GLY A 573 51.78 -27.77 -20.24
C GLY A 573 53.28 -27.99 -20.12
N ASN A 574 53.98 -27.90 -21.25
CA ASN A 574 55.43 -28.04 -21.30
C ASN A 574 56.09 -26.67 -21.45
N ILE A 575 57.31 -26.57 -20.92
CA ILE A 575 58.14 -25.39 -21.12
C ILE A 575 59.10 -25.71 -22.26
N LYS A 576 59.14 -24.87 -23.31
CA LYS A 576 59.98 -25.12 -24.48
C LYS A 576 60.85 -23.91 -24.78
N VAL A 577 62.08 -24.14 -25.29
CA VAL A 577 62.99 -23.08 -25.74
C VAL A 577 63.47 -23.39 -27.16
N GLU A 578 63.70 -22.34 -27.96
CA GLU A 578 64.10 -22.50 -29.35
C GLU A 578 65.47 -23.16 -29.42
N ASP A 579 66.38 -22.76 -28.52
CA ASP A 579 67.72 -23.30 -28.43
C ASP A 579 68.33 -22.85 -27.11
N GLY A 580 69.62 -23.20 -26.93
CA GLY A 580 70.33 -22.97 -25.69
C GLY A 580 70.73 -21.52 -25.48
N THR A 581 70.54 -20.66 -26.50
CA THR A 581 70.85 -19.23 -26.36
C THR A 581 69.72 -18.50 -25.63
N VAL A 582 68.54 -19.13 -25.51
CA VAL A 582 67.39 -18.45 -24.95
C VAL A 582 67.51 -18.40 -23.43
N LYS A 583 67.39 -17.20 -22.86
CA LYS A 583 67.43 -17.00 -21.42
C LYS A 583 66.01 -16.96 -20.84
N VAL A 584 65.65 -17.96 -20.03
CA VAL A 584 64.35 -17.99 -19.37
C VAL A 584 64.57 -18.15 -17.86
N LEU A 585 64.71 -19.40 -17.41
CA LEU A 585 64.77 -19.67 -15.98
C LEU A 585 66.23 -19.53 -15.52
N SER B 32 -58.83 19.14 -45.33
CA SER B 32 -59.51 17.92 -44.83
C SER B 32 -58.54 17.02 -44.06
N VAL B 33 -59.06 15.88 -43.64
CA VAL B 33 -58.42 14.97 -42.70
C VAL B 33 -58.16 13.67 -43.47
N PRO B 34 -56.93 13.45 -44.01
CA PRO B 34 -56.63 12.25 -44.80
C PRO B 34 -56.88 10.92 -44.08
N GLU B 35 -56.86 10.94 -42.75
CA GLU B 35 -57.12 9.75 -41.92
C GLU B 35 -58.53 9.25 -42.17
N ASP B 36 -59.41 10.13 -42.63
CA ASP B 36 -60.79 9.76 -42.93
C ASP B 36 -60.83 8.74 -44.05
N ASN B 37 -59.78 8.72 -44.88
CA ASN B 37 -59.69 7.83 -46.03
C ASN B 37 -58.79 6.63 -45.77
N PHE B 38 -58.23 6.52 -44.56
CA PHE B 38 -57.35 5.39 -44.28
C PHE B 38 -58.18 4.11 -44.28
N PRO B 39 -57.69 3.01 -44.88
CA PRO B 39 -58.34 1.70 -44.72
C PRO B 39 -58.39 1.28 -43.25
N THR B 40 -59.39 0.47 -42.88
CA THR B 40 -59.51 -0.02 -41.51
C THR B 40 -58.98 -1.45 -41.41
N VAL B 41 -58.69 -1.89 -40.18
CA VAL B 41 -58.26 -3.23 -39.86
C VAL B 41 -59.35 -3.87 -39.01
N ALA B 42 -59.60 -5.17 -39.22
CA ALA B 42 -60.57 -5.94 -38.46
C ALA B 42 -60.33 -5.75 -36.95
N ASN B 43 -61.39 -5.38 -36.22
CA ASN B 43 -61.27 -5.09 -34.79
C ASN B 43 -62.00 -6.18 -34.02
N PRO B 44 -61.28 -7.00 -33.21
CA PRO B 44 -61.90 -8.09 -32.45
C PRO B 44 -63.04 -7.65 -31.54
N LEU B 45 -63.15 -6.35 -31.22
CA LEU B 45 -64.15 -5.91 -30.26
C LEU B 45 -65.46 -5.57 -30.96
N ASP B 46 -65.46 -5.62 -32.29
CA ASP B 46 -66.56 -5.06 -33.07
C ASP B 46 -67.89 -5.72 -32.71
N SER B 47 -67.87 -7.01 -32.38
CA SER B 47 -69.12 -7.72 -32.10
C SER B 47 -69.72 -7.25 -30.77
N GLN B 48 -68.93 -6.63 -29.91
CA GLN B 48 -69.43 -6.23 -28.60
C GLN B 48 -69.89 -4.78 -28.58
N LYS B 49 -69.83 -4.09 -29.73
CA LYS B 49 -70.02 -2.64 -29.74
C LYS B 49 -71.49 -2.23 -29.70
N GLY B 50 -72.40 -3.20 -29.78
CA GLY B 50 -73.82 -2.92 -29.68
C GLY B 50 -74.19 -2.32 -28.33
N ASN B 51 -73.49 -2.75 -27.26
CA ASN B 51 -73.65 -2.12 -25.96
C ASN B 51 -72.33 -1.49 -25.53
N ILE B 52 -72.10 -0.24 -25.96
CA ILE B 52 -70.83 0.43 -25.72
C ILE B 52 -70.58 0.62 -24.21
N SER B 53 -71.65 0.94 -23.46
CA SER B 53 -71.56 1.14 -22.03
CA SER B 53 -71.56 1.14 -22.03
C SER B 53 -71.10 -0.12 -21.31
N ALA B 54 -71.62 -1.27 -21.76
CA ALA B 54 -71.28 -2.51 -21.07
C ALA B 54 -69.85 -2.90 -21.44
N LEU B 55 -69.46 -2.64 -22.69
CA LEU B 55 -68.11 -2.92 -23.15
C LEU B 55 -67.09 -2.10 -22.35
N LYS B 56 -67.33 -0.79 -22.21
CA LYS B 56 -66.49 0.10 -21.40
C LYS B 56 -66.35 -0.46 -19.99
N GLU B 57 -67.47 -0.90 -19.40
CA GLU B 57 -67.51 -1.39 -18.03
CA GLU B 57 -67.50 -1.38 -18.03
C GLU B 57 -66.63 -2.63 -17.90
N LYS B 58 -66.82 -3.59 -18.83
CA LYS B 58 -66.07 -4.85 -18.79
C LYS B 58 -64.57 -4.60 -19.00
N LEU B 59 -64.23 -3.80 -20.02
CA LEU B 59 -62.83 -3.51 -20.31
C LEU B 59 -62.16 -2.86 -19.10
N ASN B 60 -62.87 -1.92 -18.46
CA ASN B 60 -62.30 -1.19 -17.35
C ASN B 60 -62.10 -2.11 -16.15
N ARG B 61 -63.07 -3.02 -15.94
CA ARG B 61 -62.99 -3.98 -14.86
CA ARG B 61 -62.99 -3.98 -14.86
C ARG B 61 -61.77 -4.86 -15.06
N ASN B 62 -61.57 -5.37 -16.28
CA ASN B 62 -60.41 -6.21 -16.55
C ASN B 62 -59.12 -5.43 -16.34
N ARG B 63 -59.12 -4.15 -16.77
CA ARG B 63 -57.98 -3.27 -16.61
C ARG B 63 -57.66 -3.13 -15.12
N GLU B 64 -58.68 -2.81 -14.31
CA GLU B 64 -58.49 -2.60 -12.89
C GLU B 64 -58.08 -3.89 -12.16
N ASN B 65 -58.49 -5.06 -12.68
CA ASN B 65 -58.12 -6.32 -12.04
C ASN B 65 -56.76 -6.82 -12.51
N SER B 66 -56.11 -6.13 -13.45
CA SER B 66 -54.79 -6.57 -13.89
C SER B 66 -53.83 -6.52 -12.69
N THR B 67 -52.82 -7.40 -12.68
CA THR B 67 -51.93 -7.45 -11.54
C THR B 67 -50.60 -6.74 -11.83
N ALA B 68 -50.53 -6.01 -12.96
CA ALA B 68 -49.32 -5.28 -13.35
C ALA B 68 -48.88 -4.39 -12.18
N THR B 69 -47.57 -4.32 -11.96
CA THR B 69 -47.05 -3.42 -10.94
C THR B 69 -46.70 -2.07 -11.56
N ILE B 70 -46.82 -1.01 -10.75
CA ILE B 70 -46.56 0.35 -11.16
C ILE B 70 -45.16 0.68 -10.65
N PRO B 71 -44.19 1.05 -11.50
CA PRO B 71 -42.84 1.36 -11.02
C PRO B 71 -42.81 2.72 -10.30
N THR B 72 -41.73 2.91 -9.55
CA THR B 72 -41.41 4.17 -8.90
C THR B 72 -39.94 4.46 -9.19
N GLU B 73 -39.39 5.57 -8.66
CA GLU B 73 -38.04 5.96 -9.02
C GLU B 73 -37.05 4.83 -8.68
N THR B 74 -36.01 4.71 -9.48
CA THR B 74 -35.03 3.64 -9.33
C THR B 74 -33.75 4.17 -8.67
N ILE B 75 -33.54 5.51 -8.62
CA ILE B 75 -32.47 6.13 -7.84
C ILE B 75 -33.09 7.09 -6.82
N SER B 76 -32.66 7.00 -5.55
CA SER B 76 -33.06 7.94 -4.52
C SER B 76 -31.92 8.89 -4.23
N TYR B 77 -32.16 10.17 -4.50
CA TYR B 77 -31.17 11.23 -4.36
C TYR B 77 -31.38 11.95 -3.04
N ASN B 78 -30.43 12.81 -2.64
CA ASN B 78 -30.56 13.51 -1.37
C ASN B 78 -29.82 14.85 -1.40
N GLY B 79 -29.36 15.27 -2.58
CA GLY B 79 -28.68 16.55 -2.74
C GLY B 79 -27.18 16.37 -2.98
N SER B 80 -26.66 15.17 -2.67
CA SER B 80 -25.22 14.97 -2.56
C SER B 80 -24.48 15.25 -3.87
N THR B 81 -25.17 15.25 -5.01
CA THR B 81 -24.50 15.44 -6.29
C THR B 81 -24.58 16.88 -6.81
N VAL B 82 -25.14 17.82 -6.02
CA VAL B 82 -25.22 19.20 -6.50
C VAL B 82 -24.70 20.19 -5.45
N LYS B 83 -24.50 21.43 -5.91
CA LYS B 83 -24.23 22.55 -5.04
C LYS B 83 -25.40 23.53 -5.06
N ILE B 84 -25.45 24.43 -4.08
CA ILE B 84 -26.52 25.40 -3.93
C ILE B 84 -25.92 26.65 -3.32
N GLY B 85 -26.33 27.82 -3.85
CA GLY B 85 -25.75 29.08 -3.42
C GLY B 85 -26.59 29.76 -2.34
N ILE B 86 -25.92 30.58 -1.50
CA ILE B 86 -26.60 31.42 -0.53
C ILE B 86 -25.73 32.66 -0.25
N LEU B 87 -26.35 33.83 -0.37
CA LEU B 87 -25.75 35.10 -0.01
C LEU B 87 -26.51 35.60 1.20
N ASP B 88 -25.80 35.81 2.32
CA ASP B 88 -26.45 36.24 3.55
C ASP B 88 -25.44 37.02 4.43
N SER B 89 -25.83 37.26 5.70
CA SER B 89 -25.15 38.16 6.62
C SER B 89 -23.66 37.82 6.77
N ASP B 90 -23.35 36.67 7.38
CA ASP B 90 -21.93 36.35 7.58
C ASP B 90 -21.67 34.86 7.74
N PHE B 91 -20.62 34.38 7.07
CA PHE B 91 -20.12 33.02 7.22
C PHE B 91 -18.59 33.02 7.35
N THR B 92 -17.99 34.07 7.93
CA THR B 92 -16.54 34.26 7.85
C THR B 92 -15.86 34.00 9.21
N ASP B 93 -16.65 34.00 10.29
CA ASP B 93 -16.11 33.76 11.62
C ASP B 93 -15.45 32.38 11.63
N PRO B 94 -14.14 32.30 11.95
CA PRO B 94 -13.39 31.04 11.89
C PRO B 94 -13.97 29.91 12.75
N VAL B 95 -14.60 30.26 13.88
CA VAL B 95 -15.22 29.27 14.76
C VAL B 95 -16.47 28.70 14.08
N ARG B 96 -17.29 29.61 13.53
CA ARG B 96 -18.53 29.27 12.86
C ARG B 96 -18.23 28.33 11.69
N LYS B 97 -17.22 28.71 10.89
CA LYS B 97 -16.83 27.97 9.72
C LYS B 97 -16.50 26.53 10.08
N ALA B 98 -15.81 26.34 11.21
CA ALA B 98 -15.37 25.01 11.60
C ALA B 98 -16.60 24.21 12.04
N GLN B 99 -17.51 24.87 12.75
CA GLN B 99 -18.77 24.25 13.15
C GLN B 99 -19.56 23.83 11.90
N LEU B 100 -19.68 24.76 10.94
CA LEU B 100 -20.49 24.50 9.75
C LEU B 100 -19.84 23.41 8.90
N SER B 101 -18.51 23.44 8.77
CA SER B 101 -17.76 22.45 7.99
C SER B 101 -17.98 21.05 8.54
N ALA B 102 -18.07 20.93 9.87
CA ALA B 102 -18.27 19.64 10.51
C ALA B 102 -19.72 19.21 10.33
N ARG B 103 -20.65 20.17 10.42
CA ARG B 103 -22.06 19.87 10.35
C ARG B 103 -22.52 19.54 8.93
N TYR B 104 -21.94 20.21 7.93
CA TYR B 104 -22.38 20.10 6.56
C TYR B 104 -21.19 19.79 5.66
N PRO B 105 -20.82 18.49 5.51
CA PRO B 105 -19.65 18.11 4.73
C PRO B 105 -19.71 18.66 3.30
N GLY B 106 -18.63 19.34 2.90
CA GLY B 106 -18.50 19.81 1.53
C GLY B 106 -18.87 21.29 1.38
N ILE B 107 -19.32 21.95 2.46
CA ILE B 107 -19.69 23.35 2.39
C ILE B 107 -18.48 24.18 1.95
N GLU B 108 -18.69 25.19 1.09
CA GLU B 108 -17.62 26.08 0.64
C GLU B 108 -17.95 27.50 1.07
N PHE B 109 -16.94 28.26 1.50
CA PHE B 109 -17.14 29.63 1.92
C PHE B 109 -16.47 30.57 0.94
N ILE B 110 -17.19 31.61 0.51
CA ILE B 110 -16.65 32.62 -0.37
C ILE B 110 -16.02 33.71 0.48
N PRO B 111 -14.73 34.06 0.26
CA PRO B 111 -14.09 35.18 0.98
C PRO B 111 -14.80 36.46 0.58
N ARG B 112 -15.02 37.37 1.54
CA ARG B 112 -15.62 38.67 1.27
C ARG B 112 -14.87 39.40 0.15
N VAL B 113 -15.60 40.16 -0.66
CA VAL B 113 -15.01 40.84 -1.82
C VAL B 113 -14.68 42.28 -1.44
N ASN B 114 -15.00 42.70 -0.21
CA ASN B 114 -14.85 44.08 0.23
C ASN B 114 -14.59 44.09 1.73
N SER B 115 -14.68 45.26 2.38
CA SER B 115 -14.26 45.40 3.77
CA SER B 115 -14.26 45.40 3.77
C SER B 115 -15.44 45.31 4.72
N ASP B 116 -16.65 44.99 4.20
CA ASP B 116 -17.83 44.90 5.04
C ASP B 116 -17.65 43.83 6.10
N THR B 117 -18.30 44.01 7.26
CA THR B 117 -18.30 42.99 8.30
C THR B 117 -19.69 42.88 8.89
N SER B 118 -19.98 41.72 9.48
CA SER B 118 -21.27 41.48 10.11
C SER B 118 -21.09 40.44 11.22
N THR B 119 -21.87 40.58 12.28
CA THR B 119 -21.86 39.62 13.35
C THR B 119 -23.25 38.98 13.49
N SER B 120 -24.16 39.32 12.56
CA SER B 120 -25.50 38.74 12.55
C SER B 120 -25.46 37.25 12.23
N SER B 121 -26.16 36.45 13.02
CA SER B 121 -26.27 35.02 12.77
C SER B 121 -27.44 34.69 11.83
N HIS B 122 -28.00 35.71 11.17
CA HIS B 122 -29.13 35.56 10.25
C HIS B 122 -28.80 34.50 9.19
N GLY B 123 -27.64 34.67 8.55
CA GLY B 123 -27.11 33.78 7.53
C GLY B 123 -27.06 32.33 7.99
N VAL B 124 -26.52 32.10 9.20
CA VAL B 124 -26.43 30.75 9.73
C VAL B 124 -27.83 30.16 9.92
N GLN B 125 -28.76 30.97 10.44
CA GLN B 125 -30.11 30.50 10.70
C GLN B 125 -30.84 30.15 9.40
N VAL B 126 -30.58 30.92 8.33
CA VAL B 126 -31.16 30.67 7.02
C VAL B 126 -30.56 29.39 6.44
N LEU B 127 -29.23 29.27 6.54
CA LEU B 127 -28.48 28.11 6.07
C LEU B 127 -28.99 26.83 6.74
N GLU B 128 -29.31 26.92 8.04
CA GLU B 128 -29.76 25.76 8.78
C GLU B 128 -31.05 25.22 8.16
N VAL B 129 -31.97 26.14 7.83
CA VAL B 129 -33.23 25.74 7.23
C VAL B 129 -32.95 25.14 5.85
N MET B 130 -32.06 25.77 5.08
CA MET B 130 -31.74 25.32 3.74
C MET B 130 -31.20 23.90 3.77
N MET B 131 -30.43 23.54 4.81
CA MET B 131 -29.80 22.23 4.87
C MET B 131 -30.72 21.19 5.48
N ASP B 132 -31.94 21.59 5.90
CA ASP B 132 -32.86 20.68 6.58
C ASP B 132 -32.18 20.13 7.85
N THR B 133 -31.78 21.05 8.73
CA THR B 133 -30.99 20.74 9.91
C THR B 133 -31.88 20.20 11.03
N LEU B 134 -31.40 19.13 11.69
CA LEU B 134 -32.06 18.56 12.87
C LEU B 134 -31.98 19.56 14.02
N GLU B 135 -32.97 19.52 14.92
CA GLU B 135 -32.98 20.38 16.09
C GLU B 135 -31.69 20.28 16.92
N ASP B 136 -31.09 19.08 16.97
CA ASP B 136 -29.90 18.87 17.78
C ASP B 136 -28.64 19.38 17.05
N ARG B 137 -28.79 19.87 15.81
CA ARG B 137 -27.71 20.47 15.04
C ARG B 137 -26.56 19.50 14.74
N THR B 138 -26.84 18.20 14.75
CA THR B 138 -25.79 17.23 14.45
C THR B 138 -25.46 17.21 12.95
N LYS B 139 -26.50 17.34 12.09
CA LYS B 139 -26.35 17.28 10.65
C LYS B 139 -27.54 17.92 9.95
N GLY B 140 -27.49 17.96 8.61
CA GLY B 140 -28.64 18.30 7.79
C GLY B 140 -29.10 17.09 6.99
N LYS B 141 -30.41 16.99 6.75
CA LYS B 141 -30.95 15.86 6.00
C LYS B 141 -30.62 16.02 4.52
N ALA B 142 -30.44 17.27 4.06
CA ALA B 142 -30.09 17.53 2.68
C ALA B 142 -28.56 17.47 2.57
N LYS B 143 -28.06 16.83 1.49
CA LYS B 143 -26.63 16.58 1.42
C LYS B 143 -25.94 17.40 0.34
N PHE B 144 -26.61 18.42 -0.19
CA PHE B 144 -25.94 19.26 -1.20
C PHE B 144 -24.84 20.08 -0.57
N LYS B 145 -23.92 20.57 -1.39
CA LYS B 145 -22.82 21.39 -0.92
C LYS B 145 -23.19 22.86 -1.07
N ALA B 146 -23.39 23.55 0.06
CA ALA B 146 -23.68 24.98 0.07
C ALA B 146 -22.46 25.80 -0.33
N ILE B 147 -22.68 26.80 -1.19
CA ILE B 147 -21.69 27.82 -1.51
C ILE B 147 -22.14 29.07 -0.78
N ALA B 148 -21.50 29.35 0.36
CA ALA B 148 -21.98 30.35 1.30
C ALA B 148 -21.15 31.64 1.20
N ALA B 149 -21.82 32.72 0.76
CA ALA B 149 -21.20 34.02 0.56
C ALA B 149 -21.74 35.02 1.58
N SER B 150 -20.88 36.00 1.94
CA SER B 150 -21.15 36.94 3.03
C SER B 150 -21.28 38.36 2.47
N ILE B 151 -22.43 39.00 2.72
CA ILE B 151 -22.69 40.34 2.20
C ILE B 151 -23.25 41.22 3.32
N GLY B 152 -23.36 40.68 4.55
CA GLY B 152 -23.77 41.50 5.68
C GLY B 152 -22.79 42.67 5.90
N ASN B 153 -23.32 43.80 6.37
CA ASN B 153 -22.47 44.96 6.61
C ASN B 153 -22.94 45.68 7.87
N GLY B 154 -23.55 44.96 8.81
CA GLY B 154 -24.06 45.58 10.01
C GLY B 154 -23.01 45.75 11.11
N GLY B 155 -21.74 45.41 10.82
CA GLY B 155 -20.63 45.55 11.74
C GLY B 155 -20.82 44.76 13.04
N ALA B 156 -20.35 45.36 14.14
CA ALA B 156 -20.26 44.73 15.45
C ALA B 156 -21.64 44.52 16.10
N SER B 157 -22.67 45.24 15.63
CA SER B 157 -24.01 45.03 16.14
C SER B 157 -24.59 43.74 15.56
N GLU B 158 -24.94 42.79 16.44
CA GLU B 158 -25.41 41.48 16.03
C GLU B 158 -26.91 41.48 15.70
N THR B 159 -27.61 42.56 16.08
CA THR B 159 -29.03 42.67 15.80
C THR B 159 -29.24 43.40 14.47
N ASN B 160 -28.13 43.91 13.90
CA ASN B 160 -28.13 44.60 12.63
C ASN B 160 -27.94 43.61 11.49
N LYS B 161 -29.01 43.39 10.68
CA LYS B 161 -29.05 42.35 9.66
C LYS B 161 -28.80 42.92 8.25
N SER B 162 -28.48 44.22 8.17
CA SER B 162 -28.25 44.93 6.93
C SER B 162 -27.27 44.19 6.01
N VAL B 163 -27.47 44.33 4.68
CA VAL B 163 -26.66 43.62 3.70
C VAL B 163 -26.33 44.54 2.54
N ASN B 164 -25.26 44.18 1.82
CA ASN B 164 -24.73 44.96 0.71
C ASN B 164 -24.43 44.01 -0.45
N PRO B 165 -25.46 43.56 -1.21
CA PRO B 165 -25.25 42.60 -2.29
C PRO B 165 -24.44 43.25 -3.41
N ASN B 166 -23.73 42.44 -4.19
CA ASN B 166 -23.05 42.95 -5.37
C ASN B 166 -22.78 41.79 -6.34
N VAL B 167 -22.58 42.13 -7.60
CA VAL B 167 -22.32 41.19 -8.67
C VAL B 167 -20.98 40.49 -8.42
N LYS B 168 -20.02 41.20 -7.83
CA LYS B 168 -18.72 40.64 -7.50
C LYS B 168 -18.87 39.36 -6.66
N THR B 169 -19.70 39.43 -5.61
CA THR B 169 -19.99 38.26 -4.79
C THR B 169 -20.67 37.16 -5.61
N TYR B 170 -21.66 37.53 -6.43
CA TYR B 170 -22.39 36.55 -7.23
C TYR B 170 -21.44 35.80 -8.15
N GLU B 171 -20.51 36.54 -8.76
CA GLU B 171 -19.55 35.94 -9.70
C GLU B 171 -18.74 34.87 -8.98
N LYS B 172 -18.35 35.15 -7.74
CA LYS B 172 -17.55 34.22 -6.96
C LYS B 172 -18.36 32.97 -6.64
N VAL B 173 -19.66 33.17 -6.33
CA VAL B 173 -20.54 32.05 -6.03
C VAL B 173 -20.66 31.13 -7.25
N PHE B 174 -20.89 31.72 -8.43
CA PHE B 174 -21.16 30.96 -9.64
C PHE B 174 -19.94 30.19 -10.12
N GLU B 175 -18.75 30.67 -9.75
CA GLU B 175 -17.51 30.00 -10.11
C GLU B 175 -17.43 28.62 -9.46
N ARG B 176 -18.06 28.43 -8.30
CA ARG B 176 -17.98 27.17 -7.58
C ARG B 176 -18.92 26.09 -8.16
N PHE B 177 -19.90 26.47 -8.98
CA PHE B 177 -20.77 25.45 -9.56
C PHE B 177 -20.02 24.71 -10.65
N ASN B 178 -20.22 23.40 -10.73
CA ASN B 178 -19.73 22.62 -11.84
C ASN B 178 -20.44 23.05 -13.13
N PHE B 179 -19.67 23.07 -14.22
CA PHE B 179 -20.19 23.47 -15.52
C PHE B 179 -21.38 22.59 -15.92
N ASN B 180 -21.36 21.33 -15.48
CA ASN B 180 -22.33 20.34 -15.90
C ASN B 180 -23.61 20.41 -15.05
N GLN B 181 -23.64 21.27 -14.03
CA GLN B 181 -24.85 21.43 -13.25
C GLN B 181 -25.79 22.36 -14.01
N LYS B 182 -26.82 21.78 -14.65
CA LYS B 182 -27.68 22.53 -15.56
C LYS B 182 -28.43 23.64 -14.83
N VAL B 183 -29.08 23.32 -13.69
CA VAL B 183 -29.81 24.34 -12.93
C VAL B 183 -29.01 24.70 -11.68
N LYS B 184 -28.82 26.02 -11.46
CA LYS B 184 -27.98 26.48 -10.35
C LYS B 184 -28.82 27.34 -9.43
N VAL B 185 -29.26 26.79 -8.29
CA VAL B 185 -30.15 27.46 -7.35
C VAL B 185 -29.35 28.36 -6.41
N VAL B 186 -29.83 29.60 -6.23
CA VAL B 186 -29.22 30.55 -5.30
C VAL B 186 -30.30 31.15 -4.40
N ASN B 187 -30.08 31.08 -3.08
CA ASN B 187 -31.01 31.57 -2.08
C ASN B 187 -30.69 33.01 -1.67
N GLN B 188 -31.73 33.86 -1.57
CA GLN B 188 -31.59 35.23 -1.12
C GLN B 188 -32.66 35.56 -0.06
N SER B 189 -32.30 35.39 1.23
CA SER B 189 -33.19 35.73 2.32
C SER B 189 -32.94 37.17 2.80
N PHE B 190 -32.97 38.09 1.85
CA PHE B 190 -32.84 39.52 2.13
C PHE B 190 -33.60 40.23 1.02
N GLY B 191 -33.94 41.50 1.27
CA GLY B 191 -34.48 42.35 0.22
C GLY B 191 -34.94 43.70 0.75
N ALA B 192 -35.26 44.60 -0.19
CA ALA B 192 -35.62 45.98 0.07
C ALA B 192 -36.94 46.10 0.84
N ASP B 193 -37.05 47.23 1.55
CA ASP B 193 -38.24 47.61 2.30
C ASP B 193 -39.21 48.37 1.39
N ILE B 194 -39.43 47.87 0.17
CA ILE B 194 -40.34 48.51 -0.76
C ILE B 194 -40.92 47.43 -1.68
N THR B 195 -42.23 47.50 -1.95
CA THR B 195 -42.84 46.54 -2.86
C THR B 195 -42.38 46.82 -4.29
N ILE B 196 -42.48 45.79 -5.14
CA ILE B 196 -42.07 45.91 -6.54
C ILE B 196 -42.85 47.03 -7.24
N GLU B 197 -44.17 47.10 -7.02
CA GLU B 197 -44.98 48.07 -7.75
C GLU B 197 -44.63 49.50 -7.32
N GLU B 198 -44.10 49.69 -6.10
CA GLU B 198 -43.76 51.02 -5.61
C GLU B 198 -42.30 51.33 -5.89
N ALA B 199 -41.52 50.36 -6.37
CA ALA B 199 -40.10 50.59 -6.55
C ALA B 199 -39.91 51.72 -7.56
N PRO B 200 -39.04 52.71 -7.26
CA PRO B 200 -38.87 53.87 -8.16
C PRO B 200 -38.00 53.57 -9.37
N TYR B 201 -38.46 52.66 -10.24
CA TYR B 201 -37.75 52.28 -11.46
C TYR B 201 -38.76 52.05 -12.56
N THR B 202 -38.30 52.02 -13.82
CA THR B 202 -39.16 51.68 -14.93
C THR B 202 -38.47 50.58 -15.72
N LYS B 203 -39.20 49.98 -16.68
CA LYS B 203 -38.62 48.95 -17.52
CA LYS B 203 -38.62 48.95 -17.52
C LYS B 203 -37.48 49.56 -18.35
N ASN B 204 -37.52 50.89 -18.55
CA ASN B 204 -36.56 51.55 -19.43
C ASN B 204 -35.28 51.91 -18.70
N ASN B 205 -35.33 52.04 -17.37
CA ASN B 205 -34.14 52.44 -16.65
C ASN B 205 -33.60 51.38 -15.67
N ILE B 206 -34.31 50.25 -15.49
CA ILE B 206 -33.93 49.30 -14.44
C ILE B 206 -32.52 48.78 -14.69
N ARG B 207 -32.14 48.62 -15.96
CA ARG B 207 -30.84 48.10 -16.36
C ARG B 207 -29.73 49.15 -16.27
N ASN B 208 -30.01 50.31 -15.67
CA ASN B 208 -28.98 51.33 -15.56
C ASN B 208 -28.34 51.26 -14.19
N TYR B 209 -28.94 50.48 -13.27
CA TYR B 209 -28.52 50.53 -11.87
C TYR B 209 -27.49 49.47 -11.54
N VAL B 210 -26.45 49.91 -10.82
CA VAL B 210 -25.32 49.11 -10.40
C VAL B 210 -25.28 49.14 -8.88
N TRP B 211 -25.05 47.98 -8.26
CA TRP B 211 -24.78 47.97 -6.83
C TRP B 211 -23.39 48.58 -6.59
N ALA B 212 -23.17 49.09 -5.37
CA ALA B 212 -21.91 49.73 -5.00
C ALA B 212 -20.72 48.84 -5.35
N GLY B 213 -19.82 49.38 -6.18
CA GLY B 213 -18.57 48.70 -6.47
C GLY B 213 -18.62 47.98 -7.81
N ASP B 214 -19.83 47.74 -8.32
CA ASP B 214 -19.96 46.94 -9.52
C ASP B 214 -19.83 47.82 -10.76
N SER B 215 -19.45 47.22 -11.89
CA SER B 215 -19.57 47.92 -13.14
C SER B 215 -20.67 47.30 -13.99
N LYS B 216 -21.13 46.07 -13.66
CA LYS B 216 -22.24 45.47 -14.38
C LYS B 216 -23.55 45.75 -13.64
N PRO B 217 -24.58 46.32 -14.30
CA PRO B 217 -25.89 46.49 -13.65
C PRO B 217 -26.45 45.14 -13.22
N PHE B 218 -27.02 45.08 -12.01
CA PHE B 218 -27.51 43.83 -11.45
C PHE B 218 -28.59 43.19 -12.34
N ALA B 219 -29.49 43.99 -12.92
CA ALA B 219 -30.56 43.46 -13.75
C ALA B 219 -29.97 42.73 -14.95
N THR B 220 -28.94 43.33 -15.55
CA THR B 220 -28.29 42.74 -16.73
C THR B 220 -27.59 41.45 -16.32
N TYR B 221 -26.94 41.48 -15.15
CA TYR B 221 -26.25 40.30 -14.65
C TYR B 221 -27.25 39.15 -14.49
N PHE B 222 -28.36 39.42 -13.78
CA PHE B 222 -29.37 38.40 -13.52
C PHE B 222 -29.92 37.83 -14.83
N GLU B 223 -30.11 38.69 -15.85
CA GLU B 223 -30.57 38.24 -17.16
C GLU B 223 -29.60 37.25 -17.76
N GLU B 224 -28.30 37.54 -17.65
CA GLU B 224 -27.28 36.64 -18.20
C GLU B 224 -27.33 35.30 -17.50
N LYS B 225 -27.43 35.33 -16.16
CA LYS B 225 -27.41 34.08 -15.37
C LYS B 225 -28.64 33.24 -15.69
N VAL B 226 -29.82 33.87 -15.74
CA VAL B 226 -31.07 33.16 -15.99
C VAL B 226 -31.10 32.64 -17.42
N ASN B 227 -30.70 33.46 -18.40
CA ASN B 227 -30.79 33.08 -19.80
C ASN B 227 -29.66 32.16 -20.25
N ASN B 228 -28.46 32.27 -19.67
CA ASN B 228 -27.37 31.46 -20.19
C ASN B 228 -26.89 30.37 -19.25
N ASP B 229 -27.12 30.50 -17.93
CA ASP B 229 -26.35 29.68 -17.00
C ASP B 229 -27.22 28.81 -16.10
N GLY B 230 -28.52 28.74 -16.41
CA GLY B 230 -29.46 27.96 -15.64
C GLY B 230 -29.64 28.48 -14.21
N GLY B 231 -29.37 29.77 -13.99
CA GLY B 231 -29.59 30.39 -12.69
C GLY B 231 -31.07 30.33 -12.28
N LEU B 232 -31.31 29.95 -11.02
CA LEU B 232 -32.66 29.95 -10.46
C LEU B 232 -32.58 30.70 -9.13
N PHE B 233 -33.15 31.92 -9.11
CA PHE B 233 -32.96 32.83 -8.00
C PHE B 233 -34.19 32.84 -7.10
N VAL B 234 -34.02 32.40 -5.85
CA VAL B 234 -35.09 32.31 -4.88
C VAL B 234 -34.95 33.47 -3.88
N TRP B 235 -36.02 34.25 -3.71
CA TRP B 235 -36.03 35.45 -2.89
C TRP B 235 -37.14 35.38 -1.85
N ALA B 236 -36.83 35.76 -0.62
CA ALA B 236 -37.86 35.97 0.40
C ALA B 236 -38.79 37.08 -0.07
N ALA B 237 -40.10 36.85 0.01
CA ALA B 237 -41.08 37.80 -0.52
C ALA B 237 -41.09 39.09 0.27
N GLY B 238 -40.77 39.04 1.56
CA GLY B 238 -40.85 40.23 2.42
C GLY B 238 -41.63 39.97 3.72
N ASN B 239 -41.40 40.83 4.70
CA ASN B 239 -41.99 40.74 6.01
C ASN B 239 -43.02 41.85 6.18
N ARG B 240 -42.62 42.95 6.86
CA ARG B 240 -43.47 44.12 7.07
C ARG B 240 -42.86 45.32 6.34
N LYS B 241 -43.64 46.39 6.23
CA LYS B 241 -43.16 47.63 5.66
C LYS B 241 -42.80 48.59 6.80
N GLY B 242 -41.53 48.98 6.88
CA GLY B 242 -41.08 49.99 7.82
C GLY B 242 -41.02 49.50 9.26
N ALA B 243 -40.78 48.20 9.49
CA ALA B 243 -40.62 47.71 10.85
C ALA B 243 -39.28 48.17 11.42
N THR B 244 -39.25 48.37 12.74
CA THR B 244 -38.03 48.71 13.46
C THR B 244 -37.99 47.82 14.69
N GLU B 245 -36.98 48.03 15.55
CA GLU B 245 -36.86 47.23 16.75
C GLU B 245 -38.01 47.52 17.70
N THR B 246 -38.67 48.67 17.57
CA THR B 246 -39.76 49.01 18.47
C THR B 246 -41.12 49.09 17.75
N ASN B 247 -41.12 49.12 16.41
CA ASN B 247 -42.35 49.29 15.65
C ASN B 247 -42.54 48.10 14.71
N PRO B 248 -43.67 47.36 14.75
CA PRO B 248 -43.89 46.23 13.83
C PRO B 248 -44.23 46.62 12.39
N GLY B 249 -44.21 47.92 12.08
CA GLY B 249 -44.38 48.42 10.72
C GLY B 249 -45.78 48.19 10.17
N GLN B 250 -45.97 48.40 8.86
CA GLN B 250 -47.28 48.22 8.24
C GLN B 250 -47.31 46.96 7.36
N ASP B 251 -48.53 46.58 6.94
CA ASP B 251 -48.78 45.47 6.04
C ASP B 251 -48.02 45.68 4.73
N MET B 252 -47.36 44.64 4.25
CA MET B 252 -46.71 44.65 2.94
C MET B 252 -47.56 43.79 2.00
N ASP B 253 -48.30 44.42 1.07
CA ASP B 253 -49.33 43.69 0.36
C ASP B 253 -48.86 43.18 -1.01
N SER B 254 -47.55 43.13 -1.22
CA SER B 254 -46.96 42.60 -2.44
C SER B 254 -45.50 42.28 -2.12
N VAL B 255 -44.83 41.55 -3.01
CA VAL B 255 -43.45 41.15 -2.77
C VAL B 255 -42.52 42.36 -2.86
N GLY B 256 -41.32 42.21 -2.26
CA GLY B 256 -40.29 43.21 -2.29
C GLY B 256 -39.75 43.39 -3.70
N MET B 257 -39.02 44.50 -3.88
CA MET B 257 -38.51 44.86 -5.19
C MET B 257 -37.73 43.72 -5.87
N GLU B 258 -36.74 43.15 -5.16
CA GLU B 258 -35.90 42.14 -5.79
C GLU B 258 -36.71 40.88 -6.05
N ALA B 259 -37.52 40.48 -5.05
CA ALA B 259 -38.39 39.32 -5.21
C ALA B 259 -39.32 39.50 -6.42
N GLY B 260 -39.68 40.76 -6.72
CA GLY B 260 -40.62 41.05 -7.80
C GLY B 260 -39.95 41.51 -9.09
N LEU B 261 -38.62 41.39 -9.21
CA LEU B 261 -37.88 41.99 -10.33
C LEU B 261 -38.44 41.62 -11.71
N PRO B 262 -38.98 40.40 -11.97
CA PRO B 262 -39.54 40.10 -13.30
C PRO B 262 -40.60 41.08 -13.81
N TYR B 263 -41.29 41.77 -12.89
CA TYR B 263 -42.27 42.81 -13.18
C TYR B 263 -41.58 43.92 -13.98
N LEU B 264 -40.30 44.17 -13.74
CA LEU B 264 -39.55 45.19 -14.48
C LEU B 264 -38.72 44.60 -15.61
N VAL B 265 -38.30 43.34 -15.45
CA VAL B 265 -37.48 42.66 -16.43
C VAL B 265 -38.09 41.30 -16.68
N ASN B 266 -38.98 41.22 -17.68
CA ASN B 266 -39.82 40.05 -17.89
C ASN B 266 -39.03 38.75 -18.09
N ASP B 267 -37.87 38.82 -18.73
CA ASP B 267 -37.17 37.60 -19.08
C ASP B 267 -36.50 36.94 -17.87
N LEU B 268 -36.60 37.58 -16.68
CA LEU B 268 -36.12 37.00 -15.43
C LEU B 268 -37.12 35.99 -14.88
N GLU B 269 -38.40 36.11 -15.25
CA GLU B 269 -39.44 35.30 -14.63
C GLU B 269 -39.07 33.80 -14.65
N LYS B 270 -38.56 33.30 -15.78
CA LYS B 270 -38.35 31.87 -15.95
C LYS B 270 -37.30 31.35 -14.96
N GLY B 271 -36.50 32.23 -14.37
CA GLY B 271 -35.51 31.83 -13.38
C GLY B 271 -35.70 32.51 -12.02
N TRP B 272 -36.95 32.82 -11.65
CA TRP B 272 -37.24 33.59 -10.46
C TRP B 272 -38.33 32.94 -9.61
N ILE B 273 -38.13 32.92 -8.29
CA ILE B 273 -39.20 32.53 -7.38
C ILE B 273 -39.17 33.51 -6.21
N ALA B 274 -40.36 34.05 -5.89
CA ALA B 274 -40.54 34.83 -4.68
C ALA B 274 -41.23 33.93 -3.66
N VAL B 275 -40.85 34.05 -2.37
CA VAL B 275 -41.34 33.07 -1.40
C VAL B 275 -42.04 33.76 -0.23
N VAL B 276 -43.36 33.53 -0.16
CA VAL B 276 -44.21 34.04 0.89
C VAL B 276 -44.04 33.15 2.13
N GLY B 277 -43.86 33.77 3.31
CA GLY B 277 -43.76 33.02 4.55
C GLY B 277 -45.13 32.83 5.20
N ILE B 278 -45.49 31.57 5.51
CA ILE B 278 -46.78 31.29 6.12
C ILE B 278 -46.60 30.19 7.19
N GLN B 279 -47.68 29.88 7.92
CA GLN B 279 -47.64 28.91 9.00
C GLN B 279 -48.25 27.59 8.53
N PRO B 280 -47.55 26.44 8.74
CA PRO B 280 -48.15 25.14 8.50
C PRO B 280 -49.44 24.99 9.31
N LYS B 281 -49.44 25.55 10.54
CA LYS B 281 -50.58 25.47 11.46
C LYS B 281 -50.75 26.82 12.15
N GLU B 282 -51.97 27.36 12.12
CA GLU B 282 -52.33 28.65 12.70
C GLU B 282 -51.90 28.73 14.18
N THR B 283 -51.22 29.82 14.54
CA THR B 283 -50.81 30.10 15.90
C THR B 283 -51.44 31.41 16.41
N VAL B 284 -51.29 31.67 17.71
CA VAL B 284 -51.71 32.91 18.35
CA VAL B 284 -51.73 32.90 18.36
C VAL B 284 -50.55 33.43 19.18
N ARG B 285 -50.32 34.76 19.07
CA ARG B 285 -49.21 35.41 19.76
C ARG B 285 -49.50 35.48 21.25
N VAL B 286 -48.51 35.05 22.07
CA VAL B 286 -48.69 35.13 23.51
C VAL B 286 -47.59 35.94 24.21
N GLY B 287 -46.50 36.27 23.51
CA GLY B 287 -45.39 36.96 24.14
C GLY B 287 -44.20 37.20 23.21
N THR B 288 -43.07 37.60 23.79
CA THR B 288 -41.82 37.85 23.07
C THR B 288 -40.66 37.41 23.96
N ALA B 289 -39.77 36.57 23.43
CA ALA B 289 -38.65 36.04 24.20
C ALA B 289 -37.63 37.14 24.50
N PRO B 290 -36.73 36.95 25.52
CA PRO B 290 -35.63 37.88 25.77
C PRO B 290 -34.93 38.43 24.53
N ASP B 291 -34.72 37.56 23.52
CA ASP B 291 -33.90 37.92 22.37
C ASP B 291 -34.69 38.73 21.34
N GLY B 292 -36.02 38.72 21.44
CA GLY B 292 -36.86 39.47 20.52
C GLY B 292 -37.67 38.54 19.60
N THR B 293 -37.37 37.22 19.66
CA THR B 293 -38.07 36.18 18.92
C THR B 293 -39.50 36.02 19.46
N PRO B 294 -40.52 35.76 18.60
CA PRO B 294 -41.90 35.58 19.07
C PRO B 294 -42.14 34.33 19.95
N ILE B 295 -43.10 34.45 20.87
CA ILE B 295 -43.66 33.34 21.62
C ILE B 295 -45.13 33.19 21.22
N VAL B 296 -45.44 32.03 20.62
CA VAL B 296 -46.75 31.77 20.05
C VAL B 296 -47.25 30.41 20.56
N ASN B 297 -48.57 30.24 20.53
CA ASN B 297 -49.20 28.96 20.82
C ASN B 297 -50.02 28.51 19.63
N ILE B 298 -50.06 27.19 19.36
CA ILE B 298 -50.92 26.63 18.33
C ILE B 298 -52.37 26.94 18.66
N LYS B 299 -53.05 27.61 17.73
CA LYS B 299 -54.45 27.97 17.89
C LYS B 299 -55.32 26.72 17.94
N PRO B 300 -56.27 26.63 18.89
CA PRO B 300 -57.17 25.48 18.97
C PRO B 300 -57.96 25.39 17.67
N ASN B 301 -57.96 24.21 17.05
CA ASN B 301 -58.68 24.03 15.81
C ASN B 301 -58.17 24.99 14.72
N GLY B 302 -56.89 25.39 14.79
CA GLY B 302 -56.32 26.33 13.83
C GLY B 302 -56.25 25.77 12.41
N LYS B 303 -56.36 26.67 11.43
CA LYS B 303 -56.30 26.31 10.03
C LYS B 303 -54.86 25.96 9.64
N LEU B 304 -54.72 25.23 8.52
CA LEU B 304 -53.42 24.85 8.00
C LEU B 304 -53.03 25.77 6.86
N ASN B 305 -51.72 26.03 6.72
CA ASN B 305 -51.16 26.74 5.58
C ASN B 305 -51.79 28.13 5.48
N ILE B 306 -51.47 29.01 6.44
CA ILE B 306 -52.21 30.26 6.57
C ILE B 306 -51.28 31.36 7.07
N HIS B 307 -51.51 32.58 6.59
CA HIS B 307 -50.79 33.76 7.05
C HIS B 307 -51.06 34.03 8.53
N ARG B 308 -50.21 34.86 9.15
CA ARG B 308 -50.39 35.26 10.55
C ARG B 308 -51.41 36.39 10.62
N THR B 309 -51.73 36.83 11.85
CA THR B 309 -52.76 37.84 12.03
C THR B 309 -52.15 39.16 12.49
N GLY B 310 -52.87 40.27 12.21
CA GLY B 310 -52.53 41.58 12.75
C GLY B 310 -51.16 42.03 12.27
N THR B 311 -50.36 42.58 13.19
CA THR B 311 -49.08 43.16 12.86
C THR B 311 -47.99 42.10 12.76
N ASP B 312 -48.38 40.83 12.92
CA ASP B 312 -47.48 39.70 12.69
C ASP B 312 -47.51 39.25 11.21
N ARG B 313 -48.49 39.72 10.43
CA ARG B 313 -48.70 39.18 9.08
C ARG B 313 -47.57 39.58 8.13
N LEU B 314 -47.00 38.59 7.41
CA LEU B 314 -45.91 38.84 6.48
C LEU B 314 -46.46 39.25 5.12
N ALA B 315 -45.56 39.50 4.17
CA ALA B 315 -45.91 40.00 2.86
C ALA B 315 -46.78 39.00 2.10
N TYR B 316 -47.75 39.55 1.35
CA TYR B 316 -48.53 38.85 0.33
C TYR B 316 -47.72 38.86 -0.96
N ALA B 317 -48.07 37.97 -1.91
CA ALA B 317 -47.46 37.97 -3.21
C ALA B 317 -47.93 39.19 -3.99
N GLY B 318 -49.20 39.57 -3.76
CA GLY B 318 -49.84 40.60 -4.55
C GLY B 318 -50.30 40.01 -5.88
N ASP B 319 -51.05 40.83 -6.64
CA ASP B 319 -51.75 40.33 -7.80
C ASP B 319 -50.86 40.34 -9.05
N ASN B 320 -49.60 40.72 -8.92
CA ASN B 320 -48.71 40.73 -10.08
C ASN B 320 -47.69 39.60 -9.97
N ALA B 321 -46.91 39.61 -8.89
CA ALA B 321 -45.83 38.65 -8.63
C ALA B 321 -46.34 37.25 -8.29
N LYS B 322 -47.65 37.10 -8.04
CA LYS B 322 -48.20 35.82 -7.61
C LYS B 322 -47.87 34.68 -8.60
N TYR B 323 -47.65 35.00 -9.89
CA TYR B 323 -47.34 33.98 -10.89
C TYR B 323 -45.97 33.32 -10.67
N TRP B 324 -45.03 34.02 -10.01
CA TRP B 324 -43.75 33.39 -9.72
C TRP B 324 -43.52 33.25 -8.21
N SER B 325 -44.64 33.20 -7.46
CA SER B 325 -44.60 33.11 -6.02
C SER B 325 -45.14 31.76 -5.53
N ILE B 326 -44.62 31.37 -4.35
CA ILE B 326 -45.00 30.15 -3.67
C ILE B 326 -44.84 30.44 -2.17
N SER B 327 -45.59 29.73 -1.35
CA SER B 327 -45.52 29.86 0.11
C SER B 327 -44.71 28.71 0.70
N ALA B 328 -44.10 28.97 1.87
CA ALA B 328 -43.41 27.95 2.66
C ALA B 328 -43.41 28.38 4.13
N ASP B 329 -43.09 27.42 4.99
CA ASP B 329 -43.03 27.57 6.44
C ASP B 329 -42.07 28.73 6.78
N ASP B 330 -42.52 29.68 7.60
CA ASP B 330 -41.78 30.89 7.90
C ASP B 330 -40.94 30.77 9.18
N SER B 331 -40.76 29.55 9.73
CA SER B 331 -40.10 29.37 11.01
CA SER B 331 -40.10 29.37 11.01
C SER B 331 -38.65 28.92 10.84
N ALA B 332 -37.74 29.54 11.61
CA ALA B 332 -36.36 29.07 11.69
C ALA B 332 -36.34 27.74 12.44
N ILE B 333 -35.18 27.06 12.47
CA ILE B 333 -35.08 25.83 13.25
C ILE B 333 -35.06 26.22 14.72
N PRO B 334 -35.98 25.70 15.58
CA PRO B 334 -36.09 26.18 16.96
C PRO B 334 -34.88 25.79 17.80
N THR B 335 -34.44 26.70 18.69
CA THR B 335 -33.44 26.41 19.70
C THR B 335 -34.06 26.69 21.07
N ALA B 336 -34.12 25.64 21.89
CA ALA B 336 -34.66 25.71 23.24
C ALA B 336 -36.04 26.35 23.20
N GLY B 337 -36.90 25.91 22.27
CA GLY B 337 -38.30 26.29 22.21
C GLY B 337 -38.56 27.71 21.70
N ARG B 338 -37.52 28.45 21.34
CA ARG B 338 -37.71 29.72 20.64
C ARG B 338 -37.33 29.57 19.17
N ALA B 339 -38.04 30.28 18.29
CA ALA B 339 -37.73 30.28 16.86
C ALA B 339 -38.01 31.65 16.23
N GLY B 340 -37.02 32.14 15.46
CA GLY B 340 -37.23 33.27 14.56
C GLY B 340 -38.32 32.97 13.52
N ILE B 341 -39.02 34.04 13.09
CA ILE B 341 -40.15 33.96 12.18
C ILE B 341 -39.88 34.94 11.06
N GLY B 342 -40.11 34.55 9.80
CA GLY B 342 -39.89 35.46 8.69
C GLY B 342 -39.85 34.74 7.34
N SER B 343 -40.08 35.51 6.28
CA SER B 343 -39.95 34.97 4.93
C SER B 343 -38.49 34.55 4.66
N SER B 344 -37.57 35.02 5.51
CA SER B 344 -36.17 34.59 5.44
C SER B 344 -36.04 33.08 5.61
N TYR B 345 -37.01 32.45 6.29
CA TYR B 345 -36.92 31.04 6.62
C TYR B 345 -37.77 30.22 5.65
N ALA B 346 -38.65 30.91 4.91
CA ALA B 346 -39.46 30.26 3.89
C ALA B 346 -38.63 30.09 2.60
N ALA B 347 -37.88 31.12 2.21
CA ALA B 347 -37.08 31.07 0.99
C ALA B 347 -36.17 29.84 0.93
N PRO B 348 -35.36 29.56 1.99
CA PRO B 348 -34.41 28.43 1.96
C PRO B 348 -35.09 27.06 1.78
N ARG B 349 -36.35 26.91 2.22
CA ARG B 349 -37.07 25.67 2.01
C ARG B 349 -37.37 25.49 0.52
N VAL B 350 -37.73 26.60 -0.15
CA VAL B 350 -37.99 26.55 -1.57
C VAL B 350 -36.66 26.32 -2.31
N SER B 351 -35.60 27.00 -1.89
CA SER B 351 -34.30 26.82 -2.52
C SER B 351 -33.87 25.35 -2.44
N ARG B 352 -34.12 24.75 -1.26
CA ARG B 352 -33.75 23.36 -1.04
C ARG B 352 -34.58 22.47 -1.97
N ALA B 353 -35.90 22.66 -1.99
CA ALA B 353 -36.76 21.81 -2.81
C ALA B 353 -36.38 21.95 -4.29
N ALA B 354 -36.09 23.18 -4.73
CA ALA B 354 -35.68 23.44 -6.10
C ALA B 354 -34.40 22.69 -6.45
N ALA B 355 -33.39 22.78 -5.57
CA ALA B 355 -32.11 22.11 -5.79
C ALA B 355 -32.28 20.58 -5.87
N LEU B 356 -33.15 20.01 -5.02
CA LEU B 356 -33.38 18.57 -5.00
C LEU B 356 -34.13 18.12 -6.26
N VAL B 357 -35.13 18.89 -6.68
CA VAL B 357 -35.88 18.61 -7.90
C VAL B 357 -34.95 18.64 -9.11
N ALA B 358 -34.10 19.69 -9.17
CA ALA B 358 -33.17 19.85 -10.27
C ALA B 358 -32.19 18.66 -10.29
N GLU B 359 -31.75 18.21 -9.11
CA GLU B 359 -30.82 17.10 -9.01
C GLU B 359 -31.45 15.83 -9.62
N LYS B 360 -32.71 15.53 -9.24
CA LYS B 360 -33.37 14.32 -9.64
C LYS B 360 -33.74 14.37 -11.12
N PHE B 361 -34.27 15.51 -11.56
CA PHE B 361 -34.62 15.70 -12.97
C PHE B 361 -33.61 16.66 -13.58
N ASP B 362 -32.36 16.20 -13.75
CA ASP B 362 -31.23 17.07 -14.06
C ASP B 362 -31.25 17.54 -15.52
N TRP B 363 -32.16 16.99 -16.32
CA TRP B 363 -32.43 17.45 -17.65
C TRP B 363 -33.40 18.64 -17.68
N MET B 364 -34.08 18.95 -16.57
CA MET B 364 -35.05 20.05 -16.57
C MET B 364 -34.33 21.40 -16.65
N THR B 365 -34.98 22.38 -17.29
CA THR B 365 -34.56 23.77 -17.25
C THR B 365 -34.98 24.35 -15.90
N ALA B 366 -34.43 25.52 -15.53
CA ALA B 366 -34.82 26.18 -14.31
C ALA B 366 -36.33 26.41 -14.30
N ASP B 367 -36.89 26.80 -15.46
CA ASP B 367 -38.30 27.11 -15.57
C ASP B 367 -39.15 25.86 -15.31
N GLN B 368 -38.66 24.69 -15.76
CA GLN B 368 -39.38 23.43 -15.54
C GLN B 368 -39.35 23.05 -14.06
N VAL B 369 -38.25 23.40 -13.38
CA VAL B 369 -38.16 23.18 -11.94
C VAL B 369 -39.20 24.06 -11.22
N ARG B 370 -39.30 25.34 -11.62
CA ARG B 370 -40.30 26.24 -11.03
C ARG B 370 -41.70 25.64 -11.21
N GLN B 371 -42.03 25.23 -12.44
CA GLN B 371 -43.36 24.69 -12.72
C GLN B 371 -43.61 23.44 -11.88
N THR B 372 -42.57 22.61 -11.69
CA THR B 372 -42.69 21.42 -10.83
C THR B 372 -43.11 21.83 -9.41
N LEU B 373 -42.40 22.81 -8.82
CA LEU B 373 -42.74 23.27 -7.48
C LEU B 373 -44.16 23.88 -7.44
N PHE B 374 -44.50 24.74 -8.41
CA PHE B 374 -45.76 25.46 -8.39
C PHE B 374 -46.95 24.50 -8.56
N THR B 375 -46.77 23.40 -9.32
CA THR B 375 -47.90 22.55 -9.68
C THR B 375 -48.06 21.35 -8.73
N THR B 376 -47.35 21.35 -7.59
CA THR B 376 -47.39 20.23 -6.65
C THR B 376 -47.60 20.72 -5.22
N THR B 377 -48.05 21.97 -5.07
CA THR B 377 -48.29 22.58 -3.78
C THR B 377 -49.52 21.99 -3.08
N ASP B 378 -49.60 22.22 -1.77
CA ASP B 378 -50.79 21.98 -0.97
C ASP B 378 -51.63 23.26 -0.95
N ASP B 379 -52.94 23.08 -0.74
CA ASP B 379 -53.86 24.20 -0.65
C ASP B 379 -53.70 24.92 0.70
N THR B 380 -54.31 26.11 0.81
CA THR B 380 -54.08 27.02 1.93
C THR B 380 -55.35 27.29 2.72
N GLU B 381 -55.20 27.64 4.02
CA GLU B 381 -56.31 27.96 4.90
C GLU B 381 -57.26 26.77 5.01
N LEU B 382 -56.71 25.60 5.28
CA LEU B 382 -57.45 24.35 5.31
C LEU B 382 -57.91 24.08 6.73
N ASP B 383 -59.02 23.35 6.84
CA ASP B 383 -59.55 22.90 8.11
C ASP B 383 -58.53 22.03 8.85
N ALA B 384 -58.49 22.19 10.18
CA ALA B 384 -57.59 21.47 11.06
C ALA B 384 -57.72 19.96 10.87
N SER B 385 -58.91 19.50 10.48
CA SER B 385 -59.14 18.06 10.37
C SER B 385 -58.38 17.45 9.18
N LEU B 386 -57.82 18.29 8.31
CA LEU B 386 -57.09 17.77 7.17
C LEU B 386 -55.62 17.49 7.49
N ALA B 387 -55.20 17.66 8.76
CA ALA B 387 -53.82 17.41 9.16
C ALA B 387 -53.51 15.91 9.13
N GLY B 388 -52.24 15.54 9.24
CA GLY B 388 -51.84 14.14 9.30
C GLY B 388 -51.43 13.58 7.93
N ASN B 389 -50.48 12.65 7.96
CA ASN B 389 -49.92 12.03 6.76
C ASN B 389 -50.99 11.30 5.95
N ALA B 390 -51.98 10.73 6.61
CA ALA B 390 -53.01 9.99 5.89
C ALA B 390 -53.81 10.95 4.99
N ASN B 391 -53.76 12.25 5.28
CA ASN B 391 -54.52 13.22 4.51
C ASN B 391 -53.62 14.03 3.54
N ALA B 392 -52.37 13.61 3.38
CA ALA B 392 -51.38 14.36 2.62
C ALA B 392 -51.88 14.67 1.21
N GLU B 393 -52.51 13.70 0.51
CA GLU B 393 -52.99 13.94 -0.84
C GLU B 393 -54.31 14.72 -0.86
N LYS B 394 -55.07 14.62 0.25
CA LYS B 394 -56.30 15.39 0.33
C LYS B 394 -55.99 16.89 0.40
N ARG B 395 -54.81 17.26 0.91
CA ARG B 395 -54.44 18.65 1.08
C ARG B 395 -53.93 19.30 -0.23
N ARG B 396 -53.79 18.49 -1.31
CA ARG B 396 -53.20 18.98 -2.55
C ARG B 396 -54.02 20.14 -3.12
N ARG B 397 -53.37 21.21 -3.57
CA ARG B 397 -54.03 22.30 -4.27
C ARG B 397 -54.31 21.89 -5.72
N VAL B 398 -55.57 21.99 -6.14
CA VAL B 398 -55.90 21.69 -7.52
C VAL B 398 -56.61 22.92 -8.09
N LYS B 399 -55.80 23.90 -8.52
CA LYS B 399 -56.32 25.14 -9.05
C LYS B 399 -55.44 25.51 -10.23
N THR B 400 -56.03 26.22 -11.20
CA THR B 400 -55.32 26.49 -12.43
C THR B 400 -54.72 27.90 -12.38
N SER B 401 -54.82 28.60 -11.27
CA SER B 401 -54.19 29.92 -11.20
C SER B 401 -53.66 30.21 -9.80
N PRO B 402 -52.69 31.13 -9.64
CA PRO B 402 -52.14 31.43 -8.32
C PRO B 402 -53.03 32.49 -7.65
N ASP B 403 -52.79 32.83 -6.39
CA ASP B 403 -53.55 33.89 -5.75
C ASP B 403 -52.63 34.93 -5.08
N TYR B 404 -53.19 36.09 -4.77
CA TYR B 404 -52.46 37.25 -4.26
C TYR B 404 -51.86 37.04 -2.87
N LYS B 405 -52.45 36.13 -2.07
CA LYS B 405 -51.92 35.92 -0.72
C LYS B 405 -50.81 34.88 -0.69
N TYR B 406 -50.97 33.78 -1.46
CA TYR B 406 -50.15 32.59 -1.29
C TYR B 406 -49.35 32.21 -2.55
N GLY B 407 -49.53 32.97 -3.64
CA GLY B 407 -48.95 32.56 -4.91
C GLY B 407 -49.56 31.23 -5.36
N TRP B 408 -48.71 30.24 -5.66
CA TRP B 408 -49.14 28.95 -6.18
C TRP B 408 -49.51 28.00 -5.05
N GLY B 409 -49.38 28.44 -3.79
CA GLY B 409 -49.80 27.63 -2.66
C GLY B 409 -48.62 27.21 -1.77
N MET B 410 -48.87 26.22 -0.89
CA MET B 410 -47.88 25.81 0.09
C MET B 410 -46.95 24.75 -0.52
N LEU B 411 -45.66 25.05 -0.55
CA LEU B 411 -44.62 24.14 -1.02
C LEU B 411 -44.83 22.75 -0.45
N ASN B 412 -44.65 21.73 -1.29
CA ASN B 412 -44.61 20.35 -0.85
C ASN B 412 -43.42 19.67 -1.53
N GLN B 413 -42.31 19.57 -0.79
CA GLN B 413 -41.05 19.10 -1.33
C GLN B 413 -41.21 17.66 -1.83
N GLU B 414 -41.88 16.85 -1.02
CA GLU B 414 -42.03 15.43 -1.31
C GLU B 414 -42.83 15.21 -2.61
N ARG B 415 -43.92 15.97 -2.79
CA ARG B 415 -44.71 15.82 -4.00
C ARG B 415 -43.93 16.36 -5.21
N ALA B 416 -43.23 17.47 -5.01
CA ALA B 416 -42.43 18.07 -6.08
C ALA B 416 -41.40 17.05 -6.61
N LEU B 417 -40.82 16.25 -5.70
CA LEU B 417 -39.79 15.29 -6.13
C LEU B 417 -40.35 14.16 -7.00
N LYS B 418 -41.68 14.05 -7.12
CA LYS B 418 -42.27 13.05 -7.99
C LYS B 418 -42.57 13.66 -9.37
N GLY B 419 -42.11 14.89 -9.57
CA GLY B 419 -42.21 15.55 -10.87
C GLY B 419 -43.42 16.49 -10.96
N PRO B 420 -43.65 17.14 -12.12
CA PRO B 420 -44.71 18.12 -12.26
C PRO B 420 -46.08 17.56 -11.87
N GLY B 421 -46.97 18.44 -11.38
CA GLY B 421 -48.32 18.03 -11.09
C GLY B 421 -49.38 18.65 -12.01
N ALA B 422 -48.94 19.51 -12.94
CA ALA B 422 -49.88 20.02 -13.93
C ALA B 422 -49.10 20.50 -15.15
N PHE B 423 -49.70 20.30 -16.31
CA PHE B 423 -49.20 20.85 -17.56
C PHE B 423 -50.17 21.98 -17.96
N MET B 424 -49.75 23.21 -17.72
CA MET B 424 -50.54 24.39 -17.98
C MET B 424 -49.63 25.60 -17.86
N ASP B 425 -50.10 26.77 -18.32
CA ASP B 425 -49.33 28.00 -18.20
C ASP B 425 -49.35 28.43 -16.75
N VAL B 426 -48.17 28.64 -16.14
CA VAL B 426 -48.11 29.06 -14.74
C VAL B 426 -47.50 30.46 -14.63
N THR B 427 -47.26 31.12 -15.75
CA THR B 427 -46.44 32.33 -15.77
C THR B 427 -47.28 33.57 -16.08
N LYS B 428 -46.69 34.74 -15.80
CA LYS B 428 -47.27 36.02 -16.16
C LYS B 428 -46.80 36.42 -17.57
N TYR B 429 -45.56 36.09 -17.93
CA TYR B 429 -44.94 36.64 -19.13
C TYR B 429 -44.56 35.60 -20.17
N GLY B 430 -44.64 34.31 -19.82
CA GLY B 430 -44.27 33.26 -20.74
C GLY B 430 -45.52 32.49 -21.20
N ASN B 431 -45.31 31.24 -21.58
CA ASN B 431 -46.38 30.32 -21.88
C ASN B 431 -45.88 28.91 -21.68
N THR B 432 -46.19 28.35 -20.50
CA THR B 432 -45.68 27.02 -20.17
C THR B 432 -46.77 25.98 -20.40
N ASN B 433 -47.72 26.27 -21.29
CA ASN B 433 -48.82 25.38 -21.58
CA ASN B 433 -48.82 25.38 -21.58
C ASN B 433 -48.32 23.99 -21.97
N ILE B 434 -47.29 23.93 -22.82
CA ILE B 434 -46.67 22.70 -23.27
C ILE B 434 -45.45 22.42 -22.40
N PHE B 435 -45.34 21.22 -21.85
CA PHE B 435 -44.13 20.85 -21.14
C PHE B 435 -43.23 20.08 -22.10
N ASN B 436 -42.06 20.65 -22.43
CA ASN B 436 -41.11 20.06 -23.35
C ASN B 436 -40.06 19.27 -22.56
N ALA B 437 -40.35 17.99 -22.33
CA ALA B 437 -39.45 17.13 -21.58
C ALA B 437 -38.35 16.60 -22.51
N GLU B 438 -37.18 17.23 -22.45
CA GLU B 438 -36.03 16.81 -23.24
C GLU B 438 -35.12 15.96 -22.35
N ILE B 439 -35.22 14.64 -22.50
CA ILE B 439 -34.46 13.73 -21.64
C ILE B 439 -33.37 13.04 -22.47
N PRO B 440 -32.07 13.15 -22.11
CA PRO B 440 -30.98 12.58 -22.93
C PRO B 440 -30.87 11.06 -22.82
N ALA B 441 -30.13 10.46 -23.76
CA ALA B 441 -29.89 9.02 -23.79
C ALA B 441 -29.30 8.58 -22.44
N GLY B 442 -29.76 7.43 -21.93
CA GLY B 442 -29.20 6.91 -20.70
C GLY B 442 -29.89 7.46 -19.45
N LYS B 443 -30.86 8.37 -19.61
CA LYS B 443 -31.63 8.84 -18.47
C LYS B 443 -33.07 8.35 -18.56
N THR B 444 -33.61 7.87 -17.42
CA THR B 444 -35.03 7.52 -17.25
C THR B 444 -35.61 8.34 -16.09
N SER B 445 -36.77 9.00 -16.29
CA SER B 445 -37.43 9.72 -15.22
C SER B 445 -38.86 9.22 -15.04
N TYR B 446 -39.40 9.34 -13.82
CA TYR B 446 -40.77 8.92 -13.50
C TYR B 446 -41.55 10.14 -13.00
N PHE B 447 -42.67 10.43 -13.67
CA PHE B 447 -43.62 11.44 -13.23
C PHE B 447 -44.73 10.67 -12.52
N GLU B 448 -44.76 10.78 -11.19
CA GLU B 448 -45.61 9.87 -10.43
C GLU B 448 -46.84 10.58 -9.85
N ASN B 449 -47.01 11.87 -10.09
CA ASN B 449 -48.17 12.59 -9.57
C ASN B 449 -49.32 12.48 -10.56
N LYS B 450 -50.53 12.75 -10.06
CA LYS B 450 -51.65 12.98 -10.95
C LYS B 450 -51.50 14.38 -11.57
N ILE B 451 -51.42 14.41 -12.91
CA ILE B 451 -51.14 15.64 -13.61
C ILE B 451 -52.44 16.12 -14.27
N PHE B 452 -52.88 17.34 -13.89
CA PHE B 452 -54.05 17.99 -14.45
C PHE B 452 -53.58 19.15 -15.36
N GLY B 453 -54.52 19.92 -15.89
CA GLY B 453 -54.18 21.17 -16.56
C GLY B 453 -54.71 21.22 -17.99
N PHE B 454 -54.84 22.44 -18.52
CA PHE B 454 -55.34 22.68 -19.86
C PHE B 454 -54.29 22.32 -20.90
N GLY B 455 -53.00 22.30 -20.51
CA GLY B 455 -51.90 22.07 -21.43
C GLY B 455 -51.52 20.60 -21.61
N GLY B 456 -50.29 20.36 -22.08
CA GLY B 456 -49.91 19.02 -22.50
C GLY B 456 -48.40 18.77 -22.49
N LEU B 457 -47.97 17.67 -23.12
CA LEU B 457 -46.61 17.17 -23.00
C LEU B 457 -45.99 16.91 -24.38
N VAL B 458 -44.73 17.33 -24.55
CA VAL B 458 -43.93 16.91 -25.70
C VAL B 458 -42.68 16.22 -25.17
N LYS B 459 -42.51 14.94 -25.50
CA LYS B 459 -41.37 14.16 -25.06
C LYS B 459 -40.31 14.18 -26.15
N SER B 460 -39.11 14.67 -25.83
CA SER B 460 -38.00 14.68 -26.79
C SER B 460 -36.70 14.22 -26.10
N GLY B 461 -35.60 14.23 -26.84
CA GLY B 461 -34.37 13.58 -26.41
C GLY B 461 -34.47 12.05 -26.47
N GLU B 462 -33.32 11.36 -26.34
CA GLU B 462 -33.29 9.93 -26.55
C GLU B 462 -33.68 9.13 -25.30
N GLY B 463 -33.75 9.79 -24.12
CA GLY B 463 -34.08 9.11 -22.88
C GLY B 463 -35.55 8.69 -22.76
N THR B 464 -35.95 8.28 -21.55
CA THR B 464 -37.24 7.66 -21.28
C THR B 464 -37.97 8.43 -20.17
N LEU B 465 -39.27 8.67 -20.38
CA LEU B 465 -40.14 9.24 -19.36
C LEU B 465 -41.32 8.30 -19.11
N HIS B 466 -41.59 8.03 -17.83
CA HIS B 466 -42.74 7.26 -17.41
C HIS B 466 -43.79 8.19 -16.81
N LEU B 467 -45.06 7.97 -17.18
CA LEU B 467 -46.21 8.56 -16.51
C LEU B 467 -46.90 7.45 -15.74
N THR B 468 -46.76 7.44 -14.42
CA THR B 468 -47.17 6.29 -13.63
C THR B 468 -48.55 6.44 -13.01
N ASN B 469 -49.19 7.61 -13.17
CA ASN B 469 -50.40 7.90 -12.41
C ASN B 469 -51.57 8.25 -13.35
N ASP B 470 -52.74 8.49 -12.77
CA ASP B 470 -53.92 8.85 -13.54
C ASP B 470 -53.88 10.35 -13.85
N ASN B 471 -53.72 10.68 -15.14
CA ASN B 471 -53.52 12.05 -15.58
C ASN B 471 -54.75 12.58 -16.33
N SER B 472 -55.05 13.87 -16.13
CA SER B 472 -56.25 14.48 -16.65
C SER B 472 -55.91 15.72 -17.49
N TYR B 473 -54.65 15.97 -17.78
CA TYR B 473 -54.35 17.14 -18.61
C TYR B 473 -54.96 16.98 -20.00
N ALA B 474 -55.41 18.11 -20.58
CA ALA B 474 -56.30 18.06 -21.73
C ALA B 474 -55.56 18.28 -23.04
N GLY B 475 -54.30 18.76 -22.98
CA GLY B 475 -53.63 19.18 -24.19
C GLY B 475 -52.95 18.05 -24.99
N GLY B 476 -53.04 16.79 -24.53
CA GLY B 476 -52.44 15.68 -25.27
C GLY B 476 -50.93 15.51 -24.99
N SER B 477 -50.37 14.40 -25.47
CA SER B 477 -48.95 14.12 -25.42
C SER B 477 -48.42 13.81 -26.81
N VAL B 478 -47.22 14.32 -27.12
CA VAL B 478 -46.54 14.05 -28.38
C VAL B 478 -45.19 13.42 -28.06
N VAL B 479 -44.85 12.30 -28.70
CA VAL B 479 -43.56 11.66 -28.49
C VAL B 479 -42.73 11.88 -29.74
N ASN B 480 -41.78 12.82 -29.67
CA ASN B 480 -40.94 13.20 -30.79
C ASN B 480 -39.64 12.40 -30.84
N ARG B 481 -39.15 11.95 -29.68
CA ARG B 481 -37.92 11.21 -29.61
C ARG B 481 -37.87 10.45 -28.29
N GLY B 482 -37.12 9.34 -28.26
CA GLY B 482 -36.98 8.52 -27.06
C GLY B 482 -38.31 7.83 -26.74
N THR B 483 -38.51 7.52 -25.45
CA THR B 483 -39.65 6.70 -25.07
C THR B 483 -40.53 7.42 -24.05
N LEU B 484 -41.85 7.29 -24.22
CA LEU B 484 -42.82 7.62 -23.20
C LEU B 484 -43.50 6.33 -22.78
N GLU B 485 -43.66 6.12 -21.47
CA GLU B 485 -44.37 4.95 -20.99
C GLU B 485 -45.59 5.40 -20.19
N ILE B 486 -46.76 4.86 -20.56
CA ILE B 486 -48.01 5.15 -19.88
C ILE B 486 -48.46 3.92 -19.09
N HIS B 487 -48.71 4.10 -17.79
CA HIS B 487 -49.06 3.01 -16.88
C HIS B 487 -50.53 3.00 -16.54
N LYS B 488 -51.18 4.17 -16.57
CA LYS B 488 -52.56 4.26 -16.11
C LYS B 488 -53.37 5.18 -17.05
N ILE B 489 -54.27 6.01 -16.51
CA ILE B 489 -55.10 6.87 -17.36
C ILE B 489 -54.29 8.07 -17.90
N HIS B 490 -54.43 8.25 -19.22
CA HIS B 490 -53.99 9.45 -19.92
C HIS B 490 -55.23 9.98 -20.63
N SER B 491 -55.79 11.07 -20.10
CA SER B 491 -57.14 11.49 -20.47
CA SER B 491 -57.14 11.49 -20.47
C SER B 491 -57.25 11.91 -21.94
N SER B 492 -56.22 12.63 -22.44
CA SER B 492 -56.30 13.25 -23.76
C SER B 492 -55.52 12.46 -24.82
N LYS B 493 -55.44 12.99 -26.04
CA LYS B 493 -54.91 12.27 -27.20
C LYS B 493 -53.40 12.06 -27.08
N VAL B 494 -52.88 11.05 -27.79
CA VAL B 494 -51.45 10.75 -27.81
C VAL B 494 -51.00 10.60 -29.26
N THR B 495 -49.87 11.24 -29.61
CA THR B 495 -49.29 11.13 -30.95
C THR B 495 -47.83 10.69 -30.83
N VAL B 496 -47.46 9.64 -31.55
CA VAL B 496 -46.09 9.17 -31.59
C VAL B 496 -45.54 9.52 -32.96
N ASN B 497 -44.53 10.40 -33.00
CA ASN B 497 -43.93 10.80 -34.26
C ASN B 497 -42.83 9.81 -34.64
N GLN B 498 -42.19 10.04 -35.79
CA GLN B 498 -41.39 9.04 -36.48
CA GLN B 498 -41.40 9.02 -36.45
C GLN B 498 -40.22 8.55 -35.61
N ALA B 499 -39.58 9.44 -34.84
CA ALA B 499 -38.44 9.02 -34.04
C ALA B 499 -38.85 8.70 -32.59
N GLY B 500 -40.15 8.60 -32.32
CA GLY B 500 -40.62 8.39 -30.96
C GLY B 500 -41.04 6.95 -30.71
N ARG B 501 -41.19 6.60 -29.43
CA ARG B 501 -41.61 5.28 -29.00
C ARG B 501 -42.55 5.44 -27.79
N LEU B 502 -43.69 4.77 -27.82
CA LEU B 502 -44.65 4.73 -26.73
C LEU B 502 -44.77 3.29 -26.23
N VAL B 503 -44.64 3.09 -24.92
CA VAL B 503 -44.89 1.80 -24.31
C VAL B 503 -46.18 1.89 -23.52
N LEU B 504 -47.14 1.02 -23.86
CA LEU B 504 -48.38 0.94 -23.10
C LEU B 504 -48.30 -0.27 -22.17
N HIS B 505 -48.59 -0.02 -20.89
CA HIS B 505 -48.60 -1.07 -19.89
C HIS B 505 -50.04 -1.55 -19.67
N PRO B 506 -50.26 -2.66 -18.93
CA PRO B 506 -51.59 -3.27 -18.88
C PRO B 506 -52.72 -2.39 -18.36
N LYS B 507 -52.41 -1.41 -17.51
CA LYS B 507 -53.47 -0.57 -16.96
C LYS B 507 -53.62 0.75 -17.71
N ALA B 508 -52.87 0.93 -18.81
CA ALA B 508 -52.94 2.12 -19.63
C ALA B 508 -54.34 2.32 -20.20
N LEU B 509 -54.84 3.58 -20.18
CA LEU B 509 -56.11 3.94 -20.77
C LEU B 509 -55.97 5.33 -21.37
N ILE B 510 -56.04 5.41 -22.69
CA ILE B 510 -55.94 6.69 -23.38
C ILE B 510 -57.36 7.07 -23.76
N GLY B 511 -57.82 8.20 -23.23
CA GLY B 511 -59.14 8.69 -23.62
C GLY B 511 -60.13 8.56 -22.46
N TYR B 512 -60.21 9.63 -21.67
CA TYR B 512 -61.03 9.64 -20.48
C TYR B 512 -61.54 11.06 -20.26
N ASN B 513 -62.86 11.18 -20.03
CA ASN B 513 -63.48 12.47 -19.96
C ASN B 513 -63.45 13.03 -18.53
N GLU B 514 -62.32 13.64 -18.15
CA GLU B 514 -62.18 14.33 -16.87
C GLU B 514 -61.97 15.81 -17.15
N ALA B 515 -62.60 16.71 -16.39
CA ALA B 515 -62.35 18.13 -16.57
C ALA B 515 -60.87 18.42 -16.35
N PHE B 516 -60.29 19.32 -17.15
CA PHE B 516 -58.87 19.63 -17.12
C PHE B 516 -58.46 20.23 -15.75
N PHE B 517 -59.43 20.80 -15.03
CA PHE B 517 -59.16 21.44 -13.76
C PHE B 517 -59.42 20.50 -12.57
N ASN B 518 -59.67 19.21 -12.81
CA ASN B 518 -59.78 18.24 -11.73
C ASN B 518 -58.69 17.19 -11.86
N VAL B 519 -58.42 16.51 -10.73
CA VAL B 519 -57.61 15.30 -10.75
CA VAL B 519 -57.61 15.31 -10.73
C VAL B 519 -58.54 14.10 -10.62
N ILE B 520 -58.16 12.99 -11.25
CA ILE B 520 -58.98 11.79 -11.25
C ILE B 520 -58.89 11.11 -9.87
N THR B 521 -60.03 10.93 -9.21
CA THR B 521 -60.04 10.30 -7.89
C THR B 521 -60.87 9.02 -7.88
N THR B 522 -61.88 8.93 -8.76
CA THR B 522 -62.65 7.71 -8.92
C THR B 522 -62.85 7.47 -10.42
N VAL B 523 -62.58 6.25 -10.87
CA VAL B 523 -62.69 5.97 -12.29
C VAL B 523 -64.12 5.52 -12.59
N ASP B 524 -64.78 6.26 -13.47
CA ASP B 524 -66.11 5.91 -13.92
C ASP B 524 -66.02 5.45 -15.37
N PRO B 525 -66.33 4.16 -15.66
CA PRO B 525 -66.17 3.62 -17.02
C PRO B 525 -66.99 4.35 -18.09
N THR B 526 -68.09 5.02 -17.67
CA THR B 526 -68.92 5.76 -18.61
CA THR B 526 -68.92 5.75 -18.62
C THR B 526 -68.14 6.95 -19.18
N ARG B 527 -67.08 7.39 -18.47
CA ARG B 527 -66.31 8.54 -18.92
C ARG B 527 -65.19 8.17 -19.90
N ILE B 528 -64.95 6.87 -20.11
CA ILE B 528 -64.03 6.45 -21.16
C ILE B 528 -64.58 6.96 -22.49
N THR B 529 -63.73 7.57 -23.32
CA THR B 529 -64.19 8.25 -24.52
C THR B 529 -64.20 7.30 -25.71
N THR B 530 -64.75 7.76 -26.84
CA THR B 530 -64.70 6.96 -28.05
C THR B 530 -64.08 7.76 -29.19
N GLY B 531 -63.62 8.99 -28.91
CA GLY B 531 -63.04 9.84 -29.95
C GLY B 531 -61.63 10.36 -29.60
N THR B 532 -60.95 9.71 -28.63
CA THR B 532 -59.61 10.14 -28.29
C THR B 532 -58.62 9.20 -28.96
N ASN B 533 -57.82 9.72 -29.89
CA ASN B 533 -57.09 8.84 -30.78
C ASN B 533 -55.61 8.74 -30.38
N LEU B 534 -55.05 7.56 -30.65
CA LEU B 534 -53.62 7.30 -30.60
C LEU B 534 -53.12 7.21 -32.04
N ARG B 535 -52.26 8.17 -32.42
CA ARG B 535 -51.66 8.22 -33.74
CA ARG B 535 -51.66 8.22 -33.74
C ARG B 535 -50.23 7.69 -33.62
N ASN B 536 -49.85 6.75 -34.48
CA ASN B 536 -48.54 6.14 -34.41
C ASN B 536 -47.78 6.24 -35.74
N LYS B 537 -46.78 7.12 -35.76
CA LYS B 537 -45.88 7.22 -36.89
C LYS B 537 -44.52 6.65 -36.50
N GLY B 538 -44.39 6.21 -35.25
CA GLY B 538 -43.13 5.66 -34.76
C GLY B 538 -43.30 4.24 -34.24
N ILE B 539 -42.97 4.00 -32.97
CA ILE B 539 -43.11 2.71 -32.35
C ILE B 539 -44.16 2.76 -31.22
N VAL B 540 -45.11 1.81 -31.26
CA VAL B 540 -45.98 1.54 -30.14
C VAL B 540 -45.75 0.08 -29.71
N GLU B 541 -45.49 -0.09 -28.41
CA GLU B 541 -45.25 -1.39 -27.79
C GLU B 541 -46.34 -1.62 -26.74
N VAL B 542 -47.00 -2.79 -26.81
CA VAL B 542 -48.13 -3.09 -25.93
C VAL B 542 -47.77 -4.28 -25.03
N ASN B 543 -48.18 -4.17 -23.76
CA ASN B 543 -47.99 -5.20 -22.75
C ASN B 543 -49.34 -5.51 -22.13
N GLY B 544 -49.55 -6.79 -21.78
CA GLY B 544 -50.83 -7.21 -21.20
C GLY B 544 -51.90 -7.32 -22.27
N THR B 545 -53.13 -7.59 -21.83
CA THR B 545 -54.25 -7.72 -22.74
C THR B 545 -55.36 -6.74 -22.36
N THR B 546 -55.07 -5.80 -21.45
CA THR B 546 -56.14 -5.00 -20.84
C THR B 546 -56.07 -3.51 -21.18
N ALA B 547 -55.00 -3.02 -21.83
CA ALA B 547 -54.90 -1.59 -22.13
C ALA B 547 -56.00 -1.15 -23.10
N ILE B 548 -56.46 0.11 -22.97
CA ILE B 548 -57.62 0.62 -23.71
C ILE B 548 -57.26 1.92 -24.45
N ILE B 549 -57.72 2.04 -25.71
CA ILE B 549 -57.77 3.31 -26.42
C ILE B 549 -59.25 3.66 -26.55
N GLY B 550 -59.64 4.74 -25.86
CA GLY B 550 -60.97 5.30 -25.96
C GLY B 550 -61.13 6.15 -27.22
N GLY B 551 -60.95 5.50 -28.39
CA GLY B 551 -60.93 6.16 -29.68
C GLY B 551 -60.22 5.29 -30.71
N ASP B 552 -59.70 5.91 -31.78
CA ASP B 552 -59.07 5.18 -32.87
C ASP B 552 -57.59 4.93 -32.61
N TYR B 553 -57.09 3.81 -33.12
CA TYR B 553 -55.66 3.59 -33.25
C TYR B 553 -55.31 3.77 -34.73
N ILE B 554 -54.46 4.76 -35.01
CA ILE B 554 -54.14 5.10 -36.38
C ILE B 554 -52.65 4.92 -36.59
N ALA B 555 -52.29 3.90 -37.39
CA ALA B 555 -50.89 3.59 -37.67
C ALA B 555 -50.52 4.03 -39.09
N TYR B 556 -49.42 4.76 -39.19
CA TYR B 556 -48.98 5.42 -40.42
C TYR B 556 -47.84 4.63 -41.06
N LYS B 557 -47.53 4.98 -42.31
CA LYS B 557 -46.44 4.39 -43.06
C LYS B 557 -45.16 4.55 -42.28
N GLY B 558 -44.42 3.45 -42.14
CA GLY B 558 -43.12 3.46 -41.49
C GLY B 558 -43.23 3.20 -39.98
N SER B 559 -44.44 2.99 -39.46
CA SER B 559 -44.63 2.78 -38.04
C SER B 559 -44.43 1.31 -37.66
N THR B 560 -44.19 1.04 -36.37
CA THR B 560 -44.15 -0.31 -35.84
C THR B 560 -45.14 -0.43 -34.69
N THR B 561 -45.87 -1.54 -34.66
CA THR B 561 -46.73 -1.90 -33.53
C THR B 561 -46.29 -3.27 -33.02
N THR B 562 -45.78 -3.34 -31.79
CA THR B 562 -45.26 -4.56 -31.21
C THR B 562 -46.16 -5.03 -30.07
N PHE B 563 -46.64 -6.27 -30.15
CA PHE B 563 -47.34 -6.92 -29.05
C PHE B 563 -46.40 -7.88 -28.34
N ASN B 564 -46.07 -7.60 -27.08
CA ASN B 564 -45.15 -8.44 -26.34
C ASN B 564 -45.88 -9.65 -25.79
N ASN B 565 -45.35 -10.85 -26.07
CA ASN B 565 -45.80 -12.12 -25.50
C ASN B 565 -47.32 -12.24 -25.51
N GLY B 566 -47.93 -12.15 -26.69
CA GLY B 566 -49.37 -12.34 -26.80
C GLY B 566 -50.20 -11.15 -26.33
N ALA B 567 -49.62 -9.94 -26.28
CA ALA B 567 -50.33 -8.75 -25.79
C ALA B 567 -51.48 -8.39 -26.75
N LYS B 568 -52.52 -7.73 -26.20
CA LYS B 568 -53.65 -7.22 -26.95
C LYS B 568 -53.89 -5.77 -26.58
N LEU B 569 -54.33 -4.96 -27.55
CA LEU B 569 -54.77 -3.58 -27.31
C LEU B 569 -56.26 -3.47 -27.62
N ASN B 570 -57.02 -2.96 -26.67
CA ASN B 570 -58.47 -2.82 -26.78
C ASN B 570 -58.79 -1.46 -27.37
N VAL B 571 -59.17 -1.42 -28.66
CA VAL B 571 -59.45 -0.18 -29.35
C VAL B 571 -60.96 -0.03 -29.43
N LEU B 572 -61.50 1.01 -28.75
CA LEU B 572 -62.95 1.20 -28.73
C LEU B 572 -63.43 1.85 -30.02
N GLY B 573 -62.55 2.59 -30.71
CA GLY B 573 -62.91 3.13 -32.01
C GLY B 573 -62.50 2.17 -33.13
N ASN B 574 -61.96 2.73 -34.22
CA ASN B 574 -61.50 1.95 -35.36
C ASN B 574 -59.99 1.85 -35.37
N ILE B 575 -59.49 0.73 -35.90
CA ILE B 575 -58.07 0.56 -36.16
C ILE B 575 -57.83 0.92 -37.63
N LYS B 576 -56.92 1.86 -37.89
CA LYS B 576 -56.70 2.38 -39.23
C LYS B 576 -55.23 2.29 -39.59
N VAL B 577 -54.95 2.01 -40.87
CA VAL B 577 -53.59 2.03 -41.41
C VAL B 577 -53.54 2.99 -42.59
N GLU B 578 -52.40 3.65 -42.76
CA GLU B 578 -52.22 4.61 -43.82
C GLU B 578 -52.28 3.91 -45.18
N ASP B 579 -51.70 2.70 -45.28
CA ASP B 579 -51.78 1.91 -46.50
C ASP B 579 -51.50 0.45 -46.15
N GLY B 580 -51.43 -0.39 -47.20
CA GLY B 580 -51.25 -1.82 -47.04
C GLY B 580 -49.83 -2.22 -46.64
N THR B 581 -48.89 -1.27 -46.60
CA THR B 581 -47.54 -1.57 -46.15
C THR B 581 -47.45 -1.58 -44.61
N VAL B 582 -48.46 -1.01 -43.94
CA VAL B 582 -48.34 -0.82 -42.50
C VAL B 582 -48.65 -2.12 -41.78
N LYS B 583 -47.75 -2.56 -40.89
CA LYS B 583 -47.88 -3.79 -40.14
C LYS B 583 -48.49 -3.52 -38.76
N VAL B 584 -49.67 -4.10 -38.50
CA VAL B 584 -50.27 -4.05 -37.18
C VAL B 584 -50.62 -5.47 -36.72
N LEU B 585 -51.67 -6.06 -37.30
CA LEU B 585 -52.09 -7.39 -36.90
C LEU B 585 -51.51 -8.41 -37.89
N PRO C 25 38.85 -6.69 12.21
CA PRO C 25 37.93 -7.78 12.62
C PRO C 25 38.64 -9.06 13.06
N SER C 26 38.03 -9.81 13.99
CA SER C 26 38.63 -11.00 14.58
C SER C 26 37.83 -12.28 14.28
N THR C 27 38.47 -13.44 14.45
CA THR C 27 37.92 -14.75 14.15
C THR C 27 37.05 -15.21 15.33
N PRO C 28 35.86 -15.83 15.09
CA PRO C 28 35.04 -16.36 16.18
C PRO C 28 35.75 -17.55 16.79
N SER C 29 35.59 -17.71 18.11
CA SER C 29 36.14 -18.84 18.86
C SER C 29 35.12 -19.99 18.83
N THR C 30 35.53 -21.17 18.30
CA THR C 30 34.63 -22.32 18.17
C THR C 30 34.18 -22.75 19.56
N PRO C 31 32.90 -23.19 19.76
CA PRO C 31 32.43 -23.64 21.07
C PRO C 31 33.35 -24.63 21.80
N SER C 32 33.79 -24.22 23.02
CA SER C 32 34.63 -25.02 23.91
C SER C 32 34.22 -24.80 25.38
N VAL C 33 34.33 -25.87 26.21
CA VAL C 33 33.90 -25.78 27.60
C VAL C 33 35.09 -26.01 28.55
N PRO C 34 35.94 -24.99 28.85
CA PRO C 34 37.11 -25.19 29.70
C PRO C 34 36.82 -25.69 31.12
N GLU C 35 35.57 -25.43 31.59
CA GLU C 35 35.13 -25.82 32.91
C GLU C 35 35.14 -27.34 33.02
N ASP C 36 35.08 -28.04 31.89
CA ASP C 36 35.14 -29.50 31.90
C ASP C 36 36.47 -29.97 32.46
N ASN C 37 37.51 -29.12 32.36
CA ASN C 37 38.83 -29.46 32.86
C ASN C 37 39.16 -28.80 34.18
N PHE C 38 38.23 -28.05 34.76
CA PHE C 38 38.50 -27.45 36.06
C PHE C 38 38.63 -28.56 37.10
N PRO C 39 39.60 -28.48 38.02
CA PRO C 39 39.66 -29.40 39.16
C PRO C 39 38.40 -29.29 40.02
N THR C 40 38.05 -30.39 40.69
CA THR C 40 36.90 -30.43 41.59
C THR C 40 37.36 -30.26 43.05
N VAL C 41 36.42 -29.85 43.90
CA VAL C 41 36.61 -29.68 45.33
C VAL C 41 35.72 -30.70 46.02
N ALA C 42 36.20 -31.27 47.14
CA ALA C 42 35.44 -32.26 47.90
C ALA C 42 34.06 -31.69 48.26
N ASN C 43 33.01 -32.45 47.98
CA ASN C 43 31.64 -32.05 48.24
C ASN C 43 31.09 -32.87 49.39
N PRO C 44 30.74 -32.24 50.54
CA PRO C 44 30.20 -32.96 51.70
C PRO C 44 28.96 -33.81 51.40
N LEU C 45 28.25 -33.55 50.28
CA LEU C 45 27.00 -34.25 50.03
C LEU C 45 27.26 -35.52 49.23
N ASP C 46 28.50 -35.73 48.80
CA ASP C 46 28.83 -36.81 47.87
C ASP C 46 28.42 -38.17 48.42
N SER C 47 28.50 -38.37 49.74
CA SER C 47 28.17 -39.67 50.31
C SER C 47 26.67 -39.95 50.21
N GLN C 48 25.85 -38.91 50.04
CA GLN C 48 24.41 -39.10 50.02
C GLN C 48 23.86 -39.22 48.60
N LYS C 49 24.74 -39.19 47.60
CA LYS C 49 24.29 -39.06 46.23
C LYS C 49 23.85 -40.40 45.62
N GLY C 50 23.99 -41.49 46.36
CA GLY C 50 23.45 -42.79 45.96
C GLY C 50 21.93 -42.74 45.80
N ASN C 51 21.26 -41.94 46.64
CA ASN C 51 19.84 -41.71 46.48
C ASN C 51 19.60 -40.22 46.25
N ILE C 52 19.70 -39.78 44.98
CA ILE C 52 19.58 -38.36 44.65
C ILE C 52 18.19 -37.82 45.01
N SER C 53 17.15 -38.64 44.79
N SER C 53 17.16 -38.64 44.78
CA SER C 53 15.78 -38.26 45.08
CA SER C 53 15.78 -38.28 45.08
C SER C 53 15.58 -38.00 46.57
C SER C 53 15.58 -38.00 46.57
N ALA C 54 16.20 -38.83 47.41
CA ALA C 54 16.01 -38.67 48.84
C ALA C 54 16.78 -37.46 49.32
N LEU C 55 17.96 -37.23 48.74
CA LEU C 55 18.78 -36.08 49.08
C LEU C 55 18.05 -34.77 48.73
N LYS C 56 17.49 -34.69 47.51
CA LYS C 56 16.69 -33.54 47.10
C LYS C 56 15.55 -33.29 48.08
N GLU C 57 14.87 -34.37 48.48
CA GLU C 57 13.75 -34.29 49.39
C GLU C 57 14.16 -33.71 50.74
N LYS C 58 15.26 -34.25 51.30
CA LYS C 58 15.76 -33.81 52.61
C LYS C 58 16.20 -32.36 52.56
N LEU C 59 16.99 -32.01 51.52
CA LEU C 59 17.49 -30.65 51.38
C LEU C 59 16.32 -29.67 51.29
N ASN C 60 15.29 -30.04 50.51
CA ASN C 60 14.18 -29.15 50.29
C ASN C 60 13.37 -28.96 51.57
N ARG C 61 13.21 -30.06 52.31
CA ARG C 61 12.51 -30.04 53.58
CA ARG C 61 12.51 -30.04 53.58
C ARG C 61 13.22 -29.07 54.52
N ASN C 62 14.54 -29.19 54.64
CA ASN C 62 15.28 -28.30 55.53
C ASN C 62 15.16 -26.86 55.05
N ARG C 63 15.20 -26.65 53.72
CA ARG C 63 15.07 -25.32 53.13
C ARG C 63 13.71 -24.73 53.52
N GLU C 64 12.64 -25.50 53.33
CA GLU C 64 11.30 -25.04 53.63
C GLU C 64 11.09 -24.81 55.13
N ASN C 65 11.82 -25.54 55.99
CA ASN C 65 11.65 -25.36 57.42
C ASN C 65 12.55 -24.24 57.96
N SER C 66 13.37 -23.61 57.10
CA SER C 66 14.20 -22.53 57.59
C SER C 66 13.32 -21.40 58.11
N THR C 67 13.80 -20.64 59.10
CA THR C 67 12.94 -19.60 59.68
C THR C 67 13.30 -18.22 59.12
N ALA C 68 14.20 -18.15 58.13
CA ALA C 68 14.58 -16.89 57.50
C ALA C 68 13.34 -16.10 57.11
N THR C 69 13.39 -14.79 57.34
CA THR C 69 12.32 -13.91 56.89
C THR C 69 12.66 -13.38 55.49
N ILE C 70 11.59 -13.13 54.74
CA ILE C 70 11.68 -12.63 53.38
C ILE C 70 11.41 -11.13 53.48
N PRO C 71 12.31 -10.23 53.02
CA PRO C 71 12.05 -8.79 53.10
C PRO C 71 11.00 -8.37 52.07
N THR C 72 10.38 -7.23 52.34
CA THR C 72 9.36 -6.66 51.47
C THR C 72 9.61 -5.16 51.49
N GLU C 73 9.23 -4.45 50.40
CA GLU C 73 9.44 -3.02 50.33
C GLU C 73 8.63 -2.31 51.44
N THR C 74 9.25 -1.37 52.18
CA THR C 74 8.52 -0.72 53.26
C THR C 74 8.04 0.68 52.85
N ILE C 75 8.66 1.29 51.81
CA ILE C 75 8.23 2.59 51.32
C ILE C 75 6.96 2.44 50.49
N SER C 76 5.94 3.23 50.82
CA SER C 76 4.68 3.23 50.09
C SER C 76 4.70 4.47 49.23
N TYR C 77 4.82 4.26 47.92
CA TYR C 77 4.84 5.36 46.97
C TYR C 77 3.40 5.60 46.55
N ASN C 78 3.05 6.87 46.32
CA ASN C 78 1.69 7.18 45.93
C ASN C 78 1.69 8.27 44.86
N GLY C 79 2.87 8.59 44.31
CA GLY C 79 2.93 9.51 43.18
C GLY C 79 3.40 10.89 43.59
N SER C 80 3.48 11.14 44.90
CA SER C 80 3.75 12.46 45.46
C SER C 80 5.02 13.11 44.91
N THR C 81 5.98 12.33 44.40
CA THR C 81 7.24 12.91 43.96
C THR C 81 7.30 13.13 42.45
N VAL C 82 6.24 12.83 41.68
CA VAL C 82 6.32 12.91 40.22
C VAL C 82 5.15 13.73 39.66
N LYS C 83 5.26 14.09 38.38
CA LYS C 83 4.17 14.71 37.63
C LYS C 83 3.66 13.74 36.57
N ILE C 84 2.47 14.02 36.04
CA ILE C 84 1.84 13.19 35.02
C ILE C 84 1.03 14.12 34.12
N GLY C 85 1.09 13.88 32.81
CA GLY C 85 0.44 14.73 31.83
C GLY C 85 -0.95 14.21 31.43
N ILE C 86 -1.83 15.14 31.06
CA ILE C 86 -3.13 14.79 30.48
C ILE C 86 -3.56 15.90 29.52
N LEU C 87 -3.91 15.51 28.30
CA LEU C 87 -4.52 16.40 27.31
C LEU C 87 -5.96 15.94 27.13
N ASP C 88 -6.92 16.82 27.43
CA ASP C 88 -8.32 16.47 27.35
C ASP C 88 -9.17 17.72 27.04
N SER C 89 -10.50 17.58 27.16
CA SER C 89 -11.49 18.55 26.69
C SER C 89 -11.23 19.95 27.24
N ASP C 90 -11.41 20.14 28.56
CA ASP C 90 -11.22 21.48 29.12
C ASP C 90 -10.88 21.46 30.61
N PHE C 91 -9.91 22.30 30.98
CA PHE C 91 -9.55 22.55 32.38
C PHE C 91 -9.33 24.05 32.60
N THR C 92 -10.09 24.91 31.90
CA THR C 92 -9.82 26.34 31.91
C THR C 92 -10.86 27.11 32.72
N ASP C 93 -12.03 26.49 32.99
CA ASP C 93 -13.07 27.17 33.74
C ASP C 93 -12.55 27.56 35.11
N PRO C 94 -12.55 28.87 35.46
CA PRO C 94 -11.97 29.35 36.71
C PRO C 94 -12.56 28.72 37.98
N VAL C 95 -13.84 28.36 37.95
CA VAL C 95 -14.49 27.70 39.08
C VAL C 95 -13.95 26.28 39.24
N ARG C 96 -13.88 25.56 38.11
CA ARG C 96 -13.41 24.19 38.06
C ARG C 96 -11.97 24.12 38.57
N LYS C 97 -11.15 25.04 38.06
CA LYS C 97 -9.73 25.12 38.41
C LYS C 97 -9.56 25.22 39.93
N ALA C 98 -10.41 26.03 40.57
CA ALA C 98 -10.29 26.27 42.00
C ALA C 98 -10.71 25.01 42.73
N GLN C 99 -11.74 24.34 42.24
CA GLN C 99 -12.19 23.07 42.81
CA GLN C 99 -12.19 23.07 42.81
C GLN C 99 -11.07 22.03 42.67
N LEU C 100 -10.49 21.94 41.47
CA LEU C 100 -9.47 20.93 41.20
C LEU C 100 -8.21 21.21 42.03
N SER C 101 -7.82 22.50 42.13
CA SER C 101 -6.65 22.91 42.89
C SER C 101 -6.79 22.52 44.36
N ALA C 102 -8.00 22.60 44.90
CA ALA C 102 -8.25 22.26 46.29
C ALA C 102 -8.25 20.73 46.43
N ARG C 103 -8.79 20.04 45.44
CA ARG C 103 -8.94 18.59 45.52
C ARG C 103 -7.62 17.87 45.28
N TYR C 104 -6.78 18.42 44.39
CA TYR C 104 -5.54 17.77 43.98
C TYR C 104 -4.38 18.75 44.13
N PRO C 105 -3.78 18.85 45.34
CA PRO C 105 -2.71 19.84 45.57
C PRO C 105 -1.55 19.67 44.59
N GLY C 106 -1.18 20.79 43.96
CA GLY C 106 0.00 20.83 43.09
C GLY C 106 -0.37 20.67 41.61
N ILE C 107 -1.67 20.54 41.30
CA ILE C 107 -2.09 20.41 39.91
C ILE C 107 -1.70 21.68 39.14
N GLU C 108 -1.23 21.54 37.90
CA GLU C 108 -0.85 22.66 37.06
C GLU C 108 -1.74 22.67 35.82
N PHE C 109 -2.16 23.86 35.39
CA PHE C 109 -3.01 24.00 34.21
C PHE C 109 -2.22 24.68 33.11
N ILE C 110 -2.28 24.10 31.90
CA ILE C 110 -1.63 24.69 30.75
C ILE C 110 -2.64 25.62 30.07
N PRO C 111 -2.28 26.92 29.86
CA PRO C 111 -3.17 27.84 29.14
C PRO C 111 -3.28 27.35 27.69
N ARG C 112 -4.48 27.46 27.11
CA ARG C 112 -4.72 27.08 25.73
C ARG C 112 -3.74 27.80 24.79
N VAL C 113 -3.34 27.12 23.72
CA VAL C 113 -2.34 27.67 22.80
C VAL C 113 -3.05 28.34 21.60
N ASN C 114 -4.39 28.27 21.57
CA ASN C 114 -5.17 28.76 20.45
C ASN C 114 -6.53 29.22 20.99
N SER C 115 -7.50 29.47 20.09
CA SER C 115 -8.75 30.10 20.48
CA SER C 115 -8.74 30.09 20.50
C SER C 115 -9.85 29.07 20.69
N ASP C 116 -9.52 27.76 20.66
CA ASP C 116 -10.50 26.72 20.86
C ASP C 116 -11.15 26.84 22.23
N THR C 117 -12.41 26.39 22.33
CA THR C 117 -13.10 26.36 23.61
C THR C 117 -13.91 25.07 23.70
N SER C 118 -14.17 24.66 24.95
CA SER C 118 -14.95 23.46 25.21
C SER C 118 -15.63 23.60 26.56
N THR C 119 -16.82 23.01 26.67
CA THR C 119 -17.54 23.01 27.94
C THR C 119 -17.74 21.57 28.40
N SER C 120 -17.13 20.61 27.69
CA SER C 120 -17.25 19.20 28.03
C SER C 120 -16.52 18.90 29.33
N SER C 121 -17.19 18.17 30.23
CA SER C 121 -16.58 17.76 31.48
C SER C 121 -15.79 16.45 31.33
N HIS C 122 -15.57 16.00 30.09
CA HIS C 122 -14.92 14.74 29.80
C HIS C 122 -13.54 14.69 30.48
N GLY C 123 -12.76 15.75 30.26
CA GLY C 123 -11.45 15.97 30.85
C GLY C 123 -11.44 15.79 32.37
N VAL C 124 -12.39 16.44 33.06
CA VAL C 124 -12.47 16.34 34.51
C VAL C 124 -12.76 14.90 34.91
N GLN C 125 -13.67 14.24 34.20
CA GLN C 125 -14.06 12.88 34.54
C GLN C 125 -12.89 11.91 34.36
N VAL C 126 -12.07 12.15 33.32
CA VAL C 126 -10.89 11.33 33.04
C VAL C 126 -9.86 11.56 34.15
N LEU C 127 -9.63 12.85 34.46
CA LEU C 127 -8.69 13.28 35.49
C LEU C 127 -9.05 12.65 36.84
N GLU C 128 -10.35 12.57 37.15
CA GLU C 128 -10.78 12.04 38.44
C GLU C 128 -10.32 10.58 38.55
N VAL C 129 -10.47 9.82 37.45
CA VAL C 129 -10.06 8.43 37.46
C VAL C 129 -8.54 8.36 37.63
N MET C 130 -7.83 9.23 36.89
CA MET C 130 -6.38 9.23 36.91
C MET C 130 -5.86 9.48 38.34
N MET C 131 -6.55 10.34 39.10
CA MET C 131 -6.10 10.72 40.43
C MET C 131 -6.59 9.74 41.49
N ASP C 132 -7.32 8.67 41.09
CA ASP C 132 -7.85 7.71 42.05
C ASP C 132 -8.75 8.44 43.07
N THR C 133 -9.79 9.11 42.55
CA THR C 133 -10.61 10.02 43.35
C THR C 133 -11.66 9.21 44.12
N LEU C 134 -11.87 9.57 45.41
CA LEU C 134 -12.93 9.00 46.23
C LEU C 134 -14.28 9.44 45.68
N GLU C 135 -15.33 8.62 45.88
CA GLU C 135 -16.67 8.96 45.43
C GLU C 135 -17.14 10.31 45.98
N ASP C 136 -16.72 10.67 47.19
CA ASP C 136 -17.17 11.91 47.80
C ASP C 136 -16.39 13.12 47.26
N ARG C 137 -15.40 12.87 46.39
CA ARG C 137 -14.64 13.92 45.72
C ARG C 137 -13.85 14.81 46.69
N THR C 138 -13.54 14.30 47.89
CA THR C 138 -12.76 15.10 48.83
C THR C 138 -11.29 15.18 48.40
N LYS C 139 -10.74 14.07 47.88
CA LYS C 139 -9.35 13.98 47.48
C LYS C 139 -9.14 12.83 46.49
N GLY C 140 -7.91 12.72 46.00
CA GLY C 140 -7.47 11.54 45.24
C GLY C 140 -6.46 10.74 46.06
N LYS C 141 -6.49 9.40 45.92
CA LYS C 141 -5.54 8.57 46.63
C LYS C 141 -4.15 8.69 46.00
N ALA C 142 -4.09 9.05 44.71
CA ALA C 142 -2.83 9.27 44.04
C ALA C 142 -2.42 10.72 44.23
N LYS C 143 -1.14 10.96 44.50
CA LYS C 143 -0.69 12.28 44.89
C LYS C 143 0.26 12.88 43.85
N PHE C 144 0.32 12.31 42.64
CA PHE C 144 1.17 12.94 41.62
C PHE C 144 0.56 14.27 41.18
N LYS C 145 1.40 15.15 40.61
CA LYS C 145 0.97 16.48 40.20
C LYS C 145 0.60 16.43 38.73
N ALA C 146 -0.71 16.52 38.43
CA ALA C 146 -1.20 16.50 37.05
C ALA C 146 -0.83 17.78 36.33
N ILE C 147 -0.34 17.63 35.10
CA ILE C 147 -0.15 18.72 34.18
C ILE C 147 -1.30 18.63 33.18
N ALA C 148 -2.33 19.47 33.38
CA ALA C 148 -3.60 19.34 32.69
C ALA C 148 -3.73 20.38 31.57
N ALA C 149 -3.75 19.87 30.33
CA ALA C 149 -3.82 20.68 29.13
C ALA C 149 -5.18 20.51 28.45
N SER C 150 -5.63 21.59 27.77
CA SER C 150 -6.98 21.67 27.21
C SER C 150 -6.90 21.72 25.68
N ILE C 151 -7.54 20.75 25.02
CA ILE C 151 -7.51 20.69 23.56
C ILE C 151 -8.92 20.48 23.01
N GLY C 152 -9.93 20.44 23.89
CA GLY C 152 -11.31 20.38 23.43
C GLY C 152 -11.67 21.57 22.55
N ASN C 153 -12.54 21.34 21.56
CA ASN C 153 -12.94 22.42 20.66
C ASN C 153 -14.42 22.29 20.32
N GLY C 154 -15.20 21.69 21.22
CA GLY C 154 -16.60 21.46 20.96
C GLY C 154 -17.48 22.67 21.31
N GLY C 155 -16.86 23.81 21.68
CA GLY C 155 -17.57 25.04 22.00
C GLY C 155 -18.60 24.88 23.12
N ALA C 156 -19.73 25.58 22.99
CA ALA C 156 -20.74 25.74 24.02
C ALA C 156 -21.55 24.46 24.25
N SER C 157 -21.51 23.50 23.31
CA SER C 157 -22.17 22.22 23.51
C SER C 157 -21.33 21.36 24.45
N GLU C 158 -21.95 20.97 25.58
CA GLU C 158 -21.25 20.22 26.61
C GLU C 158 -21.24 18.73 26.33
N THR C 159 -22.04 18.28 25.34
CA THR C 159 -22.07 16.88 24.97
C THR C 159 -21.07 16.63 23.84
N ASN C 160 -20.49 17.71 23.31
CA ASN C 160 -19.52 17.67 22.22
C ASN C 160 -18.10 17.52 22.79
N LYS C 161 -17.50 16.33 22.57
CA LYS C 161 -16.24 15.94 23.16
C LYS C 161 -15.07 16.07 22.18
N SER C 162 -15.34 16.63 21.00
CA SER C 162 -14.35 16.85 19.95
C SER C 162 -13.09 17.54 20.48
N VAL C 163 -11.92 17.21 19.90
CA VAL C 163 -10.64 17.72 20.37
C VAL C 163 -9.76 18.05 19.19
N ASN C 164 -8.77 18.92 19.45
CA ASN C 164 -7.85 19.41 18.43
C ASN C 164 -6.42 19.32 19.00
N PRO C 165 -5.78 18.13 19.00
CA PRO C 165 -4.44 17.99 19.58
C PRO C 165 -3.42 18.72 18.72
N ASN C 166 -2.32 19.16 19.33
CA ASN C 166 -1.23 19.76 18.58
C ASN C 166 0.05 19.67 19.38
N VAL C 167 1.19 19.77 18.68
CA VAL C 167 2.50 19.66 19.26
C VAL C 167 2.75 20.84 20.20
N LYS C 168 2.20 22.01 19.85
CA LYS C 168 2.33 23.20 20.69
C LYS C 168 1.86 22.91 22.11
N THR C 169 0.69 22.29 22.27
CA THR C 169 0.20 21.91 23.60
C THR C 169 1.13 20.90 24.27
N TYR C 170 1.58 19.88 23.51
CA TYR C 170 2.47 18.87 24.07
C TYR C 170 3.74 19.50 24.62
N GLU C 171 4.30 20.46 23.86
CA GLU C 171 5.53 21.10 24.25
C GLU C 171 5.35 21.80 25.58
N LYS C 172 4.18 22.43 25.78
CA LYS C 172 3.89 23.14 27.01
C LYS C 172 3.80 22.16 28.17
N VAL C 173 3.17 20.99 27.92
CA VAL C 173 3.05 19.95 28.94
C VAL C 173 4.44 19.48 29.39
N PHE C 174 5.31 19.18 28.41
CA PHE C 174 6.60 18.58 28.69
C PHE C 174 7.54 19.54 29.41
N GLU C 175 7.31 20.83 29.24
CA GLU C 175 8.11 21.85 29.92
C GLU C 175 7.94 21.76 31.43
N ARG C 176 6.77 21.30 31.90
CA ARG C 176 6.49 21.25 33.33
C ARG C 176 7.15 20.05 34.02
N PHE C 177 7.57 19.03 33.28
CA PHE C 177 8.22 17.90 33.92
C PHE C 177 9.63 18.29 34.34
N ASN C 178 10.04 17.83 35.52
CA ASN C 178 11.43 17.97 35.93
C ASN C 178 12.34 17.18 34.99
N PHE C 179 13.50 17.75 34.67
CA PHE C 179 14.49 17.11 33.80
C PHE C 179 14.89 15.74 34.36
N ASN C 180 14.88 15.62 35.70
CA ASN C 180 15.36 14.43 36.39
C ASN C 180 14.30 13.34 36.45
N GLN C 181 13.06 13.62 35.99
CA GLN C 181 12.05 12.59 35.95
C GLN C 181 12.28 11.72 34.71
N LYS C 182 12.82 10.50 34.93
CA LYS C 182 13.30 9.65 33.85
C LYS C 182 12.15 9.26 32.91
N VAL C 183 11.01 8.77 33.47
CA VAL C 183 9.87 8.39 32.67
C VAL C 183 8.77 9.44 32.85
N LYS C 184 8.21 9.91 31.74
CA LYS C 184 7.21 10.98 31.78
C LYS C 184 5.92 10.48 31.15
N VAL C 185 4.93 10.12 31.99
CA VAL C 185 3.67 9.55 31.53
C VAL C 185 2.70 10.65 31.07
N VAL C 186 2.06 10.45 29.91
CA VAL C 186 1.04 11.35 29.40
C VAL C 186 -0.19 10.55 28.98
N ASN C 187 -1.36 10.94 29.52
CA ASN C 187 -2.64 10.29 29.24
C ASN C 187 -3.37 10.96 28.06
N GLN C 188 -3.91 10.14 27.15
CA GLN C 188 -4.71 10.60 26.02
C GLN C 188 -6.01 9.80 25.91
N SER C 189 -7.11 10.30 26.53
CA SER C 189 -8.40 9.66 26.45
C SER C 189 -9.22 10.26 25.30
N PHE C 190 -8.60 10.28 24.11
CA PHE C 190 -9.24 10.72 22.89
C PHE C 190 -8.58 9.97 21.73
N GLY C 191 -9.24 9.95 20.57
CA GLY C 191 -8.64 9.35 19.38
C GLY C 191 -9.61 9.29 18.22
N ALA C 192 -9.06 8.98 17.03
CA ALA C 192 -9.77 8.98 15.77
C ALA C 192 -10.79 7.85 15.71
N ASP C 193 -11.81 8.07 14.87
CA ASP C 193 -12.85 7.10 14.60
C ASP C 193 -12.42 6.21 13.44
N ILE C 194 -11.19 5.68 13.49
CA ILE C 194 -10.69 4.77 12.46
C ILE C 194 -9.63 3.87 13.10
N THR C 195 -9.66 2.57 12.77
CA THR C 195 -8.65 1.65 13.26
C THR C 195 -7.29 1.94 12.60
N ILE C 196 -6.21 1.53 13.28
CA ILE C 196 -4.87 1.74 12.77
C ILE C 196 -4.70 1.08 11.39
N GLU C 197 -5.20 -0.16 11.22
CA GLU C 197 -4.98 -0.87 9.96
C GLU C 197 -5.74 -0.21 8.82
N GLU C 198 -6.81 0.53 9.10
CA GLU C 198 -7.58 1.21 8.07
C GLU C 198 -7.08 2.63 7.85
N ALA C 199 -6.21 3.12 8.73
CA ALA C 199 -5.79 4.52 8.61
C ALA C 199 -5.10 4.75 7.27
N PRO C 200 -5.49 5.80 6.51
CA PRO C 200 -4.95 6.01 5.17
C PRO C 200 -3.55 6.63 5.17
N TYR C 201 -2.58 5.91 5.72
CA TYR C 201 -1.20 6.39 5.79
C TYR C 201 -0.27 5.20 5.57
N THR C 202 0.99 5.49 5.24
CA THR C 202 2.01 4.46 5.11
C THR C 202 3.19 4.87 5.98
N LYS C 203 4.13 3.94 6.18
CA LYS C 203 5.34 4.25 6.92
C LYS C 203 6.12 5.35 6.20
N ASN C 204 5.91 5.49 4.88
CA ASN C 204 6.71 6.42 4.09
C ASN C 204 6.13 7.82 4.11
N ASN C 205 4.84 7.97 4.43
CA ASN C 205 4.24 9.29 4.40
C ASN C 205 3.73 9.78 5.76
N ILE C 206 3.77 8.92 6.80
CA ILE C 206 3.14 9.27 8.07
C ILE C 206 3.78 10.53 8.65
N ARG C 207 5.09 10.71 8.42
CA ARG C 207 5.85 11.82 8.94
C ARG C 207 5.67 13.08 8.10
N ASN C 208 4.70 13.10 7.18
CA ASN C 208 4.47 14.30 6.40
C ASN C 208 3.33 15.10 7.01
N TYR C 209 2.60 14.50 7.97
CA TYR C 209 1.39 15.11 8.48
C TYR C 209 1.66 15.91 9.75
N VAL C 210 1.07 17.12 9.74
CA VAL C 210 1.20 18.10 10.80
CA VAL C 210 1.20 18.10 10.81
C VAL C 210 -0.22 18.41 11.29
N TRP C 211 -0.40 18.45 12.62
CA TRP C 211 -1.67 18.92 13.15
C TRP C 211 -1.81 20.42 12.88
N ALA C 212 -3.06 20.91 12.85
CA ALA C 212 -3.34 22.29 12.49
C ALA C 212 -2.54 23.25 13.37
N GLY C 213 -1.73 24.11 12.71
CA GLY C 213 -1.03 25.15 13.44
C GLY C 213 0.41 24.77 13.74
N ASP C 214 0.73 23.49 13.65
CA ASP C 214 2.07 23.03 13.99
C ASP C 214 3.00 23.17 12.80
N SER C 215 4.31 23.25 13.06
CA SER C 215 5.27 23.09 11.98
C SER C 215 5.98 21.74 12.08
N LYS C 216 5.91 21.06 13.23
CA LYS C 216 6.55 19.76 13.37
C LYS C 216 5.51 18.66 13.15
N PRO C 217 5.77 17.68 12.25
CA PRO C 217 4.86 16.53 12.10
C PRO C 217 4.74 15.78 13.43
N PHE C 218 3.52 15.37 13.79
CA PHE C 218 3.27 14.76 15.09
C PHE C 218 4.09 13.47 15.28
N ALA C 219 4.22 12.67 14.21
CA ALA C 219 4.94 11.40 14.30
C ALA C 219 6.39 11.66 14.68
N THR C 220 6.98 12.70 14.08
CA THR C 220 8.37 13.04 14.35
C THR C 220 8.50 13.51 15.81
N TYR C 221 7.52 14.30 16.25
CA TYR C 221 7.53 14.81 17.60
C TYR C 221 7.51 13.64 18.59
N PHE C 222 6.55 12.72 18.40
CA PHE C 222 6.40 11.59 19.29
C PHE C 222 7.67 10.74 19.34
N GLU C 223 8.34 10.57 18.19
CA GLU C 223 9.60 9.83 18.12
C GLU C 223 10.64 10.48 19.02
N GLU C 224 10.73 11.81 18.97
CA GLU C 224 11.70 12.53 19.77
C GLU C 224 11.41 12.32 21.26
N LYS C 225 10.14 12.43 21.64
CA LYS C 225 9.77 12.31 23.04
C LYS C 225 10.06 10.91 23.58
N VAL C 226 9.69 9.89 22.80
CA VAL C 226 9.89 8.51 23.20
C VAL C 226 11.37 8.17 23.25
N ASN C 227 12.13 8.57 22.21
CA ASN C 227 13.52 8.18 22.10
C ASN C 227 14.44 9.03 22.96
N ASN C 228 14.11 10.30 23.23
CA ASN C 228 15.07 11.12 23.94
C ASN C 228 14.60 11.54 25.33
N ASP C 229 13.29 11.55 25.61
CA ASP C 229 12.83 12.26 26.80
C ASP C 229 12.07 11.36 27.78
N GLY C 230 12.11 10.03 27.54
CA GLY C 230 11.43 9.08 28.42
C GLY C 230 9.91 9.22 28.39
N GLY C 231 9.37 9.77 27.30
CA GLY C 231 7.92 9.87 27.13
C GLY C 231 7.28 8.49 27.11
N LEU C 232 6.17 8.35 27.85
CA LEU C 232 5.35 7.15 27.81
C LEU C 232 3.91 7.59 27.55
N PHE C 233 3.42 7.30 26.33
CA PHE C 233 2.14 7.82 25.86
C PHE C 233 1.06 6.75 25.96
N VAL C 234 0.06 7.02 26.80
CA VAL C 234 -1.04 6.10 27.05
C VAL C 234 -2.29 6.61 26.33
N TRP C 235 -2.89 5.74 25.49
CA TRP C 235 -4.01 6.09 24.62
C TRP C 235 -5.19 5.17 24.89
N ALA C 236 -6.40 5.74 25.00
CA ALA C 236 -7.62 4.93 24.98
C ALA C 236 -7.70 4.17 23.65
N ALA C 237 -7.96 2.86 23.71
CA ALA C 237 -7.91 2.03 22.52
C ALA C 237 -9.04 2.39 21.54
N GLY C 238 -10.19 2.84 22.07
CA GLY C 238 -11.35 3.13 21.24
C GLY C 238 -12.64 2.55 21.78
N ASN C 239 -13.76 3.12 21.33
CA ASN C 239 -15.08 2.70 21.78
C ASN C 239 -15.78 1.93 20.65
N ARG C 240 -16.66 2.64 19.92
CA ARG C 240 -17.38 2.09 18.77
C ARG C 240 -16.92 2.82 17.50
N LYS C 241 -17.28 2.24 16.35
CA LYS C 241 -17.04 2.88 15.06
C LYS C 241 -18.33 3.57 14.61
N GLY C 242 -18.27 4.90 14.47
CA GLY C 242 -19.35 5.69 13.90
C GLY C 242 -20.56 5.84 14.83
N ALA C 243 -20.34 5.85 16.14
CA ALA C 243 -21.42 6.11 17.07
C ALA C 243 -21.84 7.57 17.03
N THR C 244 -23.11 7.83 17.33
CA THR C 244 -23.64 9.18 17.50
C THR C 244 -24.46 9.17 18.78
N GLU C 245 -25.11 10.30 19.08
CA GLU C 245 -25.98 10.46 20.23
C GLU C 245 -27.13 9.46 20.18
N THR C 246 -27.54 9.04 18.97
CA THR C 246 -28.70 8.17 18.84
C THR C 246 -28.33 6.80 18.26
N ASN C 247 -27.13 6.66 17.70
CA ASN C 247 -26.73 5.42 17.06
C ASN C 247 -25.50 4.85 17.78
N PRO C 248 -25.54 3.60 18.30
CA PRO C 248 -24.37 3.04 18.99
C PRO C 248 -23.21 2.60 18.09
N GLY C 249 -23.33 2.82 16.77
CA GLY C 249 -22.26 2.57 15.81
C GLY C 249 -21.94 1.08 15.67
N GLN C 250 -20.82 0.75 15.04
CA GLN C 250 -20.44 -0.65 14.80
CA GLN C 250 -20.45 -0.64 14.82
C GLN C 250 -19.26 -1.04 15.69
N ASP C 251 -19.01 -2.36 15.75
CA ASP C 251 -17.89 -2.96 16.45
C ASP C 251 -16.58 -2.37 15.91
N MET C 252 -15.67 -2.01 16.83
CA MET C 252 -14.34 -1.56 16.46
C MET C 252 -13.36 -2.68 16.84
N ASP C 253 -12.83 -3.40 15.84
CA ASP C 253 -12.16 -4.65 16.12
C ASP C 253 -10.64 -4.51 16.21
N SER C 254 -10.16 -3.27 16.36
CA SER C 254 -8.75 -2.98 16.51
C SER C 254 -8.63 -1.58 17.12
N VAL C 255 -7.45 -1.21 17.61
CA VAL C 255 -7.26 0.08 18.24
C VAL C 255 -7.36 1.21 17.22
N GLY C 256 -7.64 2.43 17.75
CA GLY C 256 -7.70 3.63 16.94
C GLY C 256 -6.32 3.97 16.38
N MET C 257 -6.32 4.84 15.37
CA MET C 257 -5.11 5.22 14.68
C MET C 257 -3.98 5.66 15.63
N GLU C 258 -4.26 6.62 16.54
CA GLU C 258 -3.21 7.15 17.39
C GLU C 258 -2.75 6.08 18.38
N ALA C 259 -3.72 5.36 18.97
CA ALA C 259 -3.44 4.27 19.88
C ALA C 259 -2.56 3.23 19.20
N GLY C 260 -2.68 3.08 17.86
CA GLY C 260 -1.96 2.07 17.13
C GLY C 260 -0.75 2.62 16.35
N LEU C 261 -0.35 3.86 16.62
CA LEU C 261 0.68 4.52 15.80
C LEU C 261 1.96 3.70 15.62
N PRO C 262 2.46 2.91 16.61
CA PRO C 262 3.68 2.12 16.39
C PRO C 262 3.67 1.22 15.15
N TYR C 263 2.46 0.82 14.71
CA TYR C 263 2.25 0.05 13.49
C TYR C 263 2.84 0.80 12.29
N LEU C 264 2.81 2.15 12.32
CA LEU C 264 3.34 2.96 11.23
C LEU C 264 4.72 3.49 11.55
N VAL C 265 5.02 3.66 12.84
CA VAL C 265 6.30 4.19 13.30
C VAL C 265 6.82 3.27 14.40
N ASN C 266 7.60 2.25 14.01
CA ASN C 266 7.94 1.16 14.93
C ASN C 266 8.69 1.63 16.20
N ASP C 267 9.50 2.68 16.08
CA ASP C 267 10.31 3.06 17.23
C ASP C 267 9.49 3.79 18.32
N LEU C 268 8.18 3.97 18.10
CA LEU C 268 7.27 4.50 19.11
C LEU C 268 6.84 3.42 20.11
N GLU C 269 6.90 2.14 19.69
CA GLU C 269 6.35 1.07 20.50
C GLU C 269 6.85 1.11 21.95
N LYS C 270 8.17 1.33 22.13
CA LYS C 270 8.78 1.23 23.45
C LYS C 270 8.24 2.29 24.41
N GLY C 271 7.56 3.33 23.87
CA GLY C 271 6.97 4.37 24.70
C GLY C 271 5.46 4.52 24.47
N TRP C 272 4.77 3.41 24.12
CA TRP C 272 3.36 3.47 23.74
C TRP C 272 2.54 2.41 24.48
N ILE C 273 1.34 2.78 24.94
CA ILE C 273 0.40 1.80 25.46
C ILE C 273 -0.98 2.19 24.94
N ALA C 274 -1.68 1.21 24.35
CA ALA C 274 -3.08 1.36 24.00
C ALA C 274 -3.92 0.68 25.09
N VAL C 275 -5.07 1.27 25.46
CA VAL C 275 -5.80 0.74 26.61
C VAL C 275 -7.24 0.35 26.26
N VAL C 276 -7.52 -0.94 26.31
CA VAL C 276 -8.83 -1.50 26.06
C VAL C 276 -9.68 -1.34 27.33
N GLY C 277 -10.93 -0.88 27.17
CA GLY C 277 -11.83 -0.76 28.31
C GLY C 277 -12.65 -2.03 28.52
N ILE C 278 -12.63 -2.59 29.74
CA ILE C 278 -13.40 -3.80 30.05
C ILE C 278 -14.02 -3.68 31.45
N GLN C 279 -14.80 -4.69 31.84
CA GLN C 279 -15.52 -4.68 33.11
C GLN C 279 -14.82 -5.60 34.10
N PRO C 280 -14.53 -5.12 35.33
CA PRO C 280 -14.01 -6.00 36.39
C PRO C 280 -14.99 -7.14 36.66
N LYS C 281 -16.29 -6.82 36.59
CA LYS C 281 -17.37 -7.77 36.82
C LYS C 281 -18.44 -7.54 35.76
N GLU C 282 -18.85 -8.62 35.08
CA GLU C 282 -19.86 -8.60 34.02
C GLU C 282 -21.13 -7.89 34.52
N THR C 283 -21.63 -6.93 33.72
CA THR C 283 -22.86 -6.22 34.02
C THR C 283 -23.89 -6.47 32.91
N VAL C 284 -25.16 -6.12 33.21
CA VAL C 284 -26.28 -6.26 32.28
C VAL C 284 -26.96 -4.90 32.18
N ARG C 285 -27.20 -4.50 30.92
CA ARG C 285 -27.82 -3.21 30.64
C ARG C 285 -29.29 -3.27 30.99
N VAL C 286 -29.77 -2.29 31.78
CA VAL C 286 -31.19 -2.25 32.10
C VAL C 286 -31.83 -0.90 31.75
N GLY C 287 -31.03 0.10 31.34
CA GLY C 287 -31.60 1.36 30.90
C GLY C 287 -30.54 2.44 30.66
N THR C 288 -30.98 3.70 30.65
CA THR C 288 -30.16 4.88 30.40
C THR C 288 -30.69 6.01 31.27
N ALA C 289 -29.80 6.66 32.02
CA ALA C 289 -30.19 7.76 32.91
C ALA C 289 -30.57 8.99 32.08
N PRO C 290 -31.34 9.97 32.64
CA PRO C 290 -31.72 11.17 31.90
C PRO C 290 -30.60 11.83 31.09
N ASP C 291 -29.37 11.83 31.63
CA ASP C 291 -28.26 12.57 31.04
C ASP C 291 -27.61 11.78 29.90
N GLY C 292 -27.89 10.48 29.79
CA GLY C 292 -27.33 9.67 28.71
C GLY C 292 -26.34 8.63 29.22
N THR C 293 -26.00 8.70 30.53
CA THR C 293 -25.18 7.74 31.27
C THR C 293 -25.87 6.38 31.32
N PRO C 294 -25.16 5.23 31.13
CA PRO C 294 -25.80 3.90 31.24
C PRO C 294 -26.29 3.53 32.65
N ILE C 295 -27.37 2.73 32.67
CA ILE C 295 -27.86 2.08 33.87
C ILE C 295 -27.73 0.56 33.69
N VAL C 296 -26.85 0.00 34.53
CA VAL C 296 -26.44 -1.39 34.42
C VAL C 296 -26.52 -2.02 35.81
N ASN C 297 -26.70 -3.34 35.84
CA ASN C 297 -26.65 -4.10 37.08
C ASN C 297 -25.56 -5.15 36.96
N ILE C 298 -24.96 -5.53 38.10
CA ILE C 298 -24.05 -6.68 38.18
C ILE C 298 -24.81 -7.92 37.72
N LYS C 299 -24.30 -8.59 36.67
CA LYS C 299 -24.90 -9.83 36.20
C LYS C 299 -24.72 -10.90 37.26
N PRO C 300 -25.78 -11.66 37.60
CA PRO C 300 -25.69 -12.69 38.64
C PRO C 300 -24.70 -13.74 38.14
N ASN C 301 -23.72 -14.08 38.99
CA ASN C 301 -22.72 -15.07 38.60
C ASN C 301 -21.95 -14.62 37.35
N GLY C 302 -21.82 -13.30 37.15
CA GLY C 302 -21.11 -12.77 35.99
C GLY C 302 -19.61 -13.07 36.05
N LYS C 303 -19.02 -13.14 34.85
CA LYS C 303 -17.59 -13.38 34.70
C LYS C 303 -16.81 -12.13 35.10
N LEU C 304 -15.52 -12.32 35.39
CA LEU C 304 -14.63 -11.22 35.77
C LEU C 304 -13.76 -10.85 34.57
N ASN C 305 -13.44 -9.55 34.47
CA ASN C 305 -12.48 -9.03 33.50
C ASN C 305 -12.92 -9.39 32.08
N ILE C 306 -14.00 -8.76 31.63
CA ILE C 306 -14.64 -9.18 30.38
C ILE C 306 -15.24 -7.99 29.66
N HIS C 307 -15.19 -8.04 28.32
CA HIS C 307 -15.80 -7.04 27.46
C HIS C 307 -17.32 -7.02 27.67
N ARG C 308 -17.98 -5.94 27.23
CA ARG C 308 -19.43 -5.84 27.28
C ARG C 308 -20.04 -6.58 26.09
N THR C 309 -21.37 -6.65 26.05
CA THR C 309 -22.06 -7.44 25.05
C THR C 309 -22.78 -6.54 24.05
N GLY C 310 -23.00 -7.08 22.84
CA GLY C 310 -23.76 -6.41 21.79
C GLY C 310 -23.16 -5.05 21.43
N THR C 311 -24.02 -4.03 21.32
CA THR C 311 -23.60 -2.72 20.84
C THR C 311 -22.99 -1.88 21.95
N ASP C 312 -22.86 -2.48 23.14
CA ASP C 312 -22.13 -1.88 24.26
C ASP C 312 -20.63 -2.22 24.20
N ARG C 313 -20.21 -3.17 23.36
CA ARG C 313 -18.84 -3.67 23.36
C ARG C 313 -17.86 -2.63 22.82
N LEU C 314 -16.77 -2.38 23.57
CA LEU C 314 -15.77 -1.40 23.17
C LEU C 314 -14.73 -2.05 22.27
N ALA C 315 -13.73 -1.25 21.84
CA ALA C 315 -12.71 -1.70 20.89
C ALA C 315 -11.89 -2.86 21.44
N TYR C 316 -11.55 -3.78 20.54
CA TYR C 316 -10.54 -4.81 20.72
C TYR C 316 -9.17 -4.21 20.37
N ALA C 317 -8.10 -4.85 20.84
CA ALA C 317 -6.76 -4.43 20.50
C ALA C 317 -6.47 -4.81 19.05
N GLY C 318 -7.03 -5.93 18.61
CA GLY C 318 -6.68 -6.47 17.30
C GLY C 318 -5.38 -7.25 17.39
N ASP C 319 -5.03 -7.97 16.32
CA ASP C 319 -3.94 -8.94 16.40
C ASP C 319 -2.58 -8.28 16.14
N ASN C 320 -2.54 -6.96 15.93
CA ASN C 320 -1.27 -6.29 15.70
C ASN C 320 -0.88 -5.47 16.94
N ALA C 321 -1.76 -4.52 17.32
CA ALA C 321 -1.52 -3.60 18.42
C ALA C 321 -1.57 -4.29 19.80
N LYS C 322 -2.03 -5.55 19.84
CA LYS C 322 -2.19 -6.26 21.11
C LYS C 322 -0.88 -6.31 21.90
N TYR C 323 0.28 -6.23 21.22
CA TYR C 323 1.58 -6.28 21.87
C TYR C 323 1.85 -5.06 22.75
N TRP C 324 1.22 -3.91 22.42
CA TRP C 324 1.40 -2.74 23.28
C TRP C 324 0.08 -2.34 23.93
N SER C 325 -0.83 -3.31 24.07
CA SER C 325 -2.16 -3.07 24.65
C SER C 325 -2.34 -3.79 25.98
N ILE C 326 -3.20 -3.18 26.81
CA ILE C 326 -3.58 -3.72 28.10
C ILE C 326 -5.02 -3.29 28.35
N SER C 327 -5.74 -4.05 29.19
CA SER C 327 -7.12 -3.74 29.54
C SER C 327 -7.17 -3.09 30.92
N ALA C 328 -8.18 -2.25 31.15
CA ALA C 328 -8.48 -1.68 32.45
C ALA C 328 -9.98 -1.40 32.56
N ASP C 329 -10.43 -1.15 33.79
CA ASP C 329 -11.80 -0.82 34.13
C ASP C 329 -12.27 0.38 33.30
N ASP C 330 -13.42 0.23 32.60
CA ASP C 330 -13.92 1.25 31.68
C ASP C 330 -14.92 2.22 32.33
N SER C 331 -15.00 2.23 33.66
CA SER C 331 -15.99 3.05 34.36
C SER C 331 -15.41 4.35 34.90
N ALA C 332 -16.13 5.46 34.73
CA ALA C 332 -15.81 6.72 35.38
C ALA C 332 -16.09 6.59 36.88
N ILE C 333 -15.69 7.59 37.67
CA ILE C 333 -16.01 7.54 39.10
C ILE C 333 -17.50 7.83 39.26
N PRO C 334 -18.30 6.95 39.91
CA PRO C 334 -19.76 7.11 39.94
C PRO C 334 -20.18 8.34 40.76
N THR C 335 -21.21 9.05 40.30
CA THR C 335 -21.90 10.08 41.07
C THR C 335 -23.37 9.70 41.19
N ALA C 336 -23.81 9.52 42.44
CA ALA C 336 -25.18 9.15 42.76
C ALA C 336 -25.61 7.94 41.94
N GLY C 337 -24.75 6.91 41.92
CA GLY C 337 -25.11 5.62 41.34
C GLY C 337 -25.06 5.57 39.80
N ARG C 338 -24.76 6.70 39.15
CA ARG C 338 -24.58 6.68 37.70
C ARG C 338 -23.09 6.90 37.37
N ALA C 339 -22.60 6.26 36.28
CA ALA C 339 -21.22 6.40 35.85
C ALA C 339 -21.11 6.28 34.32
N GLY C 340 -20.39 7.22 33.70
CA GLY C 340 -19.93 7.10 32.32
C GLY C 340 -19.08 5.84 32.10
N ILE C 341 -19.14 5.31 30.88
CA ILE C 341 -18.49 4.06 30.47
C ILE C 341 -17.69 4.37 29.22
N GLY C 342 -16.45 3.86 29.13
CA GLY C 342 -15.64 4.08 27.93
C GLY C 342 -14.16 3.77 28.16
N SER C 343 -13.44 3.54 27.05
CA SER C 343 -12.00 3.37 27.12
C SER C 343 -11.33 4.65 27.63
N SER C 344 -12.06 5.77 27.57
CA SER C 344 -11.58 7.03 28.14
C SER C 344 -11.28 6.91 29.63
N TYR C 345 -11.93 5.95 30.31
CA TYR C 345 -11.79 5.81 31.75
C TYR C 345 -10.81 4.68 32.09
N ALA C 346 -10.50 3.84 31.09
CA ALA C 346 -9.53 2.78 31.25
C ALA C 346 -8.11 3.33 31.10
N ALA C 347 -7.90 4.21 30.11
CA ALA C 347 -6.58 4.79 29.87
C ALA C 347 -5.98 5.42 31.14
N PRO C 348 -6.73 6.30 31.88
CA PRO C 348 -6.17 6.98 33.05
C PRO C 348 -5.74 6.04 34.18
N ARG C 349 -6.36 4.86 34.27
CA ARG C 349 -5.94 3.88 35.26
C ARG C 349 -4.57 3.32 34.91
N VAL C 350 -4.34 3.12 33.60
CA VAL C 350 -3.05 2.62 33.13
C VAL C 350 -2.01 3.74 33.30
N SER C 351 -2.39 4.98 32.95
CA SER C 351 -1.47 6.10 33.10
C SER C 351 -1.04 6.22 34.57
N ARG C 352 -2.01 6.04 35.47
CA ARG C 352 -1.74 6.15 36.91
C ARG C 352 -0.78 5.04 37.33
N ALA C 353 -1.10 3.80 36.96
CA ALA C 353 -0.27 2.67 37.36
C ALA C 353 1.16 2.85 36.82
N ALA C 354 1.26 3.31 35.55
CA ALA C 354 2.56 3.53 34.92
C ALA C 354 3.36 4.57 35.70
N ALA C 355 2.73 5.69 36.03
CA ALA C 355 3.41 6.76 36.75
C ALA C 355 3.90 6.27 38.13
N LEU C 356 3.10 5.47 38.82
CA LEU C 356 3.44 4.97 40.14
C LEU C 356 4.59 3.95 40.07
N VAL C 357 4.56 3.06 39.08
CA VAL C 357 5.61 2.09 38.85
C VAL C 357 6.92 2.83 38.55
N ALA C 358 6.85 3.85 37.70
CA ALA C 358 8.02 4.62 37.31
C ALA C 358 8.59 5.31 38.56
N GLU C 359 7.70 5.83 39.42
CA GLU C 359 8.14 6.53 40.62
C GLU C 359 8.93 5.57 41.52
N LYS C 360 8.37 4.38 41.76
CA LYS C 360 8.97 3.41 42.68
C LYS C 360 10.27 2.82 42.12
N PHE C 361 10.25 2.47 40.82
CA PHE C 361 11.44 1.98 40.16
C PHE C 361 11.93 3.05 39.20
N ASP C 362 12.49 4.12 39.78
CA ASP C 362 12.79 5.35 39.06
C ASP C 362 14.03 5.20 38.17
N TRP C 363 14.71 4.06 38.27
CA TRP C 363 15.80 3.70 37.37
C TRP C 363 15.28 3.02 36.11
N MET C 364 14.01 2.58 36.07
CA MET C 364 13.48 1.90 34.89
C MET C 364 13.33 2.86 33.72
N THR C 365 13.49 2.33 32.49
CA THR C 365 13.12 3.04 31.27
C THR C 365 11.61 2.97 31.09
N ALA C 366 11.05 3.79 30.20
CA ALA C 366 9.63 3.74 29.89
C ALA C 366 9.25 2.34 29.43
N ASP C 367 10.11 1.73 28.61
CA ASP C 367 9.82 0.40 28.09
C ASP C 367 9.75 -0.64 29.21
N GLN C 368 10.59 -0.49 30.24
CA GLN C 368 10.61 -1.42 31.37
C GLN C 368 9.35 -1.25 32.21
N VAL C 369 8.84 -0.01 32.29
CA VAL C 369 7.56 0.25 32.94
C VAL C 369 6.42 -0.46 32.18
N ARG C 370 6.42 -0.35 30.85
CA ARG C 370 5.42 -1.05 30.05
C ARG C 370 5.46 -2.54 30.34
N GLN C 371 6.66 -3.13 30.28
CA GLN C 371 6.82 -4.57 30.53
C GLN C 371 6.31 -4.93 31.91
N THR C 372 6.58 -4.07 32.90
CA THR C 372 6.11 -4.32 34.26
C THR C 372 4.58 -4.42 34.30
N LEU C 373 3.89 -3.46 33.66
CA LEU C 373 2.42 -3.49 33.61
C LEU C 373 1.92 -4.72 32.87
N PHE C 374 2.52 -5.03 31.71
CA PHE C 374 2.03 -6.09 30.84
C PHE C 374 2.20 -7.46 31.51
N THR C 375 3.26 -7.62 32.32
CA THR C 375 3.61 -8.95 32.83
C THR C 375 3.04 -9.20 34.23
N THR C 376 2.13 -8.32 34.71
CA THR C 376 1.57 -8.48 36.05
C THR C 376 0.03 -8.39 36.04
N THR C 377 -0.56 -8.58 34.87
CA THR C 377 -2.01 -8.48 34.68
C THR C 377 -2.72 -9.70 35.27
N ASP C 378 -4.04 -9.52 35.47
CA ASP C 378 -4.95 -10.60 35.77
C ASP C 378 -5.53 -11.16 34.47
N ASP C 379 -5.93 -12.43 34.52
CA ASP C 379 -6.52 -13.11 33.38
C ASP C 379 -7.97 -12.63 33.20
N THR C 380 -8.54 -12.94 32.02
CA THR C 380 -9.80 -12.35 31.57
C THR C 380 -10.89 -13.42 31.42
N GLU C 381 -12.15 -12.99 31.54
CA GLU C 381 -13.32 -13.84 31.37
C GLU C 381 -13.28 -14.99 32.37
N LEU C 382 -13.04 -14.66 33.65
CA LEU C 382 -12.87 -15.65 34.69
C LEU C 382 -14.22 -15.93 35.34
N ASP C 383 -14.34 -17.15 35.87
CA ASP C 383 -15.52 -17.58 36.59
C ASP C 383 -15.72 -16.69 37.83
N ALA C 384 -17.00 -16.42 38.15
CA ALA C 384 -17.35 -15.57 39.27
C ALA C 384 -16.76 -16.10 40.57
N SER C 385 -16.52 -17.40 40.66
CA SER C 385 -16.02 -17.98 41.91
C SER C 385 -14.57 -17.58 42.17
N LEU C 386 -13.88 -16.96 41.19
CA LEU C 386 -12.51 -16.54 41.41
C LEU C 386 -12.42 -15.13 42.03
N ALA C 387 -13.57 -14.53 42.40
CA ALA C 387 -13.57 -13.20 43.01
C ALA C 387 -13.03 -13.27 44.43
N GLY C 388 -12.76 -12.11 45.03
CA GLY C 388 -12.34 -12.04 46.42
C GLY C 388 -10.82 -11.99 46.59
N ASN C 389 -10.40 -11.36 47.70
CA ASN C 389 -8.99 -11.13 47.98
C ASN C 389 -8.22 -12.44 48.12
N ALA C 390 -8.87 -13.47 48.65
CA ALA C 390 -8.21 -14.74 48.87
C ALA C 390 -7.78 -15.34 47.53
N ASN C 391 -8.44 -14.90 46.44
CA ASN C 391 -8.14 -15.48 45.13
C ASN C 391 -7.32 -14.52 44.25
N ALA C 392 -6.80 -13.44 44.83
CA ALA C 392 -6.12 -12.40 44.06
C ALA C 392 -5.01 -12.98 43.16
N GLU C 393 -4.19 -13.90 43.69
CA GLU C 393 -3.10 -14.47 42.92
C GLU C 393 -3.58 -15.57 41.97
N LYS C 394 -4.72 -16.18 42.31
CA LYS C 394 -5.29 -17.19 41.42
C LYS C 394 -5.75 -16.55 40.12
N ARG C 395 -6.11 -15.26 40.16
CA ARG C 395 -6.60 -14.56 39.00
C ARG C 395 -5.48 -14.10 38.05
N ARG C 396 -4.21 -14.28 38.44
CA ARG C 396 -3.09 -13.80 37.66
C ARG C 396 -3.07 -14.44 36.26
N ARG C 397 -2.82 -13.65 35.23
CA ARG C 397 -2.63 -14.17 33.89
C ARG C 397 -1.21 -14.72 33.73
N VAL C 398 -1.10 -15.97 33.30
CA VAL C 398 0.21 -16.55 33.08
C VAL C 398 0.26 -17.05 31.63
N LYS C 399 0.51 -16.13 30.70
CA LYS C 399 0.57 -16.47 29.29
C LYS C 399 1.74 -15.71 28.69
N THR C 400 2.35 -16.30 27.66
CA THR C 400 3.57 -15.70 27.12
C THR C 400 3.24 -14.81 25.91
N SER C 401 1.96 -14.63 25.59
CA SER C 401 1.63 -13.72 24.52
C SER C 401 0.34 -12.98 24.81
N PRO C 402 0.11 -11.81 24.19
CA PRO C 402 -1.12 -11.04 24.41
C PRO C 402 -2.22 -11.61 23.51
N ASP C 403 -3.46 -11.13 23.67
CA ASP C 403 -4.52 -11.57 22.76
C ASP C 403 -5.24 -10.37 22.14
N TYR C 404 -5.97 -10.64 21.06
CA TYR C 404 -6.59 -9.61 20.22
C TYR C 404 -7.69 -8.84 20.95
N LYS C 405 -8.31 -9.44 21.98
CA LYS C 405 -9.42 -8.80 22.68
C LYS C 405 -8.92 -7.95 23.84
N TYR C 406 -7.91 -8.43 24.58
CA TYR C 406 -7.57 -7.86 25.88
C TYR C 406 -6.13 -7.35 25.94
N GLY C 407 -5.36 -7.53 24.86
CA GLY C 407 -3.94 -7.24 24.92
C GLY C 407 -3.27 -8.17 25.93
N TRP C 408 -2.52 -7.58 26.86
CA TRP C 408 -1.74 -8.35 27.83
C TRP C 408 -2.59 -8.73 29.04
N GLY C 409 -3.87 -8.32 29.05
CA GLY C 409 -4.79 -8.75 30.10
C GLY C 409 -5.26 -7.57 30.95
N MET C 410 -5.83 -7.87 32.13
CA MET C 410 -6.44 -6.84 32.97
C MET C 410 -5.37 -6.25 33.90
N LEU C 411 -5.15 -4.94 33.79
CA LEU C 411 -4.25 -4.20 34.64
C LEU C 411 -4.45 -4.60 36.10
N ASN C 412 -3.33 -4.75 36.81
CA ASN C 412 -3.36 -4.93 38.26
C ASN C 412 -2.28 -4.04 38.86
N GLN C 413 -2.71 -2.87 39.33
CA GLN C 413 -1.80 -1.82 39.76
C GLN C 413 -0.95 -2.32 40.93
N GLU C 414 -1.60 -3.04 41.85
CA GLU C 414 -0.93 -3.48 43.07
C GLU C 414 0.18 -4.49 42.73
N ARG C 415 -0.11 -5.44 41.82
CA ARG C 415 0.90 -6.41 41.42
C ARG C 415 2.02 -5.72 40.62
N ALA C 416 1.66 -4.79 39.75
CA ALA C 416 2.64 -4.05 38.98
C ALA C 416 3.65 -3.36 39.89
N LEU C 417 3.18 -2.81 41.02
CA LEU C 417 4.06 -2.06 41.92
C LEU C 417 5.08 -2.98 42.62
N LYS C 418 4.93 -4.29 42.51
CA LYS C 418 5.90 -5.21 43.09
C LYS C 418 6.97 -5.60 42.05
N GLY C 419 6.90 -4.94 40.89
CA GLY C 419 7.92 -5.10 39.86
C GLY C 419 7.48 -6.07 38.77
N PRO C 420 8.34 -6.32 37.75
CA PRO C 420 7.96 -7.17 36.63
C PRO C 420 7.48 -8.55 37.08
N GLY C 421 6.60 -9.16 36.27
CA GLY C 421 6.13 -10.51 36.54
C GLY C 421 6.57 -11.53 35.51
N ALA C 422 7.30 -11.08 34.47
CA ALA C 422 7.89 -12.02 33.53
C ALA C 422 9.05 -11.35 32.81
N PHE C 423 10.09 -12.15 32.53
CA PHE C 423 11.20 -11.74 31.70
C PHE C 423 11.07 -12.47 30.37
N MET C 424 10.61 -11.75 29.35
CA MET C 424 10.37 -12.31 28.03
C MET C 424 10.11 -11.14 27.07
N ASP C 425 10.12 -11.42 25.76
CA ASP C 425 9.77 -10.40 24.77
C ASP C 425 8.28 -10.11 24.85
N VAL C 426 7.91 -8.84 25.02
CA VAL C 426 6.49 -8.50 25.09
C VAL C 426 6.09 -7.61 23.90
N THR C 427 6.99 -7.44 22.91
CA THR C 427 6.84 -6.43 21.88
C THR C 427 6.54 -7.04 20.51
N LYS C 428 6.06 -6.18 19.59
CA LYS C 428 5.83 -6.56 18.21
CA LYS C 428 5.83 -6.56 18.21
C LYS C 428 7.10 -6.32 17.39
N TYR C 429 7.84 -5.26 17.71
CA TYR C 429 8.91 -4.79 16.83
C TYR C 429 10.29 -4.78 17.51
N GLY C 430 10.36 -5.01 18.82
CA GLY C 430 11.62 -4.99 19.54
C GLY C 430 12.00 -6.39 20.01
N ASN C 431 12.77 -6.44 21.11
CA ASN C 431 13.05 -7.70 21.77
C ASN C 431 13.40 -7.44 23.24
N THR C 432 12.43 -7.66 24.14
CA THR C 432 12.66 -7.37 25.55
C THR C 432 12.97 -8.66 26.33
N ASN C 433 13.53 -9.66 25.65
CA ASN C 433 13.81 -10.97 26.22
C ASN C 433 14.65 -10.85 27.50
N ILE C 434 15.68 -10.02 27.45
CA ILE C 434 16.58 -9.77 28.56
C ILE C 434 16.10 -8.52 29.29
N PHE C 435 15.94 -8.59 30.60
CA PHE C 435 15.61 -7.41 31.37
C PHE C 435 16.91 -6.85 31.93
N ASN C 436 17.30 -5.64 31.48
CA ASN C 436 18.53 -4.99 31.89
C ASN C 436 18.24 -4.05 33.06
N ALA C 437 18.29 -4.60 34.29
CA ALA C 437 18.04 -3.80 35.49
C ALA C 437 19.30 -3.02 35.86
N GLU C 438 19.33 -1.74 35.45
CA GLU C 438 20.44 -0.86 35.76
C GLU C 438 20.05 -0.01 36.96
N ILE C 439 20.54 -0.41 38.14
CA ILE C 439 20.17 0.26 39.36
C ILE C 439 21.38 1.02 39.91
N PRO C 440 21.31 2.36 40.11
CA PRO C 440 22.46 3.15 40.56
C PRO C 440 22.82 2.94 42.03
N ALA C 441 24.05 3.38 42.37
CA ALA C 441 24.56 3.34 43.73
C ALA C 441 23.56 3.99 44.68
N GLY C 442 23.35 3.35 45.84
CA GLY C 442 22.48 3.94 46.83
C GLY C 442 21.02 3.54 46.67
N LYS C 443 20.67 2.85 45.59
CA LYS C 443 19.27 2.44 45.41
C LYS C 443 19.11 0.93 45.58
N THR C 444 18.06 0.51 46.29
CA THR C 444 17.66 -0.88 46.46
C THR C 444 16.22 -1.06 45.98
N SER C 445 15.97 -2.06 45.11
CA SER C 445 14.60 -2.37 44.70
C SER C 445 14.28 -3.84 45.00
N TYR C 446 12.99 -4.12 45.18
CA TYR C 446 12.49 -5.46 45.47
C TYR C 446 11.55 -5.91 44.35
N PHE C 447 11.87 -7.03 43.69
CA PHE C 447 10.97 -7.66 42.76
C PHE C 447 10.29 -8.79 43.52
N GLU C 448 9.02 -8.60 43.85
CA GLU C 448 8.37 -9.52 44.80
C GLU C 448 7.36 -10.45 44.14
N ASN C 449 7.18 -10.36 42.81
CA ASN C 449 6.26 -11.26 42.14
C ASN C 449 6.96 -12.56 41.76
N LYS C 450 6.17 -13.58 41.47
CA LYS C 450 6.67 -14.76 40.79
C LYS C 450 6.90 -14.42 39.32
N ILE C 451 8.15 -14.53 38.88
CA ILE C 451 8.53 -14.10 37.55
C ILE C 451 8.72 -15.34 36.67
N PHE C 452 7.92 -15.45 35.59
CA PHE C 452 8.04 -16.53 34.61
C PHE C 452 8.68 -15.97 33.33
N GLY C 453 8.77 -16.79 32.27
CA GLY C 453 9.15 -16.29 30.97
C GLY C 453 10.36 -17.00 30.39
N PHE C 454 10.49 -16.95 29.07
CA PHE C 454 11.58 -17.60 28.36
C PHE C 454 12.90 -16.84 28.56
N GLY C 455 12.78 -15.53 28.84
CA GLY C 455 13.96 -14.66 28.93
C GLY C 455 14.59 -14.64 30.31
N GLY C 456 15.37 -13.58 30.56
CA GLY C 456 16.19 -13.57 31.75
C GLY C 456 16.56 -12.16 32.20
N LEU C 457 17.54 -12.10 33.13
CA LEU C 457 17.86 -10.88 33.84
C LEU C 457 19.35 -10.57 33.74
N VAL C 458 19.67 -9.30 33.50
CA VAL C 458 21.02 -8.80 33.64
C VAL C 458 20.97 -7.67 34.66
N LYS C 459 21.68 -7.86 35.78
CA LYS C 459 21.72 -6.86 36.84
C LYS C 459 22.99 -6.01 36.63
N SER C 460 22.79 -4.70 36.47
CA SER C 460 23.92 -3.79 36.32
C SER C 460 23.69 -2.54 37.17
N GLY C 461 24.63 -1.60 37.12
CA GLY C 461 24.69 -0.47 38.04
C GLY C 461 25.15 -0.91 39.43
N GLU C 462 25.47 0.07 40.28
CA GLU C 462 26.07 -0.24 41.57
C GLU C 462 25.05 -0.59 42.65
N GLY C 463 23.76 -0.32 42.39
CA GLY C 463 22.71 -0.60 43.37
C GLY C 463 22.39 -2.09 43.58
N THR C 464 21.26 -2.36 44.25
CA THR C 464 20.90 -3.68 44.72
C THR C 464 19.50 -4.03 44.24
N LEU C 465 19.34 -5.28 43.77
CA LEU C 465 18.03 -5.83 43.43
C LEU C 465 17.81 -7.10 44.24
N HIS C 466 16.64 -7.19 44.87
CA HIS C 466 16.21 -8.41 45.55
C HIS C 466 15.16 -9.12 44.71
N LEU C 467 15.30 -10.45 44.59
CA LEU C 467 14.26 -11.32 44.04
C LEU C 467 13.70 -12.11 45.21
N THR C 468 12.48 -11.77 45.64
CA THR C 468 11.99 -12.28 46.91
C THR C 468 11.07 -13.49 46.75
N ASN C 469 10.74 -13.87 45.52
CA ASN C 469 9.69 -14.87 45.30
C ASN C 469 10.23 -16.04 44.48
N ASP C 470 9.36 -17.04 44.24
CA ASP C 470 9.70 -18.22 43.48
C ASP C 470 9.60 -17.91 41.98
N ASN C 471 10.75 -17.88 41.30
CA ASN C 471 10.85 -17.46 39.90
C ASN C 471 11.12 -18.66 38.99
N SER C 472 10.49 -18.64 37.81
CA SER C 472 10.56 -19.73 36.86
C SER C 472 11.09 -19.28 35.49
N TYR C 473 11.58 -18.04 35.37
CA TYR C 473 12.10 -17.65 34.07
C TYR C 473 13.33 -18.48 33.69
N ALA C 474 13.45 -18.78 32.38
CA ALA C 474 14.34 -19.84 31.92
C ALA C 474 15.67 -19.27 31.41
N GLY C 475 15.77 -17.96 31.20
CA GLY C 475 16.92 -17.41 30.51
C GLY C 475 18.13 -17.12 31.39
N GLY C 476 18.03 -17.39 32.69
CA GLY C 476 19.13 -17.18 33.61
C GLY C 476 19.24 -15.72 34.09
N SER C 477 20.11 -15.51 35.09
CA SER C 477 20.45 -14.18 35.57
C SER C 477 21.97 -13.97 35.48
N VAL C 478 22.37 -12.77 35.07
CA VAL C 478 23.77 -12.38 35.02
C VAL C 478 23.93 -11.17 35.94
N VAL C 479 24.91 -11.23 36.85
CA VAL C 479 25.17 -10.10 37.72
C VAL C 479 26.49 -9.45 37.26
N ASN C 480 26.35 -8.32 36.56
CA ASN C 480 27.48 -7.60 36.00
C ASN C 480 28.02 -6.52 36.93
N ARG C 481 27.16 -5.98 37.78
CA ARG C 481 27.57 -4.93 38.70
C ARG C 481 26.55 -4.84 39.83
N GLY C 482 27.01 -4.35 41.00
CA GLY C 482 26.16 -4.19 42.16
C GLY C 482 25.75 -5.58 42.69
N THR C 483 24.60 -5.63 43.37
CA THR C 483 24.22 -6.84 44.07
C THR C 483 22.87 -7.35 43.59
N LEU C 484 22.77 -8.68 43.43
CA LEU C 484 21.52 -9.38 43.30
C LEU C 484 21.33 -10.26 44.54
N GLU C 485 20.13 -10.22 45.12
CA GLU C 485 19.86 -11.07 46.27
C GLU C 485 18.71 -12.03 45.92
N ILE C 486 18.94 -13.32 46.14
CA ILE C 486 17.95 -14.36 45.86
C ILE C 486 17.47 -14.93 47.19
N HIS C 487 16.16 -14.90 47.41
CA HIS C 487 15.56 -15.33 48.66
C HIS C 487 14.91 -16.71 48.53
N LYS C 488 14.45 -17.06 47.31
CA LYS C 488 13.69 -18.30 47.14
C LYS C 488 14.15 -19.02 45.88
N ILE C 489 13.21 -19.64 45.13
CA ILE C 489 13.57 -20.40 43.94
C ILE C 489 13.94 -19.46 42.78
N HIS C 490 15.07 -19.76 42.14
CA HIS C 490 15.50 -19.19 40.88
C HIS C 490 15.74 -20.37 39.95
N SER C 491 14.81 -20.60 39.01
CA SER C 491 14.75 -21.87 38.29
C SER C 491 15.97 -22.09 37.42
N SER C 492 16.48 -21.03 36.75
CA SER C 492 17.52 -21.19 35.73
C SER C 492 18.89 -20.79 36.26
N LYS C 493 19.91 -20.80 35.39
CA LYS C 493 21.30 -20.64 35.79
C LYS C 493 21.58 -19.21 36.25
N VAL C 494 22.64 -19.03 37.04
CA VAL C 494 23.08 -17.74 37.52
C VAL C 494 24.58 -17.58 37.23
N THR C 495 24.98 -16.42 36.71
CA THR C 495 26.39 -16.10 36.47
C THR C 495 26.72 -14.78 37.14
N VAL C 496 27.76 -14.79 37.98
CA VAL C 496 28.25 -13.58 38.62
C VAL C 496 29.55 -13.20 37.92
N ASN C 497 29.55 -12.04 37.25
CA ASN C 497 30.74 -11.56 36.59
C ASN C 497 31.61 -10.80 37.59
N GLN C 498 32.76 -10.31 37.11
CA GLN C 498 33.85 -9.87 37.97
C GLN C 498 33.45 -8.71 38.88
N ALA C 499 32.60 -7.79 38.41
CA ALA C 499 32.22 -6.65 39.26
C ALA C 499 30.87 -6.88 39.96
N GLY C 500 30.36 -8.12 39.89
CA GLY C 500 29.03 -8.40 40.45
C GLY C 500 29.11 -9.09 41.80
N ARG C 501 27.98 -9.07 42.52
CA ARG C 501 27.86 -9.70 43.82
C ARG C 501 26.48 -10.36 43.92
N LEU C 502 26.46 -11.62 44.35
CA LEU C 502 25.23 -12.37 44.57
C LEU C 502 25.13 -12.75 46.04
N VAL C 503 23.99 -12.45 46.65
CA VAL C 503 23.73 -12.87 48.03
C VAL C 503 22.67 -13.96 48.00
N LEU C 504 23.03 -15.13 48.54
CA LEU C 504 22.08 -16.24 48.67
C LEU C 504 21.57 -16.26 50.10
N HIS C 505 20.25 -16.26 50.24
CA HIS C 505 19.61 -16.33 51.53
C HIS C 505 19.21 -17.79 51.83
N PRO C 506 18.80 -18.13 53.07
CA PRO C 506 18.62 -19.53 53.44
C PRO C 506 17.62 -20.34 52.61
N LYS C 507 16.63 -19.67 52.01
CA LYS C 507 15.63 -20.41 51.25
C LYS C 507 15.92 -20.39 49.74
N ALA C 508 17.08 -19.83 49.35
CA ALA C 508 17.49 -19.76 47.96
C ALA C 508 17.64 -21.16 47.36
N LEU C 509 17.15 -21.35 46.14
CA LEU C 509 17.34 -22.58 45.40
C LEU C 509 17.56 -22.21 43.94
N ILE C 510 18.76 -22.49 43.43
CA ILE C 510 19.04 -22.24 42.04
C ILE C 510 18.95 -23.59 41.33
N GLY C 511 18.03 -23.71 40.37
CA GLY C 511 17.97 -24.92 39.59
C GLY C 511 16.72 -25.73 39.90
N TYR C 512 15.67 -25.42 39.14
CA TYR C 512 14.36 -26.02 39.39
C TYR C 512 13.65 -26.17 38.06
N ASN C 513 13.12 -27.38 37.81
CA ASN C 513 12.55 -27.69 36.51
C ASN C 513 11.08 -27.32 36.48
N GLU C 514 10.80 -26.04 36.24
CA GLU C 514 9.46 -25.54 36.00
C GLU C 514 9.41 -25.05 34.56
N ALA C 515 8.31 -25.32 33.84
CA ALA C 515 8.21 -24.81 32.48
C ALA C 515 8.26 -23.29 32.52
N PHE C 516 8.91 -22.68 31.52
CA PHE C 516 9.09 -21.23 31.47
C PHE C 516 7.75 -20.49 31.39
N PHE C 517 6.71 -21.19 30.92
CA PHE C 517 5.39 -20.60 30.74
C PHE C 517 4.47 -20.86 31.95
N ASN C 518 4.99 -21.39 33.06
CA ASN C 518 4.19 -21.56 34.26
C ASN C 518 4.82 -20.76 35.41
N VAL C 519 4.02 -20.48 36.44
CA VAL C 519 4.55 -19.97 37.69
C VAL C 519 4.54 -21.10 38.73
N ILE C 520 5.52 -21.07 39.64
CA ILE C 520 5.64 -22.11 40.65
C ILE C 520 4.57 -21.93 41.71
N THR C 521 3.72 -22.96 41.91
CA THR C 521 2.67 -22.87 42.90
C THR C 521 2.82 -23.93 44.00
N THR C 522 3.41 -25.09 43.66
CA THR C 522 3.75 -26.09 44.66
CA THR C 522 3.73 -26.12 44.64
C THR C 522 5.15 -26.60 44.36
N VAL C 523 5.97 -26.70 45.39
CA VAL C 523 7.35 -27.10 45.19
C VAL C 523 7.45 -28.62 45.27
N ASP C 524 7.91 -29.23 44.19
CA ASP C 524 8.14 -30.66 44.16
C ASP C 524 9.65 -30.92 44.15
N PRO C 525 10.22 -31.54 45.21
CA PRO C 525 11.66 -31.73 45.30
C PRO C 525 12.28 -32.53 44.16
N THR C 526 11.47 -33.37 43.50
CA THR C 526 11.97 -34.16 42.38
C THR C 526 12.31 -33.25 41.19
N ARG C 527 11.76 -32.02 41.19
CA ARG C 527 12.01 -31.09 40.09
C ARG C 527 13.28 -30.25 40.30
N ILE C 528 13.90 -30.35 41.49
CA ILE C 528 15.20 -29.72 41.68
C ILE C 528 16.17 -30.35 40.67
N THR C 529 16.96 -29.53 39.97
CA THR C 529 17.77 -30.03 38.88
C THR C 529 19.14 -30.47 39.38
N THR C 530 19.93 -31.09 38.51
CA THR C 530 21.30 -31.41 38.87
C THR C 530 22.26 -30.83 37.84
N GLY C 531 21.76 -30.07 36.85
CA GLY C 531 22.62 -29.47 35.84
C GLY C 531 22.47 -27.95 35.70
N THR C 532 21.91 -27.28 36.70
CA THR C 532 21.77 -25.82 36.63
C THR C 532 22.90 -25.19 37.42
N ASN C 533 23.79 -24.46 36.74
CA ASN C 533 25.05 -24.08 37.36
C ASN C 533 25.06 -22.63 37.82
N LEU C 534 25.76 -22.41 38.95
CA LEU C 534 26.12 -21.08 39.42
C LEU C 534 27.61 -20.85 39.12
N ARG C 535 27.90 -19.90 38.23
CA ARG C 535 29.24 -19.51 37.87
CA ARG C 535 29.24 -19.50 37.86
C ARG C 535 29.61 -18.23 38.63
N ASN C 536 30.78 -18.24 39.28
CA ASN C 536 31.17 -17.10 40.10
C ASN C 536 32.55 -16.58 39.72
N LYS C 537 32.55 -15.41 39.06
CA LYS C 537 33.78 -14.70 38.77
C LYS C 537 33.88 -13.46 39.64
N GLY C 538 32.86 -13.24 40.48
CA GLY C 538 32.81 -12.07 41.36
C GLY C 538 32.70 -12.49 42.82
N ILE C 539 31.64 -12.00 43.49
CA ILE C 539 31.39 -12.31 44.88
C ILE C 539 30.10 -13.12 45.00
N VAL C 540 30.18 -14.25 45.72
CA VAL C 540 29.02 -14.96 46.20
C VAL C 540 29.06 -15.00 47.72
N GLU C 541 27.96 -14.58 48.35
CA GLU C 541 27.83 -14.53 49.79
C GLU C 541 26.67 -15.41 50.21
N VAL C 542 26.92 -16.34 51.15
CA VAL C 542 25.93 -17.33 51.55
C VAL C 542 25.50 -17.10 53.00
N ASN C 543 24.20 -17.27 53.26
CA ASN C 543 23.58 -17.17 54.57
C ASN C 543 22.79 -18.44 54.84
N GLY C 544 22.77 -18.87 56.10
CA GLY C 544 22.06 -20.09 56.49
C GLY C 544 22.83 -21.33 56.08
N THR C 545 22.22 -22.50 56.30
CA THR C 545 22.87 -23.76 55.93
C THR C 545 22.00 -24.54 54.93
N THR C 546 20.96 -23.89 54.38
CA THR C 546 19.93 -24.61 53.66
C THR C 546 19.82 -24.24 52.18
N ALA C 547 20.53 -23.22 51.69
CA ALA C 547 20.45 -22.86 50.27
C ALA C 547 20.97 -24.00 49.39
N ILE C 548 20.39 -24.13 48.17
CA ILE C 548 20.66 -25.25 47.28
C ILE C 548 21.08 -24.76 45.89
N ILE C 549 22.11 -25.39 45.30
CA ILE C 549 22.40 -25.30 43.88
C ILE C 549 22.05 -26.64 43.27
N GLY C 550 21.01 -26.67 42.43
CA GLY C 550 20.65 -27.84 41.65
C GLY C 550 21.55 -28.00 40.42
N GLY C 551 22.85 -28.16 40.69
CA GLY C 551 23.86 -28.21 39.63
C GLY C 551 25.24 -27.91 40.21
N ASP C 552 26.17 -27.44 39.36
CA ASP C 552 27.54 -27.21 39.79
C ASP C 552 27.71 -25.80 40.34
N TYR C 553 28.64 -25.66 41.30
CA TYR C 553 29.15 -24.37 41.70
C TYR C 553 30.54 -24.23 41.11
N ILE C 554 30.73 -23.23 40.24
CA ILE C 554 31.98 -23.09 39.52
C ILE C 554 32.57 -21.73 39.87
N ALA C 555 33.69 -21.76 40.61
CA ALA C 555 34.36 -20.54 41.05
C ALA C 555 35.64 -20.32 40.24
N TYR C 556 35.81 -19.10 39.73
CA TYR C 556 36.86 -18.75 38.81
C TYR C 556 37.95 -17.95 39.54
N LYS C 557 39.09 -17.79 38.87
CA LYS C 557 40.20 -17.02 39.40
C LYS C 557 39.73 -15.61 39.69
N GLY C 558 40.07 -15.10 40.87
CA GLY C 558 39.73 -13.74 41.27
C GLY C 558 38.36 -13.65 41.93
N SER C 559 37.67 -14.78 42.11
CA SER C 559 36.34 -14.77 42.72
C SER C 559 36.46 -14.85 44.24
N THR C 560 35.38 -14.47 44.95
CA THR C 560 35.28 -14.63 46.39
C THR C 560 34.00 -15.39 46.72
N THR C 561 34.11 -16.36 47.64
CA THR C 561 32.97 -17.06 48.19
C THR C 561 32.97 -16.89 49.70
N THR C 562 31.96 -16.20 50.25
CA THR C 562 31.92 -15.85 51.65
C THR C 562 30.78 -16.59 52.33
N PHE C 563 31.10 -17.31 53.42
CA PHE C 563 30.08 -17.95 54.24
C PHE C 563 29.89 -17.14 55.51
N ASN C 564 28.71 -16.54 55.70
CA ASN C 564 28.47 -15.71 56.87
C ASN C 564 28.10 -16.59 58.07
N ASN C 565 28.81 -16.40 59.18
CA ASN C 565 28.55 -17.02 60.47
C ASN C 565 28.25 -18.51 60.35
N GLY C 566 29.18 -19.27 59.77
CA GLY C 566 29.03 -20.72 59.67
C GLY C 566 28.03 -21.16 58.61
N ALA C 567 27.81 -20.33 57.57
CA ALA C 567 26.87 -20.67 56.49
C ALA C 567 27.40 -21.86 55.66
N LYS C 568 26.47 -22.60 55.06
CA LYS C 568 26.79 -23.73 54.17
C LYS C 568 25.97 -23.60 52.89
N LEU C 569 26.56 -24.00 51.76
CA LEU C 569 25.86 -24.08 50.48
C LEU C 569 25.79 -25.54 50.02
N ASN C 570 24.57 -26.00 49.74
CA ASN C 570 24.33 -27.39 49.36
C ASN C 570 24.40 -27.51 47.84
N VAL C 571 25.50 -28.07 47.31
CA VAL C 571 25.71 -28.18 45.88
C VAL C 571 25.37 -29.61 45.44
N LEU C 572 24.32 -29.78 44.63
CA LEU C 572 23.89 -31.10 44.22
C LEU C 572 24.78 -31.66 43.11
N GLY C 573 25.43 -30.75 42.34
CA GLY C 573 26.39 -31.20 41.34
C GLY C 573 27.80 -31.26 41.92
N ASN C 574 28.78 -30.81 41.13
CA ASN C 574 30.18 -30.75 41.54
C ASN C 574 30.57 -29.31 41.87
N ILE C 575 31.53 -29.18 42.79
CA ILE C 575 32.16 -27.91 43.10
C ILE C 575 33.46 -27.86 42.29
N LYS C 576 33.63 -26.81 41.48
CA LYS C 576 34.79 -26.70 40.62
C LYS C 576 35.47 -25.35 40.84
N VAL C 577 36.81 -25.36 40.73
CA VAL C 577 37.62 -24.16 40.81
C VAL C 577 38.51 -24.11 39.57
N GLU C 578 38.75 -22.88 39.10
CA GLU C 578 39.52 -22.66 37.90
C GLU C 578 40.96 -23.14 38.09
N ASP C 579 41.52 -22.90 39.29
CA ASP C 579 42.84 -23.41 39.63
C ASP C 579 42.96 -23.45 41.15
N GLY C 580 44.19 -23.76 41.62
CA GLY C 580 44.47 -23.97 43.03
C GLY C 580 44.45 -22.68 43.85
N THR C 581 44.48 -21.52 43.16
CA THR C 581 44.48 -20.24 43.87
C THR C 581 43.07 -19.86 44.32
N VAL C 582 42.03 -20.52 43.79
CA VAL C 582 40.68 -20.10 44.06
C VAL C 582 40.25 -20.59 45.45
N LYS C 583 39.77 -19.66 46.29
CA LYS C 583 39.38 -19.96 47.65
C LYS C 583 37.87 -20.16 47.73
N VAL C 584 37.47 -21.36 48.16
CA VAL C 584 36.07 -21.66 48.43
C VAL C 584 35.96 -22.22 49.84
N LEU C 585 36.42 -23.46 50.03
CA LEU C 585 36.32 -24.09 51.34
C LEU C 585 37.63 -23.87 52.11
N ILE D 24 6.75 20.56 1.70
CA ILE D 24 5.72 21.26 2.53
C ILE D 24 4.84 20.21 3.22
N PRO D 25 4.81 20.16 4.58
CA PRO D 25 3.84 19.32 5.29
C PRO D 25 2.37 19.71 5.06
N SER D 26 1.45 18.72 5.11
CA SER D 26 0.01 18.98 5.03
C SER D 26 -0.70 18.54 6.32
N THR D 27 -1.90 19.09 6.55
CA THR D 27 -2.74 18.79 7.70
C THR D 27 -3.52 17.50 7.41
N PRO D 28 -3.67 16.56 8.37
CA PRO D 28 -4.48 15.36 8.16
C PRO D 28 -5.95 15.76 8.09
N SER D 29 -6.71 15.06 7.24
CA SER D 29 -8.13 15.29 7.07
C SER D 29 -8.90 14.48 8.10
N THR D 30 -9.88 15.10 8.77
CA THR D 30 -10.76 14.44 9.73
C THR D 30 -11.47 13.26 9.07
N PRO D 31 -11.65 12.10 9.75
CA PRO D 31 -12.49 11.03 9.20
C PRO D 31 -13.92 11.44 8.86
N SER D 32 -14.27 11.38 7.55
CA SER D 32 -15.66 11.37 7.08
C SER D 32 -15.85 10.40 5.91
N VAL D 33 -17.08 9.89 5.76
CA VAL D 33 -17.39 8.83 4.82
C VAL D 33 -18.40 9.36 3.79
N PRO D 34 -17.95 9.94 2.65
CA PRO D 34 -18.87 10.47 1.65
C PRO D 34 -19.87 9.46 1.08
N GLU D 35 -19.51 8.17 1.14
CA GLU D 35 -20.35 7.08 0.63
CA GLU D 35 -20.33 7.07 0.64
C GLU D 35 -21.67 7.05 1.39
N ASP D 36 -21.67 7.61 2.61
CA ASP D 36 -22.89 7.63 3.42
C ASP D 36 -23.95 8.46 2.71
N ASN D 37 -23.52 9.40 1.86
CA ASN D 37 -24.44 10.32 1.20
C ASN D 37 -24.63 9.95 -0.27
N PHE D 38 -24.03 8.86 -0.75
CA PHE D 38 -24.22 8.46 -2.14
C PHE D 38 -25.68 8.07 -2.36
N PRO D 39 -26.31 8.49 -3.48
CA PRO D 39 -27.66 8.03 -3.80
C PRO D 39 -27.72 6.51 -3.93
N THR D 40 -28.88 5.93 -3.56
CA THR D 40 -29.04 4.48 -3.63
C THR D 40 -29.82 4.13 -4.89
N VAL D 41 -29.62 2.90 -5.36
CA VAL D 41 -30.23 2.36 -6.57
C VAL D 41 -31.19 1.26 -6.12
N ALA D 42 -32.35 1.17 -6.78
CA ALA D 42 -33.35 0.15 -6.51
C ALA D 42 -32.70 -1.23 -6.50
N ASN D 43 -32.97 -1.99 -5.44
CA ASN D 43 -32.40 -3.31 -5.27
C ASN D 43 -33.52 -4.33 -5.42
N PRO D 44 -33.45 -5.22 -6.43
CA PRO D 44 -34.50 -6.21 -6.64
C PRO D 44 -34.78 -7.11 -5.44
N LEU D 45 -33.85 -7.20 -4.47
CA LEU D 45 -34.00 -8.14 -3.37
C LEU D 45 -34.75 -7.49 -2.22
N ASP D 46 -35.03 -6.19 -2.35
CA ASP D 46 -35.54 -5.40 -1.23
C ASP D 46 -36.82 -5.99 -0.64
N SER D 47 -37.68 -6.58 -1.48
CA SER D 47 -38.95 -7.07 -0.96
C SER D 47 -38.74 -8.32 -0.08
N GLN D 48 -37.60 -8.99 -0.25
CA GLN D 48 -37.37 -10.21 0.52
C GLN D 48 -36.61 -9.95 1.82
N LYS D 49 -36.27 -8.69 2.13
CA LYS D 49 -35.33 -8.43 3.20
C LYS D 49 -35.96 -8.46 4.58
N GLY D 50 -37.29 -8.57 4.64
CA GLY D 50 -37.95 -8.73 5.93
C GLY D 50 -37.55 -10.06 6.60
N ASN D 51 -37.25 -11.08 5.80
CA ASN D 51 -36.73 -12.33 6.32
C ASN D 51 -35.29 -12.51 5.81
N ILE D 52 -34.33 -11.82 6.42
CA ILE D 52 -32.97 -11.78 5.94
C ILE D 52 -32.34 -13.17 6.03
N SER D 53 -32.64 -13.92 7.08
CA SER D 53 -32.14 -15.28 7.25
C SER D 53 -32.63 -16.20 6.14
N ALA D 54 -33.88 -16.05 5.73
CA ALA D 54 -34.40 -16.95 4.70
C ALA D 54 -33.80 -16.56 3.33
N LEU D 55 -33.64 -15.26 3.12
CA LEU D 55 -33.05 -14.77 1.88
C LEU D 55 -31.59 -15.26 1.74
N LYS D 56 -30.80 -15.12 2.82
CA LYS D 56 -29.44 -15.63 2.86
C LYS D 56 -29.42 -17.11 2.53
N GLU D 57 -30.35 -17.87 3.09
CA GLU D 57 -30.43 -19.32 2.90
C GLU D 57 -30.68 -19.65 1.43
N LYS D 58 -31.67 -18.97 0.83
CA LYS D 58 -32.03 -19.23 -0.56
C LYS D 58 -30.85 -18.86 -1.49
N LEU D 59 -30.28 -17.66 -1.29
CA LEU D 59 -29.17 -17.21 -2.11
C LEU D 59 -28.01 -18.19 -2.02
N ASN D 60 -27.70 -18.64 -0.79
CA ASN D 60 -26.56 -19.52 -0.57
C ASN D 60 -26.79 -20.87 -1.23
N ARG D 61 -28.03 -21.36 -1.14
CA ARG D 61 -28.40 -22.62 -1.75
C ARG D 61 -28.17 -22.53 -3.27
N ASN D 62 -28.65 -21.44 -3.88
CA ASN D 62 -28.47 -21.29 -5.32
C ASN D 62 -26.98 -21.21 -5.66
N ARG D 63 -26.22 -20.50 -4.81
CA ARG D 63 -24.78 -20.36 -4.98
C ARG D 63 -24.13 -21.76 -4.96
N GLU D 64 -24.45 -22.55 -3.93
CA GLU D 64 -23.88 -23.87 -3.77
C GLU D 64 -24.30 -24.82 -4.89
N ASN D 65 -25.50 -24.63 -5.48
CA ASN D 65 -25.95 -25.49 -6.55
C ASN D 65 -25.43 -25.05 -7.92
N SER D 66 -24.70 -23.93 -7.99
CA SER D 66 -24.16 -23.50 -9.27
C SER D 66 -23.21 -24.58 -9.82
N THR D 67 -23.09 -24.67 -11.14
CA THR D 67 -22.25 -25.70 -11.73
C THR D 67 -20.86 -25.17 -12.13
N ALA D 68 -20.55 -23.91 -11.77
CA ALA D 68 -19.28 -23.31 -12.12
C ALA D 68 -18.13 -24.22 -11.69
N THR D 69 -17.09 -24.34 -12.53
CA THR D 69 -15.91 -25.10 -12.15
C THR D 69 -14.85 -24.16 -11.57
N ILE D 70 -13.98 -24.71 -10.71
CA ILE D 70 -12.95 -23.94 -10.02
C ILE D 70 -11.64 -24.22 -10.76
N PRO D 71 -10.92 -23.21 -11.28
CA PRO D 71 -9.66 -23.44 -11.99
C PRO D 71 -8.51 -23.75 -11.03
N THR D 72 -7.40 -24.26 -11.60
CA THR D 72 -6.16 -24.53 -10.91
C THR D 72 -4.98 -24.09 -11.80
N GLU D 73 -3.74 -24.25 -11.33
CA GLU D 73 -2.58 -23.79 -12.09
C GLU D 73 -2.42 -24.57 -13.40
N THR D 74 -2.11 -23.88 -14.49
CA THR D 74 -2.01 -24.53 -15.79
C THR D 74 -0.56 -24.87 -16.19
N ILE D 75 0.42 -24.10 -15.68
CA ILE D 75 1.84 -24.26 -16.00
C ILE D 75 2.43 -25.36 -15.12
N SER D 76 3.31 -26.17 -15.68
CA SER D 76 4.04 -27.24 -15.00
C SER D 76 5.29 -26.74 -14.28
N TYR D 77 5.59 -27.29 -13.09
CA TYR D 77 6.74 -26.91 -12.25
C TYR D 77 7.28 -28.14 -11.52
N ASN D 78 8.61 -28.31 -11.48
CA ASN D 78 9.22 -29.39 -10.72
C ASN D 78 10.63 -29.01 -10.23
N GLY D 79 10.99 -27.73 -10.40
CA GLY D 79 12.28 -27.23 -9.93
C GLY D 79 13.25 -27.03 -11.09
N SER D 80 12.92 -27.55 -12.28
CA SER D 80 13.85 -27.64 -13.38
C SER D 80 14.40 -26.28 -13.82
N THR D 81 13.72 -25.16 -13.49
CA THR D 81 14.20 -23.86 -13.95
C THR D 81 15.02 -23.11 -12.88
N VAL D 82 15.28 -23.73 -11.71
CA VAL D 82 15.97 -23.01 -10.66
C VAL D 82 17.16 -23.84 -10.17
N LYS D 83 18.06 -23.16 -9.45
CA LYS D 83 19.15 -23.77 -8.74
C LYS D 83 18.93 -23.59 -7.24
N ILE D 84 19.67 -24.36 -6.45
CA ILE D 84 19.53 -24.37 -5.01
C ILE D 84 20.91 -24.67 -4.42
N GLY D 85 21.29 -23.91 -3.39
CA GLY D 85 22.62 -24.03 -2.81
C GLY D 85 22.63 -24.98 -1.60
N ILE D 86 23.79 -25.62 -1.38
CA ILE D 86 24.02 -26.44 -0.19
C ILE D 86 25.50 -26.43 0.14
N LEU D 87 25.81 -26.10 1.40
CA LEU D 87 27.16 -26.14 1.93
C LEU D 87 27.15 -27.25 2.97
N ASP D 88 27.99 -28.27 2.76
CA ASP D 88 28.02 -29.44 3.64
C ASP D 88 29.44 -30.06 3.65
N SER D 89 29.53 -31.27 4.21
CA SER D 89 30.78 -31.92 4.56
C SER D 89 31.70 -32.06 3.34
N ASP D 90 31.29 -32.89 2.36
CA ASP D 90 32.15 -33.10 1.20
C ASP D 90 31.38 -33.57 -0.03
N PHE D 91 31.73 -32.98 -1.18
CA PHE D 91 31.22 -33.40 -2.48
C PHE D 91 32.35 -33.47 -3.51
N THR D 92 33.58 -33.81 -3.07
CA THR D 92 34.74 -33.67 -3.93
C THR D 92 35.26 -35.03 -4.43
N ASP D 93 34.85 -36.13 -3.79
CA ASP D 93 35.30 -37.45 -4.22
C ASP D 93 34.89 -37.69 -5.67
N PRO D 94 35.86 -37.95 -6.58
CA PRO D 94 35.57 -38.06 -8.01
C PRO D 94 34.58 -39.16 -8.38
N VAL D 95 34.54 -40.26 -7.60
CA VAL D 95 33.60 -41.34 -7.83
C VAL D 95 32.19 -40.87 -7.46
N ARG D 96 32.07 -40.22 -6.30
CA ARG D 96 30.81 -39.71 -5.78
C ARG D 96 30.21 -38.72 -6.76
N LYS D 97 31.06 -37.80 -7.23
CA LYS D 97 30.66 -36.75 -8.15
C LYS D 97 30.02 -37.36 -9.41
N ALA D 98 30.62 -38.45 -9.90
CA ALA D 98 30.14 -39.06 -11.13
C ALA D 98 28.80 -39.74 -10.86
N GLN D 99 28.67 -40.37 -9.69
CA GLN D 99 27.41 -40.96 -9.27
C GLN D 99 26.34 -39.87 -9.15
N LEU D 100 26.68 -38.76 -8.48
CA LEU D 100 25.70 -37.70 -8.24
C LEU D 100 25.31 -37.04 -9.55
N SER D 101 26.29 -36.82 -10.45
CA SER D 101 26.06 -36.22 -11.76
C SER D 101 25.09 -37.05 -12.58
N ALA D 102 25.16 -38.38 -12.47
CA ALA D 102 24.27 -39.27 -13.19
C ALA D 102 22.89 -39.26 -12.55
N ARG D 103 22.87 -39.21 -11.21
CA ARG D 103 21.62 -39.30 -10.48
C ARG D 103 20.81 -38.00 -10.54
N TYR D 104 21.51 -36.86 -10.55
CA TYR D 104 20.84 -35.57 -10.51
C TYR D 104 21.37 -34.69 -11.65
N PRO D 105 20.83 -34.80 -12.88
CA PRO D 105 21.36 -34.05 -14.03
C PRO D 105 21.40 -32.55 -13.77
N GLY D 106 22.57 -31.96 -13.98
CA GLY D 106 22.75 -30.52 -13.90
C GLY D 106 23.31 -30.08 -12.55
N ILE D 107 23.58 -31.03 -11.64
CA ILE D 107 24.21 -30.69 -10.37
C ILE D 107 25.58 -30.04 -10.63
N GLU D 108 25.94 -29.01 -9.85
CA GLU D 108 27.22 -28.33 -9.99
C GLU D 108 27.99 -28.46 -8.69
N PHE D 109 29.31 -28.66 -8.77
CA PHE D 109 30.15 -28.80 -7.59
C PHE D 109 31.08 -27.61 -7.48
N ILE D 110 31.18 -27.03 -6.28
CA ILE D 110 32.09 -25.93 -6.04
C ILE D 110 33.39 -26.52 -5.52
N PRO D 111 34.54 -26.27 -6.19
CA PRO D 111 35.84 -26.73 -5.69
C PRO D 111 36.14 -25.99 -4.39
N ARG D 112 36.75 -26.69 -3.44
CA ARG D 112 37.12 -26.14 -2.15
C ARG D 112 37.99 -24.89 -2.33
N VAL D 113 37.84 -23.94 -1.40
CA VAL D 113 38.52 -22.65 -1.47
C VAL D 113 39.78 -22.68 -0.61
N ASN D 114 40.05 -23.81 0.06
CA ASN D 114 41.19 -23.95 0.97
C ASN D 114 41.62 -25.42 0.97
N SER D 115 42.48 -25.82 1.93
CA SER D 115 43.04 -27.16 1.89
C SER D 115 42.30 -28.15 2.79
N ASP D 116 41.16 -27.74 3.34
CA ASP D 116 40.37 -28.61 4.20
C ASP D 116 39.95 -29.90 3.46
N THR D 117 39.78 -31.00 4.21
CA THR D 117 39.29 -32.24 3.63
C THR D 117 38.31 -32.90 4.58
N SER D 118 37.43 -33.73 4.00
CA SER D 118 36.45 -34.45 4.78
C SER D 118 36.09 -35.73 4.05
N THR D 119 35.78 -36.78 4.80
CA THR D 119 35.33 -38.03 4.22
C THR D 119 33.91 -38.35 4.70
N SER D 120 33.29 -37.42 5.43
CA SER D 120 31.94 -37.62 5.95
C SER D 120 30.93 -37.63 4.80
N SER D 121 30.05 -38.62 4.79
CA SER D 121 29.00 -38.68 3.77
C SER D 121 27.74 -37.90 4.20
N HIS D 122 27.88 -37.07 5.24
CA HIS D 122 26.79 -36.27 5.77
C HIS D 122 26.16 -35.43 4.65
N GLY D 123 27.02 -34.72 3.91
CA GLY D 123 26.65 -33.88 2.77
C GLY D 123 25.78 -34.63 1.76
N VAL D 124 26.23 -35.83 1.37
CA VAL D 124 25.50 -36.62 0.39
C VAL D 124 24.12 -37.00 0.94
N GLN D 125 24.08 -37.38 2.21
CA GLN D 125 22.83 -37.79 2.83
C GLN D 125 21.82 -36.63 2.92
N VAL D 126 22.33 -35.42 3.18
CA VAL D 126 21.51 -34.21 3.23
C VAL D 126 21.00 -33.90 1.82
N LEU D 127 21.92 -33.93 0.83
CA LEU D 127 21.62 -33.68 -0.56
C LEU D 127 20.52 -34.63 -1.06
N GLU D 128 20.57 -35.90 -0.63
CA GLU D 128 19.62 -36.88 -1.10
C GLU D 128 18.21 -36.45 -0.68
N VAL D 129 18.09 -36.00 0.57
CA VAL D 129 16.80 -35.55 1.07
C VAL D 129 16.36 -34.31 0.27
N MET D 130 17.30 -33.38 0.05
CA MET D 130 17.00 -32.14 -0.65
C MET D 130 16.45 -32.42 -2.05
N MET D 131 16.97 -33.46 -2.70
CA MET D 131 16.60 -33.75 -4.09
C MET D 131 15.34 -34.61 -4.17
N ASP D 132 14.77 -35.00 -2.99
CA ASP D 132 13.62 -35.88 -2.97
C ASP D 132 13.97 -37.21 -3.67
N THR D 133 15.01 -37.87 -3.16
CA THR D 133 15.58 -39.07 -3.77
C THR D 133 14.74 -40.30 -3.42
N LEU D 134 14.48 -41.15 -4.44
CA LEU D 134 13.83 -42.44 -4.26
C LEU D 134 14.77 -43.34 -3.45
N GLU D 135 14.18 -44.30 -2.70
CA GLU D 135 14.96 -45.27 -1.94
C GLU D 135 15.96 -46.02 -2.81
N ASP D 136 15.61 -46.30 -4.08
CA ASP D 136 16.50 -47.07 -4.94
C ASP D 136 17.62 -46.19 -5.51
N ARG D 137 17.62 -44.89 -5.21
CA ARG D 137 18.67 -43.97 -5.61
C ARG D 137 18.82 -43.84 -7.13
N THR D 138 17.77 -44.14 -7.89
CA THR D 138 17.84 -43.99 -9.34
C THR D 138 17.78 -42.52 -9.74
N LYS D 139 16.96 -41.73 -9.05
CA LYS D 139 16.79 -40.31 -9.35
C LYS D 139 16.23 -39.56 -8.14
N GLY D 140 16.09 -38.23 -8.32
CA GLY D 140 15.37 -37.38 -7.40
C GLY D 140 14.10 -36.84 -8.06
N LYS D 141 13.02 -36.68 -7.28
CA LYS D 141 11.76 -36.20 -7.83
C LYS D 141 11.89 -34.71 -8.13
N ALA D 142 12.75 -34.00 -7.39
CA ALA D 142 12.93 -32.58 -7.59
C ALA D 142 13.97 -32.38 -8.70
N LYS D 143 13.74 -31.43 -9.62
CA LYS D 143 14.59 -31.34 -10.79
C LYS D 143 15.40 -30.03 -10.77
N PHE D 144 15.46 -29.33 -9.62
CA PHE D 144 16.34 -28.18 -9.55
C PHE D 144 17.80 -28.61 -9.60
N LYS D 145 18.68 -27.68 -9.92
CA LYS D 145 20.10 -27.94 -10.02
C LYS D 145 20.77 -27.54 -8.72
N ALA D 146 21.23 -28.51 -7.94
CA ALA D 146 21.99 -28.24 -6.71
C ALA D 146 23.36 -27.64 -7.01
N ILE D 147 23.71 -26.61 -6.24
CA ILE D 147 25.04 -26.03 -6.23
C ILE D 147 25.68 -26.50 -4.94
N ALA D 148 26.52 -27.55 -5.03
CA ALA D 148 27.00 -28.27 -3.86
C ALA D 148 28.45 -27.87 -3.50
N ALA D 149 28.60 -27.22 -2.33
CA ALA D 149 29.87 -26.72 -1.84
C ALA D 149 30.33 -27.53 -0.63
N SER D 150 31.66 -27.65 -0.46
CA SER D 150 32.30 -28.51 0.51
C SER D 150 33.02 -27.67 1.57
N ILE D 151 32.64 -27.82 2.85
CA ILE D 151 33.23 -27.05 3.93
C ILE D 151 33.59 -27.97 5.11
N GLY D 152 33.38 -29.28 4.95
CA GLY D 152 33.83 -30.22 5.96
C GLY D 152 35.36 -30.14 6.15
N ASN D 153 35.82 -30.35 7.39
CA ASN D 153 37.25 -30.33 7.66
C ASN D 153 37.61 -31.42 8.67
N GLY D 154 36.83 -32.50 8.69
CA GLY D 154 37.04 -33.58 9.65
C GLY D 154 38.08 -34.59 9.18
N GLY D 155 38.75 -34.34 8.05
CA GLY D 155 39.81 -35.20 7.53
C GLY D 155 39.36 -36.64 7.28
N ALA D 156 40.27 -37.60 7.56
CA ALA D 156 40.12 -39.01 7.21
C ALA D 156 39.07 -39.71 8.08
N SER D 157 38.69 -39.13 9.22
CA SER D 157 37.61 -39.72 10.03
C SER D 157 36.27 -39.42 9.38
N GLU D 158 35.52 -40.47 9.03
CA GLU D 158 34.25 -40.34 8.35
C GLU D 158 33.11 -40.10 9.35
N THR D 159 33.38 -40.24 10.65
CA THR D 159 32.37 -40.01 11.67
C THR D 159 32.46 -38.54 12.13
N ASN D 160 33.51 -37.85 11.67
CA ASN D 160 33.78 -36.47 12.03
C ASN D 160 33.10 -35.53 11.05
N LYS D 161 32.05 -34.82 11.52
CA LYS D 161 31.18 -34.01 10.69
C LYS D 161 31.52 -32.51 10.76
N SER D 162 32.62 -32.18 11.44
CA SER D 162 33.07 -30.82 11.66
C SER D 162 33.15 -30.04 10.34
N VAL D 163 32.87 -28.72 10.40
CA VAL D 163 32.81 -27.90 9.20
C VAL D 163 33.47 -26.56 9.47
N ASN D 164 33.88 -25.91 8.37
CA ASN D 164 34.60 -24.64 8.42
C ASN D 164 33.96 -23.70 7.38
N PRO D 165 32.78 -23.10 7.67
CA PRO D 165 32.10 -22.23 6.69
C PRO D 165 32.93 -20.96 6.48
N ASN D 166 32.79 -20.34 5.31
CA ASN D 166 33.42 -19.07 5.05
C ASN D 166 32.68 -18.36 3.92
N VAL D 167 32.85 -17.04 3.86
CA VAL D 167 32.19 -16.20 2.87
C VAL D 167 32.72 -16.55 1.48
N LYS D 168 34.01 -16.92 1.39
CA LYS D 168 34.62 -17.31 0.13
C LYS D 168 33.80 -18.42 -0.54
N THR D 169 33.43 -19.45 0.21
CA THR D 169 32.61 -20.54 -0.32
C THR D 169 31.24 -20.02 -0.73
N TYR D 170 30.61 -19.19 0.12
CA TYR D 170 29.29 -18.65 -0.20
C TYR D 170 29.32 -17.87 -1.51
N GLU D 171 30.38 -17.07 -1.70
CA GLU D 171 30.52 -16.24 -2.89
C GLU D 171 30.52 -17.14 -4.12
N LYS D 172 31.22 -18.28 -4.04
CA LYS D 172 31.31 -19.20 -5.15
C LYS D 172 29.95 -19.81 -5.44
N VAL D 173 29.18 -20.13 -4.39
CA VAL D 173 27.84 -20.68 -4.54
C VAL D 173 26.95 -19.68 -5.28
N PHE D 174 26.96 -18.42 -4.83
CA PHE D 174 26.04 -17.42 -5.35
C PHE D 174 26.34 -17.05 -6.80
N GLU D 175 27.59 -17.23 -7.21
CA GLU D 175 28.01 -16.97 -8.59
C GLU D 175 27.28 -17.89 -9.56
N ARG D 176 26.90 -19.10 -9.12
CA ARG D 176 26.30 -20.08 -10.01
C ARG D 176 24.81 -19.80 -10.25
N PHE D 177 24.16 -18.98 -9.40
CA PHE D 177 22.75 -18.69 -9.62
C PHE D 177 22.62 -17.77 -10.83
N ASN D 178 21.60 -18.02 -11.64
CA ASN D 178 21.26 -17.14 -12.73
C ASN D 178 20.80 -15.80 -12.17
N PHE D 179 21.18 -14.72 -12.86
CA PHE D 179 20.84 -13.36 -12.47
C PHE D 179 19.32 -13.20 -12.34
N ASN D 180 18.58 -13.94 -13.17
CA ASN D 180 17.14 -13.81 -13.28
C ASN D 180 16.41 -14.59 -12.17
N GLN D 181 17.14 -15.35 -11.35
CA GLN D 181 16.48 -16.07 -10.27
C GLN D 181 16.29 -15.13 -9.08
N LYS D 182 15.04 -14.73 -8.83
CA LYS D 182 14.72 -13.74 -7.81
C LYS D 182 15.10 -14.25 -6.42
N VAL D 183 14.63 -15.43 -6.04
CA VAL D 183 14.81 -15.96 -4.69
C VAL D 183 15.83 -17.10 -4.77
N LYS D 184 16.88 -17.03 -3.93
CA LYS D 184 17.99 -17.97 -4.04
C LYS D 184 18.09 -18.72 -2.71
N VAL D 185 17.64 -19.99 -2.70
CA VAL D 185 17.60 -20.79 -1.49
C VAL D 185 18.97 -21.46 -1.26
N VAL D 186 19.46 -21.40 -0.02
CA VAL D 186 20.69 -22.06 0.39
C VAL D 186 20.43 -22.89 1.65
N ASN D 187 20.77 -24.18 1.60
CA ASN D 187 20.60 -25.11 2.72
C ASN D 187 21.87 -25.19 3.58
N GLN D 188 21.70 -25.14 4.91
CA GLN D 188 22.79 -25.31 5.87
C GLN D 188 22.42 -26.32 6.95
N SER D 189 22.81 -27.60 6.75
CA SER D 189 22.58 -28.66 7.72
C SER D 189 23.81 -28.81 8.61
N PHE D 190 24.22 -27.69 9.22
CA PHE D 190 25.31 -27.65 10.17
C PHE D 190 25.06 -26.44 11.07
N GLY D 191 25.73 -26.40 12.22
CA GLY D 191 25.61 -25.25 13.10
C GLY D 191 26.27 -25.46 14.45
N ALA D 192 26.38 -24.38 15.23
CA ALA D 192 27.13 -24.34 16.46
C ALA D 192 26.41 -25.14 17.55
N ASP D 193 27.21 -25.60 18.51
CA ASP D 193 26.73 -26.30 19.68
C ASP D 193 26.42 -25.28 20.79
N ILE D 194 25.68 -24.22 20.44
CA ILE D 194 25.30 -23.20 21.41
C ILE D 194 24.00 -22.55 20.93
N THR D 195 23.07 -22.31 21.84
CA THR D 195 21.81 -21.68 21.47
C THR D 195 22.04 -20.20 21.16
N ILE D 196 21.13 -19.61 20.38
CA ILE D 196 21.27 -18.20 20.02
C ILE D 196 21.30 -17.31 21.26
N GLU D 197 20.42 -17.57 22.24
CA GLU D 197 20.34 -16.71 23.41
C GLU D 197 21.60 -16.81 24.26
N GLU D 198 22.35 -17.92 24.18
CA GLU D 198 23.56 -18.09 24.95
C GLU D 198 24.79 -17.64 24.16
N ALA D 199 24.62 -17.37 22.86
CA ALA D 199 25.78 -17.04 22.04
C ALA D 199 26.48 -15.80 22.59
N PRO D 200 27.82 -15.82 22.78
CA PRO D 200 28.52 -14.70 23.41
C PRO D 200 28.77 -13.53 22.47
N TYR D 201 27.68 -12.92 21.98
CA TYR D 201 27.77 -11.78 21.08
C TYR D 201 26.67 -10.80 21.42
N THR D 202 26.80 -9.56 20.93
CA THR D 202 25.74 -8.58 21.06
C THR D 202 25.43 -8.03 19.67
N LYS D 203 24.33 -7.28 19.57
CA LYS D 203 23.98 -6.63 18.33
C LYS D 203 25.08 -5.66 17.90
N ASN D 204 25.88 -5.17 18.87
CA ASN D 204 26.87 -4.14 18.57
C ASN D 204 28.19 -4.74 18.12
N ASN D 205 28.44 -6.02 18.43
CA ASN D 205 29.74 -6.58 18.07
C ASN D 205 29.63 -7.76 17.09
N ILE D 206 28.39 -8.21 16.76
CA ILE D 206 28.24 -9.41 15.95
C ILE D 206 28.91 -9.20 14.59
N ARG D 207 28.87 -7.97 14.07
CA ARG D 207 29.44 -7.64 12.77
C ARG D 207 30.96 -7.44 12.82
N ASN D 208 31.60 -7.80 13.93
CA ASN D 208 33.05 -7.67 14.00
C ASN D 208 33.70 -9.00 13.69
N TYR D 209 32.91 -10.08 13.63
CA TYR D 209 33.46 -11.42 13.49
C TYR D 209 33.53 -11.87 12.04
N VAL D 210 34.71 -12.42 11.70
CA VAL D 210 35.05 -12.93 10.39
C VAL D 210 35.39 -14.40 10.55
N TRP D 211 34.86 -15.24 9.65
CA TRP D 211 35.28 -16.63 9.62
C TRP D 211 36.73 -16.69 9.13
N ALA D 212 37.42 -17.80 9.47
CA ALA D 212 38.85 -17.93 9.18
C ALA D 212 39.12 -17.72 7.70
N GLY D 213 39.98 -16.74 7.38
CA GLY D 213 40.42 -16.56 6.01
C GLY D 213 39.62 -15.47 5.28
N ASP D 214 38.48 -15.07 5.85
CA ASP D 214 37.64 -14.08 5.20
C ASP D 214 38.12 -12.68 5.58
N SER D 215 37.79 -11.69 4.75
CA SER D 215 37.92 -10.31 5.19
C SER D 215 36.56 -9.68 5.45
N LYS D 216 35.47 -10.28 4.95
CA LYS D 216 34.15 -9.73 5.22
C LYS D 216 33.51 -10.45 6.41
N PRO D 217 33.02 -9.72 7.44
CA PRO D 217 32.30 -10.36 8.54
C PRO D 217 31.05 -11.09 8.01
N PHE D 218 30.80 -12.29 8.51
CA PHE D 218 29.72 -13.13 7.99
C PHE D 218 28.34 -12.46 8.13
N ALA D 219 28.11 -11.77 9.26
CA ALA D 219 26.82 -11.14 9.49
C ALA D 219 26.55 -10.09 8.41
N THR D 220 27.59 -9.34 8.05
CA THR D 220 27.48 -8.29 7.04
C THR D 220 27.19 -8.94 5.68
N TYR D 221 27.89 -10.04 5.41
CA TYR D 221 27.71 -10.75 4.16
C TYR D 221 26.25 -11.22 4.04
N PHE D 222 25.74 -11.88 5.09
CA PHE D 222 24.37 -12.41 5.08
C PHE D 222 23.36 -11.29 4.86
N GLU D 223 23.61 -10.12 5.48
CA GLU D 223 22.73 -8.96 5.29
C GLU D 223 22.68 -8.56 3.82
N GLU D 224 23.85 -8.53 3.18
CA GLU D 224 23.92 -8.18 1.76
C GLU D 224 23.12 -9.16 0.92
N LYS D 225 23.30 -10.46 1.19
CA LYS D 225 22.64 -11.49 0.40
C LYS D 225 21.13 -11.42 0.55
N VAL D 226 20.66 -11.27 1.80
CA VAL D 226 19.23 -11.20 2.09
C VAL D 226 18.62 -9.94 1.49
N ASN D 227 19.29 -8.78 1.67
CA ASN D 227 18.74 -7.51 1.26
C ASN D 227 18.93 -7.24 -0.25
N ASN D 228 19.98 -7.75 -0.89
CA ASN D 228 20.20 -7.37 -2.27
C ASN D 228 20.08 -8.53 -3.25
N ASP D 229 20.19 -9.79 -2.80
CA ASP D 229 20.37 -10.87 -3.77
C ASP D 229 19.26 -11.92 -3.65
N GLY D 230 18.19 -11.63 -2.89
CA GLY D 230 17.08 -12.55 -2.70
C GLY D 230 17.48 -13.84 -1.98
N GLY D 231 18.56 -13.80 -1.20
CA GLY D 231 19.00 -14.95 -0.42
C GLY D 231 17.94 -15.39 0.59
N LEU D 232 17.70 -16.71 0.64
CA LEU D 232 16.85 -17.31 1.65
C LEU D 232 17.63 -18.47 2.28
N PHE D 233 18.05 -18.27 3.55
CA PHE D 233 18.99 -19.16 4.21
C PHE D 233 18.25 -20.08 5.18
N VAL D 234 18.31 -21.40 4.90
CA VAL D 234 17.62 -22.41 5.68
C VAL D 234 18.66 -23.16 6.53
N TRP D 235 18.46 -23.19 7.84
CA TRP D 235 19.39 -23.74 8.81
C TRP D 235 18.72 -24.83 9.64
N ALA D 236 19.41 -25.95 9.85
CA ALA D 236 18.98 -26.95 10.81
C ALA D 236 18.97 -26.30 12.19
N ALA D 237 17.86 -26.48 12.93
CA ALA D 237 17.68 -25.80 14.20
C ALA D 237 18.67 -26.30 15.27
N GLY D 238 19.09 -27.57 15.16
CA GLY D 238 19.96 -28.16 16.16
C GLY D 238 19.47 -29.52 16.65
N ASN D 239 20.40 -30.29 17.22
CA ASN D 239 20.10 -31.63 17.71
C ASN D 239 20.12 -31.61 19.24
N ARG D 240 21.25 -32.03 19.83
CA ARG D 240 21.47 -32.03 21.27
C ARG D 240 22.60 -31.05 21.61
N LYS D 241 22.71 -30.70 22.90
CA LYS D 241 23.79 -29.87 23.38
C LYS D 241 24.89 -30.75 23.99
N GLY D 242 26.09 -30.69 23.41
CA GLY D 242 27.24 -31.41 23.90
C GLY D 242 27.21 -32.91 23.65
N ALA D 243 26.52 -33.36 22.59
CA ALA D 243 26.53 -34.77 22.24
C ALA D 243 27.90 -35.16 21.65
N THR D 244 28.27 -36.43 21.83
CA THR D 244 29.42 -37.02 21.18
C THR D 244 28.96 -38.39 20.66
N GLU D 245 29.90 -39.15 20.10
N GLU D 245 29.86 -39.17 20.04
CA GLU D 245 29.63 -40.50 19.60
CA GLU D 245 29.48 -40.49 19.57
C GLU D 245 29.13 -41.41 20.73
C GLU D 245 29.09 -41.42 20.74
N THR D 246 29.48 -41.10 21.98
CA THR D 246 29.14 -41.99 23.09
C THR D 246 28.20 -41.32 24.10
N ASN D 247 28.07 -39.99 24.01
CA ASN D 247 27.23 -39.25 24.96
C ASN D 247 26.10 -38.56 24.20
N PRO D 248 24.81 -38.82 24.51
CA PRO D 248 23.71 -38.15 23.81
C PRO D 248 23.50 -36.68 24.18
N GLY D 249 24.35 -36.12 25.05
CA GLY D 249 24.33 -34.72 25.42
C GLY D 249 23.04 -34.29 26.13
N GLN D 250 22.82 -32.98 26.24
CA GLN D 250 21.66 -32.47 26.95
CA GLN D 250 21.68 -32.41 26.96
C GLN D 250 20.64 -31.88 25.96
N ASP D 251 19.42 -31.63 26.48
CA ASP D 251 18.33 -31.00 25.74
C ASP D 251 18.80 -29.64 25.23
N MET D 252 18.50 -29.33 23.96
CA MET D 252 18.76 -28.03 23.39
C MET D 252 17.41 -27.33 23.23
N ASP D 253 17.13 -26.33 24.07
CA ASP D 253 15.78 -25.81 24.17
C ASP D 253 15.55 -24.55 23.34
N SER D 254 16.46 -24.29 22.40
CA SER D 254 16.31 -23.17 21.47
C SER D 254 17.21 -23.47 20.26
N VAL D 255 17.06 -22.71 19.17
CA VAL D 255 17.83 -22.96 17.97
C VAL D 255 19.30 -22.59 18.20
N GLY D 256 20.17 -23.16 17.35
CA GLY D 256 21.59 -22.86 17.37
C GLY D 256 21.85 -21.42 16.95
N MET D 257 23.06 -20.95 17.24
CA MET D 257 23.45 -19.57 16.99
C MET D 257 23.16 -19.13 15.55
N GLU D 258 23.63 -19.89 14.55
CA GLU D 258 23.45 -19.46 13.16
C GLU D 258 21.97 -19.50 12.78
N ALA D 259 21.29 -20.58 13.16
CA ALA D 259 19.87 -20.73 12.92
C ALA D 259 19.11 -19.55 13.54
N GLY D 260 19.63 -18.99 14.63
CA GLY D 260 18.95 -17.92 15.34
C GLY D 260 19.52 -16.53 15.07
N LEU D 261 20.39 -16.39 14.07
CA LEU D 261 21.11 -15.14 13.86
C LEU D 261 20.20 -13.89 13.80
N PRO D 262 18.96 -13.92 13.26
CA PRO D 262 18.11 -12.72 13.25
C PRO D 262 17.92 -12.04 14.61
N TYR D 263 18.05 -12.83 15.69
CA TYR D 263 17.99 -12.34 17.07
C TYR D 263 19.07 -11.29 17.29
N LEU D 264 20.21 -11.40 16.62
CA LEU D 264 21.30 -10.44 16.74
C LEU D 264 21.30 -9.43 15.58
N VAL D 265 20.79 -9.85 14.42
CA VAL D 265 20.77 -9.02 13.23
C VAL D 265 19.35 -9.10 12.64
N ASN D 266 18.48 -8.17 13.06
CA ASN D 266 17.05 -8.28 12.78
C ASN D 266 16.70 -8.31 11.28
N ASP D 267 17.50 -7.61 10.44
CA ASP D 267 17.13 -7.54 9.04
C ASP D 267 17.39 -8.85 8.28
N LEU D 268 17.94 -9.87 8.98
CA LEU D 268 18.13 -11.20 8.41
C LEU D 268 16.83 -12.00 8.44
N GLU D 269 15.91 -11.65 9.36
CA GLU D 269 14.71 -12.47 9.56
C GLU D 269 13.97 -12.76 8.24
N LYS D 270 13.80 -11.74 7.41
CA LYS D 270 12.97 -11.87 6.21
C LYS D 270 13.57 -12.89 5.23
N GLY D 271 14.86 -13.23 5.39
CA GLY D 271 15.50 -14.22 4.54
C GLY D 271 16.06 -15.41 5.33
N TRP D 272 15.42 -15.78 6.46
CA TRP D 272 15.93 -16.81 7.36
C TRP D 272 14.86 -17.81 7.75
N ILE D 273 15.22 -19.11 7.76
CA ILE D 273 14.35 -20.13 8.33
C ILE D 273 15.22 -21.06 9.15
N ALA D 274 14.79 -21.33 10.39
CA ALA D 274 15.38 -22.37 11.23
C ALA D 274 14.48 -23.59 11.16
N VAL D 275 15.06 -24.81 11.11
CA VAL D 275 14.24 -26.00 10.89
C VAL D 275 14.39 -27.03 12.01
N VAL D 276 13.30 -27.24 12.74
CA VAL D 276 13.20 -28.21 13.82
C VAL D 276 12.94 -29.59 13.21
N GLY D 277 13.68 -30.61 13.66
CA GLY D 277 13.47 -31.98 13.17
C GLY D 277 12.45 -32.73 14.05
N ILE D 278 11.41 -33.30 13.45
CA ILE D 278 10.40 -34.05 14.19
C ILE D 278 10.00 -35.31 13.39
N GLN D 279 9.13 -36.15 13.98
CA GLN D 279 8.71 -37.41 13.37
C GLN D 279 7.31 -37.24 12.77
N PRO D 280 7.09 -37.62 11.48
CA PRO D 280 5.74 -37.68 10.93
C PRO D 280 4.84 -38.59 11.76
N LYS D 281 5.44 -39.68 12.26
CA LYS D 281 4.74 -40.69 13.06
C LYS D 281 5.64 -41.12 14.22
N GLU D 282 5.12 -41.08 15.45
CA GLU D 282 5.84 -41.45 16.67
C GLU D 282 6.48 -42.84 16.55
N THR D 283 7.78 -42.95 16.88
CA THR D 283 8.51 -44.20 16.82
C THR D 283 9.08 -44.62 18.18
N VAL D 284 9.60 -45.85 18.27
CA VAL D 284 10.29 -46.39 19.45
C VAL D 284 11.60 -47.05 19.01
N ARG D 285 12.67 -46.89 19.79
CA ARG D 285 14.01 -47.38 19.42
C ARG D 285 14.07 -48.90 19.55
N VAL D 286 14.51 -49.58 18.48
CA VAL D 286 14.47 -51.04 18.43
C VAL D 286 15.79 -51.65 17.97
N GLY D 287 16.82 -50.84 17.75
CA GLY D 287 18.15 -51.33 17.39
C GLY D 287 19.13 -50.23 16.99
N THR D 288 20.38 -50.63 16.71
CA THR D 288 21.43 -49.76 16.20
C THR D 288 22.23 -50.52 15.15
N ALA D 289 22.37 -49.95 13.94
CA ALA D 289 23.09 -50.61 12.87
C ALA D 289 24.59 -50.67 13.20
N PRO D 290 25.39 -51.55 12.54
CA PRO D 290 26.86 -51.51 12.67
C PRO D 290 27.48 -50.11 12.64
N ASP D 291 26.91 -49.21 11.81
CA ASP D 291 27.49 -47.90 11.56
CA ASP D 291 27.43 -47.87 11.53
C ASP D 291 27.17 -46.91 12.69
N GLY D 292 26.16 -47.22 13.52
CA GLY D 292 25.77 -46.35 14.61
C GLY D 292 24.41 -45.67 14.39
N THR D 293 23.86 -45.87 13.18
CA THR D 293 22.56 -45.33 12.76
C THR D 293 21.43 -45.99 13.55
N PRO D 294 20.39 -45.23 13.97
CA PRO D 294 19.23 -45.83 14.65
C PRO D 294 18.37 -46.75 13.77
N ILE D 295 17.77 -47.77 14.42
CA ILE D 295 16.72 -48.62 13.88
C ILE D 295 15.52 -48.50 14.82
N VAL D 296 14.37 -48.06 14.28
CA VAL D 296 13.21 -47.70 15.10
C VAL D 296 11.97 -48.39 14.53
N ASN D 297 10.95 -48.56 15.38
CA ASN D 297 9.66 -49.05 14.92
C ASN D 297 8.58 -47.99 15.17
N ILE D 298 7.58 -47.99 14.29
CA ILE D 298 6.39 -47.19 14.46
C ILE D 298 5.69 -47.58 15.76
N LYS D 299 5.50 -46.62 16.66
CA LYS D 299 4.80 -46.86 17.91
C LYS D 299 3.32 -47.16 17.61
N PRO D 300 2.75 -48.21 18.23
CA PRO D 300 1.35 -48.57 18.01
C PRO D 300 0.50 -47.39 18.46
N ASN D 301 -0.43 -46.95 17.59
CA ASN D 301 -1.29 -45.82 17.92
C ASN D 301 -0.46 -44.56 18.21
N GLY D 302 0.73 -44.44 17.62
CA GLY D 302 1.58 -43.29 17.86
C GLY D 302 1.00 -41.99 17.28
N LYS D 303 1.35 -40.88 17.92
CA LYS D 303 0.91 -39.56 17.51
C LYS D 303 1.64 -39.14 16.23
N LEU D 304 1.07 -38.16 15.53
CA LEU D 304 1.65 -37.63 14.29
C LEU D 304 2.34 -36.31 14.58
N ASN D 305 3.42 -36.02 13.83
CA ASN D 305 4.10 -34.73 13.86
C ASN D 305 4.55 -34.39 15.27
N ILE D 306 5.54 -35.12 15.79
CA ILE D 306 5.87 -35.02 17.21
C ILE D 306 7.37 -35.23 17.40
N HIS D 307 7.93 -34.50 18.37
CA HIS D 307 9.31 -34.65 18.79
C HIS D 307 9.53 -36.07 19.35
N ARG D 308 10.81 -36.46 19.46
CA ARG D 308 11.20 -37.73 20.05
C ARG D 308 11.22 -37.61 21.57
N THR D 309 11.43 -38.73 22.27
CA THR D 309 11.40 -38.72 23.72
CA THR D 309 11.40 -38.69 23.73
C THR D 309 12.82 -38.88 24.31
N GLY D 310 12.99 -38.42 25.55
CA GLY D 310 14.21 -38.63 26.31
C GLY D 310 15.41 -37.99 25.64
N THR D 311 16.53 -38.72 25.59
CA THR D 311 17.79 -38.16 25.10
C THR D 311 17.86 -38.24 23.58
N ASP D 312 16.77 -38.72 22.95
CA ASP D 312 16.61 -38.68 21.51
C ASP D 312 16.02 -37.35 21.02
N ARG D 313 15.50 -36.51 21.92
CA ARG D 313 14.74 -35.33 21.54
C ARG D 313 15.66 -34.26 20.94
N LEU D 314 15.29 -33.73 19.76
CA LEU D 314 16.09 -32.71 19.09
C LEU D 314 15.73 -31.31 19.59
N ALA D 315 16.38 -30.28 19.02
CA ALA D 315 16.24 -28.92 19.48
C ALA D 315 14.79 -28.42 19.29
N TYR D 316 14.35 -27.61 20.27
CA TYR D 316 13.17 -26.78 20.19
C TYR D 316 13.56 -25.48 19.50
N ALA D 317 12.56 -24.77 18.98
CA ALA D 317 12.81 -23.46 18.39
C ALA D 317 13.08 -22.45 19.50
N GLY D 318 12.41 -22.65 20.65
CA GLY D 318 12.49 -21.64 21.71
C GLY D 318 11.55 -20.48 21.43
N ASP D 319 11.36 -19.57 22.41
CA ASP D 319 10.26 -18.62 22.33
C ASP D 319 10.64 -17.36 21.56
N ASN D 320 11.88 -17.27 21.06
CA ASN D 320 12.28 -16.13 20.26
C ASN D 320 12.31 -16.50 18.77
N ALA D 321 13.13 -17.52 18.44
CA ALA D 321 13.37 -17.93 17.05
C ALA D 321 12.16 -18.65 16.44
N LYS D 322 11.15 -19.00 17.26
CA LYS D 322 9.99 -19.73 16.76
C LYS D 322 9.28 -19.00 15.62
N TYR D 323 9.43 -17.66 15.55
CA TYR D 323 8.80 -16.85 14.50
C TYR D 323 9.37 -17.15 13.12
N TRP D 324 10.64 -17.58 13.05
CA TRP D 324 11.21 -17.93 11.75
C TRP D 324 11.54 -19.42 11.68
N SER D 325 10.85 -20.23 12.51
CA SER D 325 11.07 -21.67 12.58
C SER D 325 9.88 -22.45 12.04
N ILE D 326 10.20 -23.64 11.52
CA ILE D 326 9.23 -24.60 11.03
C ILE D 326 9.79 -25.99 11.30
N SER D 327 8.92 -27.00 11.38
CA SER D 327 9.32 -28.38 11.62
C SER D 327 9.27 -29.16 10.30
N ALA D 328 10.09 -30.20 10.21
CA ALA D 328 10.05 -31.15 9.11
C ALA D 328 10.57 -32.51 9.58
N ASP D 329 10.33 -33.53 8.76
CA ASP D 329 10.74 -34.90 8.98
C ASP D 329 12.26 -34.95 9.19
N ASP D 330 12.69 -35.59 10.30
CA ASP D 330 14.09 -35.60 10.70
C ASP D 330 14.85 -36.83 10.19
N SER D 331 14.28 -37.59 9.25
CA SER D 331 14.88 -38.84 8.80
CA SER D 331 14.91 -38.83 8.82
C SER D 331 15.62 -38.68 7.47
N ALA D 332 16.82 -39.27 7.38
CA ALA D 332 17.53 -39.37 6.11
C ALA D 332 16.77 -40.37 5.21
N ILE D 333 17.16 -40.48 3.93
CA ILE D 333 16.53 -41.48 3.08
C ILE D 333 17.05 -42.86 3.50
N PRO D 334 16.17 -43.83 3.85
CA PRO D 334 16.63 -45.09 4.44
C PRO D 334 17.39 -45.94 3.41
N THR D 335 18.45 -46.63 3.87
CA THR D 335 19.14 -47.66 3.09
C THR D 335 19.09 -48.96 3.87
N ALA D 336 18.45 -49.97 3.27
CA ALA D 336 18.34 -51.30 3.85
C ALA D 336 17.79 -51.20 5.27
N GLY D 337 16.70 -50.43 5.44
CA GLY D 337 15.96 -50.37 6.68
C GLY D 337 16.61 -49.53 7.79
N ARG D 338 17.81 -48.98 7.54
CA ARG D 338 18.42 -48.08 8.51
C ARG D 338 18.40 -46.64 7.96
N ALA D 339 18.23 -45.66 8.86
CA ALA D 339 18.22 -44.25 8.48
C ALA D 339 18.81 -43.37 9.59
N GLY D 340 19.74 -42.47 9.20
CA GLY D 340 20.17 -41.37 10.05
C GLY D 340 18.99 -40.47 10.47
N ILE D 341 19.11 -39.85 11.65
CA ILE D 341 18.07 -39.04 12.26
C ILE D 341 18.73 -37.72 12.65
N GLY D 342 18.06 -36.58 12.41
CA GLY D 342 18.61 -35.29 12.79
C GLY D 342 17.92 -34.12 12.09
N SER D 343 18.06 -32.92 12.68
CA SER D 343 17.58 -31.72 12.04
C SER D 343 18.31 -31.48 10.72
N SER D 344 19.45 -32.13 10.53
CA SER D 344 20.19 -32.08 9.26
C SER D 344 19.34 -32.57 8.09
N TYR D 345 18.34 -33.42 8.38
CA TYR D 345 17.52 -34.02 7.32
C TYR D 345 16.19 -33.28 7.21
N ALA D 346 15.87 -32.46 8.21
CA ALA D 346 14.67 -31.65 8.20
C ALA D 346 14.90 -30.39 7.35
N ALA D 347 16.06 -29.75 7.55
CA ALA D 347 16.39 -28.53 6.82
C ALA D 347 16.24 -28.68 5.30
N PRO D 348 16.82 -29.74 4.66
CA PRO D 348 16.76 -29.88 3.21
C PRO D 348 15.34 -30.03 2.65
N ARG D 349 14.41 -30.56 3.46
CA ARG D 349 13.02 -30.65 3.01
C ARG D 349 12.41 -29.25 2.92
N VAL D 350 12.77 -28.38 3.88
CA VAL D 350 12.27 -27.01 3.89
C VAL D 350 12.97 -26.24 2.74
N SER D 351 14.27 -26.47 2.55
CA SER D 351 14.99 -25.82 1.45
C SER D 351 14.34 -26.18 0.11
N ARG D 352 13.96 -27.47 -0.01
CA ARG D 352 13.37 -27.96 -1.24
C ARG D 352 12.00 -27.28 -1.46
N ALA D 353 11.18 -27.28 -0.40
CA ALA D 353 9.83 -26.70 -0.53
C ALA D 353 9.94 -25.22 -0.87
N ALA D 354 10.88 -24.51 -0.21
CA ALA D 354 11.09 -23.09 -0.46
C ALA D 354 11.46 -22.85 -1.93
N ALA D 355 12.42 -23.63 -2.44
CA ALA D 355 12.87 -23.44 -3.82
C ALA D 355 11.74 -23.68 -4.82
N LEU D 356 10.90 -24.71 -4.56
CA LEU D 356 9.79 -25.04 -5.45
C LEU D 356 8.71 -23.94 -5.41
N VAL D 357 8.40 -23.44 -4.21
CA VAL D 357 7.42 -22.38 -4.04
C VAL D 357 7.88 -21.12 -4.78
N ALA D 358 9.17 -20.79 -4.60
CA ALA D 358 9.76 -19.62 -5.25
C ALA D 358 9.64 -19.76 -6.77
N GLU D 359 9.92 -20.98 -7.26
CA GLU D 359 9.85 -21.25 -8.70
C GLU D 359 8.44 -20.97 -9.23
N LYS D 360 7.42 -21.52 -8.55
CA LYS D 360 6.04 -21.44 -9.00
C LYS D 360 5.50 -20.01 -8.88
N PHE D 361 5.78 -19.36 -7.75
CA PHE D 361 5.40 -17.97 -7.55
C PHE D 361 6.65 -17.10 -7.64
N ASP D 362 7.14 -16.93 -8.88
CA ASP D 362 8.46 -16.38 -9.11
C ASP D 362 8.48 -14.86 -8.94
N TRP D 363 7.30 -14.27 -8.76
CA TRP D 363 7.19 -12.87 -8.39
C TRP D 363 7.32 -12.66 -6.87
N MET D 364 7.23 -13.72 -6.06
CA MET D 364 7.29 -13.54 -4.61
C MET D 364 8.69 -13.15 -4.15
N THR D 365 8.76 -12.35 -3.07
CA THR D 365 10.00 -12.08 -2.36
C THR D 365 10.34 -13.31 -1.51
N ALA D 366 11.59 -13.39 -1.02
CA ALA D 366 11.98 -14.47 -0.12
C ALA D 366 11.04 -14.49 1.10
N ASP D 367 10.71 -13.31 1.62
CA ASP D 367 9.88 -13.20 2.81
C ASP D 367 8.48 -13.76 2.54
N GLN D 368 7.94 -13.55 1.33
CA GLN D 368 6.62 -14.06 0.97
C GLN D 368 6.67 -15.59 0.82
N VAL D 369 7.82 -16.13 0.38
CA VAL D 369 8.02 -17.58 0.34
C VAL D 369 8.02 -18.15 1.76
N ARG D 370 8.70 -17.49 2.70
CA ARG D 370 8.71 -17.95 4.09
C ARG D 370 7.27 -17.97 4.63
N GLN D 371 6.53 -16.88 4.42
CA GLN D 371 5.16 -16.78 4.90
C GLN D 371 4.31 -17.90 4.30
N THR D 372 4.54 -18.21 3.01
CA THR D 372 3.81 -19.29 2.35
C THR D 372 4.04 -20.63 3.08
N LEU D 373 5.31 -20.96 3.36
CA LEU D 373 5.63 -22.18 4.08
C LEU D 373 5.02 -22.16 5.49
N PHE D 374 5.18 -21.06 6.22
CA PHE D 374 4.76 -20.98 7.61
C PHE D 374 3.23 -21.11 7.74
N THR D 375 2.48 -20.61 6.74
CA THR D 375 1.04 -20.50 6.88
C THR D 375 0.32 -21.67 6.24
N THR D 376 1.04 -22.74 5.86
CA THR D 376 0.41 -23.90 5.22
C THR D 376 0.80 -25.23 5.90
N THR D 377 1.31 -25.14 7.12
CA THR D 377 1.78 -26.29 7.86
C THR D 377 0.62 -27.16 8.38
N ASP D 378 0.95 -28.40 8.74
CA ASP D 378 0.09 -29.28 9.49
C ASP D 378 0.34 -29.10 10.99
N ASP D 379 -0.70 -29.39 11.78
CA ASP D 379 -0.62 -29.28 13.24
C ASP D 379 0.19 -30.47 13.79
N THR D 380 0.55 -30.38 15.07
CA THR D 380 1.55 -31.26 15.67
C THR D 380 0.95 -32.08 16.83
N GLU D 381 1.54 -33.25 17.11
CA GLU D 381 1.13 -34.12 18.21
C GLU D 381 -0.34 -34.52 18.04
N LEU D 382 -0.68 -34.99 16.83
CA LEU D 382 -2.05 -35.32 16.48
C LEU D 382 -2.30 -36.79 16.77
N ASP D 383 -3.57 -37.09 17.04
CA ASP D 383 -4.02 -38.46 17.25
C ASP D 383 -3.77 -39.30 16.01
N ALA D 384 -3.41 -40.57 16.21
CA ALA D 384 -3.12 -41.50 15.13
C ALA D 384 -4.29 -41.59 14.14
N SER D 385 -5.52 -41.35 14.62
CA SER D 385 -6.67 -41.50 13.75
C SER D 385 -6.75 -40.40 12.70
N LEU D 386 -5.91 -39.36 12.81
CA LEU D 386 -5.92 -38.29 11.81
C LEU D 386 -5.03 -38.62 10.61
N ALA D 387 -4.44 -39.82 10.55
CA ALA D 387 -3.59 -40.20 9.43
C ALA D 387 -4.42 -40.42 8.17
N GLY D 388 -3.75 -40.55 7.01
CA GLY D 388 -4.43 -40.89 5.77
C GLY D 388 -4.80 -39.68 4.93
N ASN D 389 -4.86 -39.89 3.62
CA ASN D 389 -5.12 -38.84 2.64
C ASN D 389 -6.48 -38.20 2.85
N ALA D 390 -7.47 -38.98 3.27
CA ALA D 390 -8.80 -38.45 3.45
C ALA D 390 -8.79 -37.39 4.55
N ASN D 391 -7.78 -37.41 5.43
CA ASN D 391 -7.72 -36.48 6.54
C ASN D 391 -6.67 -35.36 6.33
N ALA D 392 -6.13 -35.26 5.11
CA ALA D 392 -5.02 -34.35 4.84
C ALA D 392 -5.32 -32.91 5.29
N GLU D 393 -6.52 -32.40 4.99
CA GLU D 393 -6.91 -31.04 5.34
C GLU D 393 -7.32 -30.94 6.82
N LYS D 394 -7.75 -32.06 7.40
CA LYS D 394 -8.10 -32.04 8.81
C LYS D 394 -6.86 -31.84 9.66
N ARG D 395 -5.69 -32.22 9.15
CA ARG D 395 -4.44 -32.11 9.89
C ARG D 395 -3.87 -30.69 9.85
N ARG D 396 -4.46 -29.79 9.05
CA ARG D 396 -3.92 -28.45 8.86
C ARG D 396 -3.86 -27.70 10.20
N ARG D 397 -2.75 -27.00 10.45
CA ARG D 397 -2.63 -26.13 11.61
C ARG D 397 -3.34 -24.81 11.35
N VAL D 398 -4.23 -24.43 12.27
CA VAL D 398 -4.90 -23.15 12.13
C VAL D 398 -4.67 -22.36 13.41
N LYS D 399 -3.50 -21.72 13.49
CA LYS D 399 -3.14 -20.95 14.67
C LYS D 399 -2.48 -19.67 14.19
N THR D 400 -2.63 -18.60 14.97
CA THR D 400 -2.15 -17.31 14.50
C THR D 400 -0.75 -17.02 15.08
N SER D 401 -0.17 -17.98 15.80
CA SER D 401 1.18 -17.75 16.28
C SER D 401 1.96 -19.06 16.28
N PRO D 402 3.30 -18.99 16.27
CA PRO D 402 4.13 -20.20 16.28
C PRO D 402 4.29 -20.66 17.73
N ASP D 403 4.86 -21.85 17.95
CA ASP D 403 5.12 -22.28 19.32
C ASP D 403 6.60 -22.66 19.50
N TYR D 404 7.02 -22.74 20.77
CA TYR D 404 8.44 -22.90 21.12
C TYR D 404 8.98 -24.27 20.71
N LYS D 405 8.11 -25.28 20.56
CA LYS D 405 8.57 -26.63 20.23
C LYS D 405 8.68 -26.85 18.72
N TYR D 406 7.70 -26.33 17.95
CA TYR D 406 7.53 -26.71 16.57
C TYR D 406 7.62 -25.52 15.60
N GLY D 407 7.81 -24.31 16.14
CA GLY D 407 7.75 -23.12 15.28
C GLY D 407 6.34 -22.99 14.71
N TRP D 408 6.26 -22.84 13.38
CA TRP D 408 4.99 -22.62 12.69
C TRP D 408 4.29 -23.93 12.38
N GLY D 409 4.89 -25.07 12.78
CA GLY D 409 4.24 -26.36 12.63
C GLY D 409 4.98 -27.28 11.65
N MET D 410 4.31 -28.35 11.21
CA MET D 410 4.94 -29.35 10.36
C MET D 410 4.79 -28.93 8.89
N LEU D 411 5.92 -28.76 8.20
CA LEU D 411 5.98 -28.42 6.79
C LEU D 411 5.01 -29.31 6.01
N ASN D 412 4.31 -28.70 5.04
CA ASN D 412 3.51 -29.43 4.08
C ASN D 412 3.80 -28.85 2.69
N GLN D 413 4.68 -29.54 1.95
CA GLN D 413 5.20 -29.02 0.69
C GLN D 413 4.05 -28.85 -0.31
N GLU D 414 3.14 -29.84 -0.31
CA GLU D 414 2.06 -29.86 -1.29
C GLU D 414 1.12 -28.68 -1.05
N ARG D 415 0.80 -28.39 0.23
CA ARG D 415 -0.09 -27.29 0.54
C ARG D 415 0.62 -25.96 0.26
N ALA D 416 1.91 -25.89 0.60
CA ALA D 416 2.68 -24.67 0.35
C ALA D 416 2.65 -24.31 -1.13
N LEU D 417 2.70 -25.32 -2.02
CA LEU D 417 2.74 -25.05 -3.45
C LEU D 417 1.42 -24.46 -3.98
N LYS D 418 0.37 -24.46 -3.16
CA LYS D 418 -0.89 -23.87 -3.56
C LYS D 418 -0.97 -22.40 -3.08
N GLY D 419 0.14 -21.91 -2.53
CA GLY D 419 0.24 -20.51 -2.16
C GLY D 419 -0.03 -20.27 -0.67
N PRO D 420 0.00 -19.01 -0.19
CA PRO D 420 -0.12 -18.73 1.24
C PRO D 420 -1.40 -19.29 1.83
N GLY D 421 -1.37 -19.63 3.12
CA GLY D 421 -2.56 -20.09 3.80
C GLY D 421 -3.05 -19.14 4.89
N ALA D 422 -2.34 -18.02 5.10
CA ALA D 422 -2.86 -17.00 6.00
C ALA D 422 -2.21 -15.66 5.65
N PHE D 423 -3.01 -14.61 5.80
CA PHE D 423 -2.55 -13.25 5.68
C PHE D 423 -2.56 -12.66 7.08
N MET D 424 -1.36 -12.58 7.69
CA MET D 424 -1.18 -12.09 9.05
C MET D 424 0.32 -11.91 9.27
N ASP D 425 0.69 -11.23 10.37
CA ASP D 425 2.09 -11.08 10.72
C ASP D 425 2.63 -12.43 11.20
N VAL D 426 3.74 -12.89 10.61
CA VAL D 426 4.33 -14.16 11.02
C VAL D 426 5.72 -13.93 11.62
N THR D 427 6.12 -12.66 11.84
CA THR D 427 7.50 -12.32 12.15
C THR D 427 7.69 -11.85 13.58
N LYS D 428 8.94 -11.83 14.03
CA LYS D 428 9.32 -11.30 15.33
CA LYS D 428 9.35 -11.30 15.33
C LYS D 428 9.66 -9.81 15.21
N TYR D 429 10.25 -9.40 14.08
CA TYR D 429 10.80 -8.05 13.98
C TYR D 429 10.17 -7.21 12.88
N GLY D 430 9.35 -7.80 12.01
CA GLY D 430 8.76 -7.05 10.91
C GLY D 430 7.25 -6.91 11.09
N ASN D 431 6.51 -6.82 9.98
CA ASN D 431 5.06 -6.88 10.02
C ASN D 431 4.52 -7.32 8.66
N THR D 432 4.14 -8.60 8.55
CA THR D 432 3.68 -9.12 7.27
C THR D 432 2.15 -9.20 7.25
N ASN D 433 1.49 -8.33 8.02
CA ASN D 433 0.02 -8.31 8.14
C ASN D 433 -0.65 -8.22 6.75
N ILE D 434 -0.14 -7.32 5.91
CA ILE D 434 -0.63 -7.12 4.56
C ILE D 434 0.23 -7.94 3.60
N PHE D 435 -0.39 -8.75 2.76
CA PHE D 435 0.35 -9.45 1.73
C PHE D 435 0.24 -8.65 0.44
N ASN D 436 1.40 -8.15 -0.03
CA ASN D 436 1.49 -7.33 -1.24
C ASN D 436 1.83 -8.22 -2.43
N ALA D 437 0.80 -8.75 -3.07
CA ALA D 437 1.00 -9.60 -4.24
C ALA D 437 1.22 -8.74 -5.48
N GLU D 438 2.51 -8.55 -5.84
CA GLU D 438 2.87 -7.78 -7.01
CA GLU D 438 2.92 -7.78 -6.99
C GLU D 438 3.17 -8.76 -8.13
N ILE D 439 2.17 -8.92 -9.01
CA ILE D 439 2.26 -9.92 -10.06
C ILE D 439 2.35 -9.19 -11.40
N PRO D 440 3.43 -9.39 -12.20
CA PRO D 440 3.63 -8.61 -13.44
C PRO D 440 2.72 -9.07 -14.58
N ALA D 441 2.66 -8.24 -15.64
CA ALA D 441 1.88 -8.51 -16.83
C ALA D 441 2.25 -9.88 -17.38
N GLY D 442 1.22 -10.65 -17.78
CA GLY D 442 1.49 -11.93 -18.42
C GLY D 442 1.66 -13.07 -17.42
N LYS D 443 1.62 -12.79 -16.11
CA LYS D 443 1.67 -13.86 -15.13
C LYS D 443 0.32 -14.03 -14.44
N THR D 444 -0.12 -15.29 -14.29
CA THR D 444 -1.32 -15.63 -13.55
C THR D 444 -0.97 -16.60 -12.41
N SER D 445 -1.34 -16.26 -11.18
CA SER D 445 -1.14 -17.18 -10.04
C SER D 445 -2.47 -17.58 -9.41
N TYR D 446 -2.48 -18.77 -8.82
CA TYR D 446 -3.65 -19.32 -8.15
C TYR D 446 -3.33 -19.55 -6.67
N PHE D 447 -4.08 -18.89 -5.78
CA PHE D 447 -4.00 -19.18 -4.36
C PHE D 447 -5.15 -20.12 -4.04
N GLU D 448 -4.84 -21.39 -3.80
CA GLU D 448 -5.91 -22.39 -3.75
C GLU D 448 -6.20 -22.88 -2.34
N ASN D 449 -5.49 -22.35 -1.32
CA ASN D 449 -5.75 -22.81 0.05
C ASN D 449 -6.87 -21.96 0.67
N LYS D 450 -7.42 -22.45 1.76
CA LYS D 450 -8.24 -21.62 2.62
C LYS D 450 -7.35 -20.69 3.41
N ILE D 451 -7.52 -19.38 3.22
CA ILE D 451 -6.63 -18.39 3.81
C ILE D 451 -7.35 -17.72 4.98
N PHE D 452 -6.76 -17.84 6.19
CA PHE D 452 -7.28 -17.20 7.40
C PHE D 452 -6.37 -16.04 7.77
N GLY D 453 -6.64 -15.39 8.92
CA GLY D 453 -5.69 -14.45 9.49
C GLY D 453 -6.31 -13.07 9.70
N PHE D 454 -5.69 -12.28 10.57
CA PHE D 454 -6.17 -10.96 10.92
C PHE D 454 -5.91 -9.98 9.77
N GLY D 455 -4.90 -10.27 8.95
CA GLY D 455 -4.44 -9.36 7.92
C GLY D 455 -5.20 -9.51 6.61
N GLY D 456 -4.57 -9.02 5.53
CA GLY D 456 -5.29 -8.91 4.28
C GLY D 456 -4.36 -8.86 3.08
N LEU D 457 -4.95 -8.46 1.94
CA LEU D 457 -4.32 -8.63 0.63
C LEU D 457 -4.35 -7.31 -0.13
N VAL D 458 -3.20 -6.95 -0.71
CA VAL D 458 -3.13 -5.89 -1.71
C VAL D 458 -2.62 -6.49 -3.02
N LYS D 459 -3.46 -6.45 -4.06
CA LYS D 459 -3.10 -7.02 -5.36
C LYS D 459 -2.57 -5.87 -6.22
N SER D 460 -1.33 -6.00 -6.69
CA SER D 460 -0.75 -4.99 -7.56
C SER D 460 0.00 -5.68 -8.70
N GLY D 461 0.61 -4.87 -9.58
CA GLY D 461 1.15 -5.35 -10.84
C GLY D 461 0.02 -5.62 -11.85
N GLU D 462 0.40 -5.83 -13.11
CA GLU D 462 -0.58 -5.95 -14.17
C GLU D 462 -1.12 -7.38 -14.32
N GLY D 463 -0.48 -8.36 -13.66
CA GLY D 463 -0.89 -9.75 -13.78
C GLY D 463 -2.19 -10.05 -13.02
N THR D 464 -2.46 -11.36 -12.88
CA THR D 464 -3.75 -11.85 -12.40
C THR D 464 -3.53 -12.78 -11.21
N LEU D 465 -4.36 -12.63 -10.17
CA LEU D 465 -4.36 -13.54 -9.03
C LEU D 465 -5.77 -14.10 -8.88
N HIS D 466 -5.86 -15.42 -8.77
CA HIS D 466 -7.11 -16.09 -8.46
C HIS D 466 -7.10 -16.54 -6.99
N LEU D 467 -8.21 -16.28 -6.29
CA LEU D 467 -8.48 -16.87 -4.99
C LEU D 467 -9.57 -17.93 -5.18
N THR D 468 -9.18 -19.21 -5.10
CA THR D 468 -10.07 -20.25 -5.57
C THR D 468 -10.83 -20.92 -4.41
N ASN D 469 -10.54 -20.54 -3.16
CA ASN D 469 -11.04 -21.31 -2.02
C ASN D 469 -11.83 -20.40 -1.07
N ASP D 470 -12.37 -21.00 0.00
CA ASP D 470 -13.13 -20.26 1.01
C ASP D 470 -12.17 -19.60 1.99
N ASN D 471 -12.12 -18.27 1.96
CA ASN D 471 -11.15 -17.49 2.73
C ASN D 471 -11.82 -16.75 3.88
N SER D 472 -11.10 -16.65 5.02
CA SER D 472 -11.64 -16.08 6.23
C SER D 472 -10.74 -14.96 6.77
N TYR D 473 -9.75 -14.52 6.01
CA TYR D 473 -8.92 -13.42 6.50
C TYR D 473 -9.76 -12.16 6.66
N ALA D 474 -9.45 -11.37 7.70
CA ALA D 474 -10.35 -10.32 8.16
C ALA D 474 -9.94 -8.94 7.64
N GLY D 475 -8.73 -8.81 7.10
CA GLY D 475 -8.20 -7.48 6.79
C GLY D 475 -8.63 -6.92 5.44
N GLY D 476 -9.42 -7.66 4.67
CA GLY D 476 -9.92 -7.20 3.38
C GLY D 476 -8.90 -7.38 2.25
N SER D 477 -9.37 -7.15 1.02
CA SER D 477 -8.54 -7.18 -0.17
C SER D 477 -8.68 -5.84 -0.91
N VAL D 478 -7.56 -5.31 -1.39
CA VAL D 478 -7.52 -4.11 -2.19
C VAL D 478 -6.93 -4.49 -3.55
N VAL D 479 -7.63 -4.12 -4.65
CA VAL D 479 -7.08 -4.38 -5.97
C VAL D 479 -6.61 -3.04 -6.54
N ASN D 480 -5.29 -2.84 -6.54
CA ASN D 480 -4.67 -1.61 -7.00
C ASN D 480 -4.31 -1.66 -8.48
N ARG D 481 -4.03 -2.87 -8.99
CA ARG D 481 -3.66 -3.01 -10.38
C ARG D 481 -3.86 -4.47 -10.78
N GLY D 482 -4.06 -4.68 -12.10
CA GLY D 482 -4.25 -6.02 -12.65
C GLY D 482 -5.59 -6.58 -12.17
N THR D 483 -5.67 -7.91 -12.11
CA THR D 483 -6.95 -8.54 -11.85
C THR D 483 -6.86 -9.43 -10.60
N LEU D 484 -7.90 -9.36 -9.77
CA LEU D 484 -8.15 -10.36 -8.74
C LEU D 484 -9.43 -11.12 -9.13
N GLU D 485 -9.39 -12.45 -9.04
CA GLU D 485 -10.57 -13.24 -9.32
C GLU D 485 -10.98 -14.01 -8.06
N ILE D 486 -12.26 -13.86 -7.67
CA ILE D 486 -12.79 -14.54 -6.49
C ILE D 486 -13.76 -15.61 -6.96
N HIS D 487 -13.52 -16.85 -6.52
CA HIS D 487 -14.32 -17.99 -6.95
C HIS D 487 -15.31 -18.43 -5.86
N LYS D 488 -14.97 -18.18 -4.59
CA LYS D 488 -15.76 -18.71 -3.49
C LYS D 488 -15.91 -17.65 -2.40
N ILE D 489 -15.88 -18.05 -1.12
CA ILE D 489 -16.08 -17.11 -0.02
C ILE D 489 -14.85 -16.23 0.20
N HIS D 490 -15.09 -14.93 0.30
CA HIS D 490 -14.12 -13.95 0.75
C HIS D 490 -14.77 -13.22 1.91
N SER D 491 -14.33 -13.53 3.13
CA SER D 491 -15.07 -13.16 4.34
C SER D 491 -15.16 -11.65 4.52
N SER D 492 -14.06 -10.92 4.26
CA SER D 492 -13.97 -9.51 4.60
C SER D 492 -14.19 -8.60 3.37
N LYS D 493 -14.02 -7.29 3.55
CA LYS D 493 -14.41 -6.31 2.54
C LYS D 493 -13.45 -6.38 1.33
N VAL D 494 -13.91 -5.86 0.18
CA VAL D 494 -13.12 -5.80 -1.03
C VAL D 494 -13.22 -4.39 -1.61
N THR D 495 -12.07 -3.81 -1.97
CA THR D 495 -12.03 -2.50 -2.59
C THR D 495 -11.25 -2.59 -3.90
N VAL D 496 -11.88 -2.10 -4.98
CA VAL D 496 -11.24 -2.09 -6.29
C VAL D 496 -10.89 -0.63 -6.58
N ASN D 497 -9.59 -0.34 -6.67
CA ASN D 497 -9.17 1.01 -6.95
C ASN D 497 -9.17 1.23 -8.45
N GLN D 498 -8.79 2.45 -8.86
CA GLN D 498 -9.05 2.95 -10.20
CA GLN D 498 -8.95 3.02 -10.20
C GLN D 498 -8.35 2.11 -11.27
N ALA D 499 -7.14 1.58 -11.01
CA ALA D 499 -6.46 0.78 -12.03
C ALA D 499 -6.66 -0.72 -11.83
N GLY D 500 -7.58 -1.09 -10.94
CA GLY D 500 -7.77 -2.50 -10.61
C GLY D 500 -8.99 -3.09 -11.29
N ARG D 501 -9.03 -4.44 -11.31
CA ARG D 501 -10.14 -5.17 -11.89
C ARG D 501 -10.44 -6.39 -11.00
N LEU D 502 -11.73 -6.58 -10.67
CA LEU D 502 -12.18 -7.71 -9.91
C LEU D 502 -13.13 -8.55 -10.75
N VAL D 503 -12.88 -9.87 -10.80
CA VAL D 503 -13.80 -10.79 -11.48
C VAL D 503 -14.49 -11.62 -10.43
N LEU D 504 -15.82 -11.55 -10.39
CA LEU D 504 -16.62 -12.39 -9.49
C LEU D 504 -17.17 -13.56 -10.29
N HIS D 505 -16.91 -14.77 -9.78
CA HIS D 505 -17.42 -15.98 -10.40
C HIS D 505 -18.72 -16.40 -9.71
N PRO D 506 -19.47 -17.39 -10.26
CA PRO D 506 -20.80 -17.70 -9.75
C PRO D 506 -20.89 -18.10 -8.27
N LYS D 507 -19.81 -18.66 -7.71
CA LYS D 507 -19.86 -19.08 -6.32
C LYS D 507 -19.24 -18.06 -5.37
N ALA D 508 -18.86 -16.89 -5.89
CA ALA D 508 -18.27 -15.82 -5.09
C ALA D 508 -19.25 -15.34 -4.01
N LEU D 509 -18.73 -15.12 -2.81
CA LEU D 509 -19.49 -14.54 -1.71
C LEU D 509 -18.56 -13.62 -0.92
N ILE D 510 -18.84 -12.32 -0.96
CA ILE D 510 -18.05 -11.38 -0.21
C ILE D 510 -18.88 -11.03 1.02
N GLY D 511 -18.34 -11.31 2.22
CA GLY D 511 -19.04 -10.93 3.44
C GLY D 511 -19.55 -12.15 4.19
N TYR D 512 -18.71 -12.67 5.08
CA TYR D 512 -19.06 -13.89 5.81
C TYR D 512 -18.43 -13.82 7.19
N ASN D 513 -19.24 -14.08 8.21
CA ASN D 513 -18.78 -13.89 9.57
C ASN D 513 -18.13 -15.17 10.12
N GLU D 514 -16.86 -15.35 9.76
CA GLU D 514 -16.01 -16.39 10.30
C GLU D 514 -14.93 -15.70 11.12
N ALA D 515 -14.60 -16.25 12.30
CA ALA D 515 -13.52 -15.67 13.08
C ALA D 515 -12.22 -15.70 12.27
N PHE D 516 -11.39 -14.66 12.42
CA PHE D 516 -10.16 -14.53 11.63
C PHE D 516 -9.18 -15.66 11.93
N PHE D 517 -9.33 -16.29 13.10
CA PHE D 517 -8.45 -17.36 13.53
C PHE D 517 -9.01 -18.75 13.20
N ASN D 518 -10.10 -18.85 12.44
CA ASN D 518 -10.62 -20.13 11.99
C ASN D 518 -10.61 -20.21 10.46
N VAL D 519 -10.65 -21.45 9.94
CA VAL D 519 -10.90 -21.67 8.52
CA VAL D 519 -10.88 -21.71 8.53
C VAL D 519 -12.33 -22.17 8.36
N ILE D 520 -12.95 -21.81 7.23
CA ILE D 520 -14.33 -22.17 6.94
C ILE D 520 -14.37 -23.66 6.57
N THR D 521 -15.15 -24.45 7.33
CA THR D 521 -15.26 -25.88 7.03
C THR D 521 -16.71 -26.28 6.73
N THR D 522 -17.68 -25.56 7.30
CA THR D 522 -19.09 -25.72 6.98
CA THR D 522 -19.10 -25.73 7.02
C THR D 522 -19.70 -24.34 6.79
N VAL D 523 -20.41 -24.16 5.68
CA VAL D 523 -20.97 -22.85 5.40
C VAL D 523 -22.34 -22.75 6.06
N ASP D 524 -22.49 -21.76 6.94
CA ASP D 524 -23.75 -21.48 7.59
C ASP D 524 -24.31 -20.18 6.99
N PRO D 525 -25.44 -20.22 6.25
CA PRO D 525 -25.93 -19.04 5.56
C PRO D 525 -26.29 -17.88 6.49
N THR D 526 -26.57 -18.18 7.78
CA THR D 526 -26.91 -17.13 8.73
CA THR D 526 -26.91 -17.11 8.71
C THR D 526 -25.67 -16.26 9.01
N ARG D 527 -24.47 -16.79 8.70
CA ARG D 527 -23.23 -16.04 8.94
C ARG D 527 -22.88 -15.13 7.76
N ILE D 528 -23.61 -15.19 6.64
CA ILE D 528 -23.45 -14.19 5.59
C ILE D 528 -23.76 -12.84 6.20
N THR D 529 -22.92 -11.82 5.95
CA THR D 529 -23.05 -10.55 6.65
C THR D 529 -23.97 -9.63 5.86
N THR D 530 -24.31 -8.48 6.45
CA THR D 530 -25.05 -7.47 5.71
C THR D 530 -24.31 -6.14 5.73
N GLY D 531 -23.09 -6.10 6.30
CA GLY D 531 -22.33 -4.86 6.33
C GLY D 531 -20.92 -4.97 5.77
N THR D 532 -20.64 -6.00 4.96
CA THR D 532 -19.33 -6.13 4.34
C THR D 532 -19.42 -5.61 2.91
N ASN D 533 -18.70 -4.53 2.62
CA ASN D 533 -18.96 -3.78 1.40
C ASN D 533 -17.93 -4.08 0.32
N LEU D 534 -18.41 -4.06 -0.93
CA LEU D 534 -17.59 -4.04 -2.13
C LEU D 534 -17.60 -2.63 -2.70
N ARG D 535 -16.44 -1.97 -2.68
CA ARG D 535 -16.24 -0.64 -3.24
C ARG D 535 -15.59 -0.79 -4.61
N ASN D 536 -16.17 -0.10 -5.62
CA ASN D 536 -15.65 -0.21 -6.97
C ASN D 536 -15.32 1.14 -7.57
N LYS D 537 -14.03 1.44 -7.67
CA LYS D 537 -13.56 2.63 -8.38
C LYS D 537 -12.91 2.22 -9.69
N GLY D 538 -12.85 0.91 -9.95
CA GLY D 538 -12.21 0.40 -11.15
C GLY D 538 -13.21 -0.43 -11.96
N ILE D 539 -12.84 -1.70 -12.22
CA ILE D 539 -13.69 -2.62 -12.98
C ILE D 539 -14.16 -3.77 -12.07
N VAL D 540 -15.47 -4.03 -12.07
CA VAL D 540 -16.02 -5.25 -11.53
C VAL D 540 -16.75 -5.99 -12.64
N GLU D 541 -16.40 -7.27 -12.82
CA GLU D 541 -16.97 -8.13 -13.84
C GLU D 541 -17.65 -9.31 -13.15
N VAL D 542 -18.93 -9.57 -13.50
CA VAL D 542 -19.74 -10.58 -12.84
C VAL D 542 -20.09 -11.69 -13.81
N ASN D 543 -20.04 -12.93 -13.31
CA ASN D 543 -20.41 -14.13 -14.03
C ASN D 543 -21.46 -14.89 -13.22
N GLY D 544 -22.40 -15.54 -13.91
CA GLY D 544 -23.46 -16.28 -13.26
C GLY D 544 -24.51 -15.35 -12.68
N THR D 545 -25.49 -15.91 -11.96
CA THR D 545 -26.54 -15.12 -11.34
C THR D 545 -26.57 -15.35 -9.82
N THR D 546 -25.52 -15.98 -9.29
CA THR D 546 -25.58 -16.48 -7.92
C THR D 546 -24.57 -15.83 -6.96
N ALA D 547 -23.62 -15.00 -7.46
CA ALA D 547 -22.66 -14.36 -6.56
C ALA D 547 -23.36 -13.41 -5.59
N ILE D 548 -22.80 -13.27 -4.37
CA ILE D 548 -23.43 -12.54 -3.28
C ILE D 548 -22.46 -11.51 -2.69
N ILE D 549 -22.97 -10.29 -2.40
CA ILE D 549 -22.30 -9.33 -1.55
C ILE D 549 -23.12 -9.26 -0.26
N GLY D 550 -22.53 -9.75 0.85
CA GLY D 550 -23.07 -9.60 2.18
C GLY D 550 -22.86 -8.19 2.74
N GLY D 551 -23.42 -7.19 2.05
CA GLY D 551 -23.21 -5.79 2.38
C GLY D 551 -23.52 -4.91 1.18
N ASP D 552 -22.97 -3.69 1.15
CA ASP D 552 -23.28 -2.73 0.10
C ASP D 552 -22.39 -2.94 -1.13
N TYR D 553 -22.94 -2.64 -2.32
CA TYR D 553 -22.13 -2.45 -3.50
C TYR D 553 -22.05 -0.95 -3.77
N ILE D 554 -20.85 -0.39 -3.73
CA ILE D 554 -20.67 1.04 -3.83
C ILE D 554 -19.80 1.33 -5.06
N ALA D 555 -20.43 1.91 -6.09
CA ALA D 555 -19.74 2.19 -7.35
C ALA D 555 -19.49 3.69 -7.47
N TYR D 556 -18.24 4.02 -7.81
CA TYR D 556 -17.77 5.40 -7.82
C TYR D 556 -17.71 5.90 -9.26
N LYS D 557 -17.57 7.23 -9.41
CA LYS D 557 -17.44 7.87 -10.70
C LYS D 557 -16.22 7.30 -11.41
N GLY D 558 -16.39 6.92 -12.67
CA GLY D 558 -15.29 6.41 -13.47
C GLY D 558 -15.18 4.88 -13.38
N SER D 559 -16.06 4.24 -12.58
CA SER D 559 -16.00 2.79 -12.43
C SER D 559 -16.79 2.11 -13.54
N THR D 560 -16.52 0.81 -13.77
CA THR D 560 -17.30 -0.01 -14.69
C THR D 560 -17.81 -1.25 -13.95
N THR D 561 -19.08 -1.59 -14.20
CA THR D 561 -19.67 -2.83 -13.71
C THR D 561 -20.20 -3.61 -14.91
N THR D 562 -19.62 -4.78 -15.19
CA THR D 562 -19.91 -5.55 -16.39
C THR D 562 -20.58 -6.86 -15.99
N PHE D 563 -21.76 -7.12 -16.57
CA PHE D 563 -22.44 -8.39 -16.40
C PHE D 563 -22.26 -9.24 -17.64
N ASN D 564 -21.56 -10.36 -17.53
CA ASN D 564 -21.33 -11.22 -18.68
C ASN D 564 -22.54 -12.11 -18.93
N ASN D 565 -23.06 -12.09 -20.16
CA ASN D 565 -24.10 -12.98 -20.65
CA ASN D 565 -24.08 -13.03 -20.62
C ASN D 565 -25.26 -13.10 -19.66
N GLY D 566 -25.87 -11.96 -19.34
CA GLY D 566 -27.04 -11.96 -18.47
C GLY D 566 -26.73 -12.21 -17.00
N ALA D 567 -25.49 -11.94 -16.55
CA ALA D 567 -25.09 -12.14 -15.16
C ALA D 567 -25.85 -11.22 -14.21
N LYS D 568 -26.00 -11.65 -12.95
CA LYS D 568 -26.61 -10.87 -11.89
C LYS D 568 -25.73 -10.93 -10.64
N LEU D 569 -25.70 -9.84 -9.86
CA LEU D 569 -25.04 -9.77 -8.57
C LEU D 569 -26.09 -9.54 -7.47
N ASN D 570 -26.09 -10.41 -6.45
CA ASN D 570 -27.06 -10.37 -5.37
C ASN D 570 -26.50 -9.54 -4.22
N VAL D 571 -27.03 -8.33 -4.03
CA VAL D 571 -26.52 -7.42 -3.04
C VAL D 571 -27.45 -7.43 -1.83
N LEU D 572 -26.94 -7.88 -0.67
CA LEU D 572 -27.80 -7.99 0.51
C LEU D 572 -27.94 -6.64 1.20
N GLY D 573 -26.99 -5.74 0.99
CA GLY D 573 -27.11 -4.38 1.54
C GLY D 573 -27.76 -3.45 0.50
N ASN D 574 -27.26 -2.22 0.42
CA ASN D 574 -27.73 -1.24 -0.54
C ASN D 574 -26.76 -1.12 -1.70
N ILE D 575 -27.31 -0.76 -2.87
CA ILE D 575 -26.52 -0.44 -4.06
C ILE D 575 -26.39 1.08 -4.09
N LYS D 576 -25.16 1.59 -4.14
CA LYS D 576 -24.92 3.02 -4.09
C LYS D 576 -24.03 3.44 -5.25
N VAL D 577 -24.33 4.62 -5.82
CA VAL D 577 -23.55 5.18 -6.90
C VAL D 577 -23.17 6.61 -6.52
N GLU D 578 -21.96 7.02 -6.95
CA GLU D 578 -21.44 8.32 -6.56
C GLU D 578 -22.30 9.42 -7.21
N ASP D 579 -22.75 9.19 -8.44
CA ASP D 579 -23.72 10.08 -9.08
C ASP D 579 -24.46 9.30 -10.16
N GLY D 580 -25.32 10.01 -10.90
CA GLY D 580 -26.21 9.37 -11.87
C GLY D 580 -25.50 8.91 -13.14
N THR D 581 -24.22 9.29 -13.30
CA THR D 581 -23.44 8.86 -14.45
C THR D 581 -22.93 7.44 -14.27
N VAL D 582 -22.93 6.92 -13.04
CA VAL D 582 -22.36 5.63 -12.77
C VAL D 582 -23.38 4.56 -13.16
N LYS D 583 -22.99 3.62 -14.03
CA LYS D 583 -23.90 2.62 -14.55
CA LYS D 583 -23.92 2.63 -14.53
C LYS D 583 -23.67 1.29 -13.83
N VAL D 584 -24.67 0.79 -13.10
CA VAL D 584 -24.49 -0.44 -12.33
C VAL D 584 -25.60 -1.44 -12.57
N LEU D 585 -26.51 -1.17 -13.51
CA LEU D 585 -27.56 -2.12 -13.82
C LEU D 585 -27.30 -2.68 -15.22
C1 EDO E . 3.94 5.06 -22.79
O1 EDO E . 4.65 4.20 -23.68
C2 EDO E . 4.54 6.39 -22.50
O2 EDO E . 5.10 6.97 -23.68
C1 EDO F . 53.13 -27.02 -30.31
O1 EDO F . 54.39 -27.66 -30.21
C2 EDO F . 52.71 -26.55 -28.97
O2 EDO F . 53.84 -26.37 -28.13
C1 EDO G . 42.41 -18.87 -32.37
O1 EDO G . 42.23 -20.22 -32.67
C2 EDO G . 42.42 -18.83 -30.91
O2 EDO G . 43.05 -17.69 -30.41
C1 EDO H . 38.91 -20.42 -25.39
O1 EDO H . 39.20 -19.05 -25.69
C2 EDO H . 39.80 -21.06 -24.40
O2 EDO H . 41.10 -21.37 -24.90
C1 EDO I . 51.52 -25.85 -5.86
O1 EDO I . 52.88 -25.85 -6.20
C2 EDO I . 50.86 -27.07 -6.34
O2 EDO I . 50.23 -27.76 -5.28
C1 EDO J . 39.29 -22.43 -6.66
O1 EDO J . 40.22 -23.48 -6.87
C2 EDO J . 38.95 -22.22 -5.23
O2 EDO J . 39.02 -20.86 -4.78
C1 EDO K . 55.38 3.71 -21.98
O1 EDO K . 55.23 4.72 -22.97
C2 EDO K . 54.24 3.77 -21.04
O2 EDO K . 54.29 5.00 -20.33
C1 PGE L . 35.27 10.76 -18.06
O1 PGE L . 36.24 11.78 -17.98
C2 PGE L . 34.22 10.85 -16.98
O2 PGE L . 33.24 11.84 -17.32
C3 PGE L . 32.43 12.25 -16.22
C4 PGE L . 31.01 11.76 -16.35
O4 PGE L . 28.36 12.97 -18.11
C6 PGE L . 29.58 13.65 -18.30
C5 PGE L . 30.26 13.92 -17.01
O3 PGE L . 30.09 12.82 -16.12
C1 EDO M . 25.65 8.68 -16.53
O1 EDO M . 24.28 8.49 -16.24
C2 EDO M . 25.84 9.38 -17.82
O2 EDO M . 25.02 10.52 -17.95
C1 EDO N . 21.41 5.77 -21.30
O1 EDO N . 20.94 6.99 -21.82
C2 EDO N . 21.26 5.71 -19.84
O2 EDO N . 19.87 5.76 -19.43
C1 PEG O . 47.72 9.15 -27.19
O1 PEG O . 47.07 8.32 -26.26
C2 PEG O . 47.22 8.96 -28.59
O2 PEG O . 47.65 10.04 -29.40
C3 PEG O . 46.98 11.26 -29.13
C4 PEG O . 45.85 11.38 -30.07
O4 PEG O . 44.73 11.97 -29.44
C1 EDO P . 42.94 11.18 -38.23
O1 EDO P . 43.18 12.38 -38.95
C2 EDO P . 42.52 11.60 -36.89
O2 EDO P . 41.91 12.88 -36.95
C1 EDO Q . 32.01 30.74 -22.95
O1 EDO Q . 32.53 31.02 -21.69
C2 EDO Q . 32.92 31.16 -24.02
O2 EDO Q . 32.08 31.38 -25.13
C1 EDO R . 24.36 3.12 -14.57
O1 EDO R . 23.13 2.38 -14.59
C2 EDO R . 25.48 2.33 -14.04
O2 EDO R . 25.54 1.17 -14.83
C1 EDO S . 11.48 11.04 -38.48
O1 EDO S . 11.05 10.83 -37.14
C2 EDO S . 11.52 12.46 -38.85
O2 EDO S . 11.91 13.28 -37.77
C1 EDO T . 45.39 -11.64 -31.76
O1 EDO T . 45.63 -13.04 -31.73
C2 EDO T . 44.75 -11.25 -33.04
O2 EDO T . 45.48 -11.77 -34.15
C1 EDO U . 55.89 -4.41 -35.45
O1 EDO U . 57.14 -5.00 -35.10
C2 EDO U . 55.98 -2.93 -35.48
O2 EDO U . 55.18 -2.28 -34.52
C1 EDO V . 34.68 -13.98 -12.25
O1 EDO V . 34.99 -12.66 -12.59
C2 EDO V . 33.59 -13.89 -11.27
O2 EDO V . 34.09 -13.27 -10.14
C1 EDO W . 63.92 -8.03 -26.55
O1 EDO W . 64.76 -7.29 -27.42
C2 EDO W . 64.69 -8.65 -25.46
O2 EDO W . 64.54 -10.06 -25.43
C1 EDO X . 44.31 18.54 -28.97
O1 EDO X . 44.90 17.44 -28.33
C2 EDO X . 43.31 19.19 -28.08
O2 EDO X . 42.20 18.34 -27.96
C1 EDO Y . 15.10 12.79 -36.78
O1 EDO Y . 15.69 11.55 -37.02
C2 EDO Y . 14.89 13.07 -35.33
O2 EDO Y . 14.31 14.34 -35.30
C1 EDO Z . 41.79 20.47 -38.64
O1 EDO Z . 41.00 21.47 -39.26
C2 EDO Z . 40.98 19.93 -37.52
O2 EDO Z . 39.65 19.67 -37.93
C1 EDO AA . 11.39 21.07 -20.94
O1 EDO AA . 12.13 21.12 -19.75
C2 EDO AA . 12.18 20.30 -21.92
O2 EDO AA . 11.31 19.61 -22.75
C1 EDO BA . 27.44 -6.41 -26.27
O1 EDO BA . 27.37 -5.07 -25.88
C2 EDO BA . 26.41 -6.60 -27.32
O2 EDO BA . 25.44 -7.40 -26.74
C1 EDO CA . 34.74 -1.12 -45.50
O1 EDO CA . 34.28 -2.42 -45.16
C2 EDO CA . 33.59 -0.34 -45.98
O2 EDO CA . 34.03 0.72 -46.77
C1 EDO DA . 39.49 -28.12 -19.87
O1 EDO DA . 39.54 -27.60 -21.19
C2 EDO DA . 38.10 -28.54 -19.57
O2 EDO DA . 37.21 -27.45 -19.71
C1 EDO EA . 51.26 -21.83 -0.92
O1 EDO EA . 50.26 -22.20 0.01
C2 EDO EA . 51.46 -20.37 -0.98
O2 EDO EA . 50.82 -19.90 -2.16
C1 EDO FA . 41.66 10.24 -19.10
O1 EDO FA . 42.47 9.26 -18.45
C2 EDO FA . 40.24 10.34 -18.60
O2 EDO FA . 39.50 11.53 -18.85
C1 EDO GA . 38.79 -5.68 -12.68
O1 EDO GA . 39.17 -6.95 -12.23
C2 EDO GA . 38.69 -4.70 -11.58
O2 EDO GA . 37.45 -4.06 -11.71
C1 EDO HA . 18.36 14.54 -48.11
O1 EDO HA . 18.59 15.82 -48.64
C2 EDO HA . 19.50 14.14 -47.25
O2 EDO HA . 19.71 15.08 -46.24
C1 EDO IA . 14.57 -10.86 -36.32
O1 EDO IA . 15.33 -12.00 -36.04
C2 EDO IA . 15.45 -9.80 -36.83
O2 EDO IA . 16.00 -10.17 -38.07
C1 EDO JA . 43.21 12.14 -21.14
O1 EDO JA . 43.49 10.88 -21.72
C2 EDO JA . 44.21 13.14 -21.59
O2 EDO JA . 43.61 14.35 -21.98
C1 EDO KA . 42.47 24.75 -32.38
O1 EDO KA . 41.67 25.62 -33.13
C2 EDO KA . 41.88 24.40 -31.06
O2 EDO KA . 41.58 25.56 -30.29
C1 EDO LA . 40.70 21.43 -27.01
O1 EDO LA . 40.93 21.54 -28.40
C2 EDO LA . 40.01 22.61 -26.41
O2 EDO LA . 39.34 22.31 -25.20
C1 EDO MA . 54.20 -23.29 -6.81
O1 EDO MA . 52.98 -23.29 -7.52
C2 EDO MA . 54.78 -21.94 -6.72
O2 EDO MA . 55.99 -21.92 -7.41
C1 EDO NA . 61.23 -20.64 -36.08
O1 EDO NA . 62.17 -21.58 -35.62
C2 EDO NA . 61.04 -19.65 -35.02
O2 EDO NA . 60.15 -18.66 -35.44
C1 EDO OA . 15.10 12.47 -55.97
O1 EDO OA . 15.91 11.38 -55.60
C2 EDO OA . 14.46 13.01 -54.76
O2 EDO OA . 14.85 14.35 -54.62
C1 EDO PA . -54.94 -5.70 -31.27
O1 EDO PA . -54.90 -6.41 -30.05
C2 EDO PA . -56.32 -5.70 -31.78
O2 EDO PA . -57.14 -4.69 -31.22
C1 EDO QA . -35.36 11.92 -4.55
O1 EDO QA . -34.92 10.90 -5.44
C2 EDO QA . -35.88 11.40 -3.25
O2 EDO QA . -36.87 10.41 -3.47
C1 PEG RA . -35.11 6.66 -11.69
O1 PEG RA . -35.94 7.55 -10.96
C2 PEG RA . -34.04 7.37 -12.49
O2 PEG RA . -33.73 8.61 -11.86
C3 PEG RA . -32.89 9.44 -12.63
C4 PEG RA . -31.58 9.62 -11.94
O4 PEG RA . -30.48 9.61 -12.84
C1 EDO SA . -20.80 18.18 -7.60
O1 EDO SA . -20.85 19.50 -8.12
C2 EDO SA . -20.27 18.11 -6.22
O2 EDO SA . -21.26 17.69 -5.32
C1 EDO TA . -34.03 15.49 2.13
O1 EDO TA . -35.40 15.10 2.36
C2 EDO TA . -33.77 16.87 2.59
O2 EDO TA . -34.88 17.74 2.64
C1 EDO UA . -32.21 46.34 -5.50
O1 EDO UA . -31.20 45.50 -5.01
C2 EDO UA . -31.63 47.65 -5.86
O2 EDO UA . -31.55 48.46 -4.73
C1 EDO VA . -38.00 43.90 3.51
O1 EDO VA . -37.36 43.35 4.64
C2 EDO VA . -39.43 44.16 3.77
O2 EDO VA . -39.98 43.24 4.67
C1 EDO WA . -49.05 34.58 15.55
O1 EDO WA . -48.04 35.27 14.82
C2 EDO WA . -50.40 35.18 15.43
O2 EDO WA . -50.76 35.30 14.07
C1 EDO XA . -43.66 23.86 3.39
O1 EDO XA . -42.47 24.51 3.79
C2 EDO XA . -44.17 22.71 4.22
O2 EDO XA . -44.48 23.09 5.55
C1 EDO YA . -48.77 15.94 8.21
O1 EDO YA . -48.39 15.57 6.89
C2 EDO YA . -48.92 17.40 8.45
O2 EDO YA . -50.17 17.70 9.04
C1 EDO ZA . -45.79 10.52 4.27
O1 EDO ZA . -44.55 11.08 3.86
C2 EDO ZA . -46.82 11.56 4.18
O2 EDO ZA . -47.11 11.83 2.84
C1 EDO AB . -46.05 15.27 3.11
O1 EDO AB . -47.14 15.60 2.27
C2 EDO AB . -46.14 15.96 4.42
O2 EDO AB . -46.98 17.10 4.34
C1 EDO BB . -35.84 2.22 -18.47
O1 EDO BB . -35.02 3.08 -19.24
C2 EDO BB . -37.27 2.39 -18.77
O2 EDO BB . -38.07 1.72 -17.82
C1 EDO CB . -49.17 17.80 -26.87
O1 EDO CB . -50.31 17.63 -27.72
C2 EDO CB . -48.79 19.22 -26.73
O2 EDO CB . -48.65 19.81 -28.02
C1 EDO DB . -35.45 6.55 -30.42
O1 EDO DB . -35.07 7.83 -29.95
C2 EDO DB . -36.78 6.11 -29.91
O2 EDO DB . -36.96 4.71 -29.91
C1 EDO EB . -39.39 3.56 -37.24
O1 EDO EB . -38.36 2.71 -36.77
C2 EDO EB . -40.66 3.06 -36.67
O2 EDO EB . -40.98 1.76 -37.11
C1 EDO FB . -67.65 10.88 -22.75
O1 EDO FB . -67.36 9.57 -23.16
C2 EDO FB . -67.87 10.86 -21.29
O2 EDO FB . -69.07 11.45 -20.87
C1 EDO GB . -66.07 15.66 -13.23
O1 EDO GB . -65.68 14.68 -12.28
C2 EDO GB . -65.16 15.74 -14.39
O2 EDO GB . -63.76 15.66 -14.06
C1 EDO HB . -45.85 9.22 -42.24
O1 EDO HB . -45.34 8.65 -43.42
C2 EDO HB . -47.23 9.66 -42.57
O2 EDO HB . -47.64 10.83 -41.90
C1 EDO IB . -41.81 -1.27 -15.38
O1 EDO IB . -41.95 -0.15 -16.25
C2 EDO IB . -42.84 -2.30 -15.57
O2 EDO IB . -43.73 -2.26 -14.49
C1 EDO JB . -20.86 34.71 11.97
O1 EDO JB . -20.14 33.77 11.16
C2 EDO JB . -22.09 34.13 12.58
O2 EDO JB . -22.65 34.93 13.60
C1 EDO KB . -39.01 18.50 3.95
O1 EDO KB . -38.57 19.77 4.40
C2 EDO KB . -40.48 18.27 3.91
O2 EDO KB . -41.18 18.74 5.04
C1 EDO LB . -56.40 33.61 -1.13
O1 EDO LB . -56.74 32.91 0.04
C2 EDO LB . -57.27 34.78 -1.32
O2 EDO LB . -58.07 34.72 -2.50
C1 EDO MB . -60.32 10.79 -38.09
O1 EDO MB . -60.66 10.09 -39.27
C2 EDO MB . -60.11 9.89 -36.93
O2 EDO MB . -59.87 8.56 -37.37
C1 EDO NB . -69.53 -6.66 -23.99
O1 EDO NB . -69.22 -7.36 -22.80
C2 EDO NB . -70.93 -6.17 -23.96
O2 EDO NB . -71.25 -5.26 -25.01
C1 EDO OB . -35.84 39.69 4.35
O1 EDO OB . -37.03 39.36 5.03
C2 EDO OB . -36.13 40.71 3.31
O2 EDO OB . -37.22 40.44 2.43
C1 EDO PB . -63.73 12.30 -10.29
O1 EDO PB . -62.61 11.41 -10.22
C2 EDO PB . -63.42 13.74 -10.06
O2 EDO PB . -62.46 13.94 -9.03
C1 EDO QB . -33.57 2.18 -14.87
O1 EDO QB . -33.61 0.84 -15.26
C2 EDO QB . -34.86 2.78 -15.21
O2 EDO QB . -35.24 3.65 -14.19
C1 EDO RB . -40.16 37.23 -21.14
O1 EDO RB . -38.95 37.41 -21.83
C2 EDO RB . -41.21 36.71 -22.02
O2 EDO RB . -41.04 35.33 -22.23
C1 EDO SB . -58.34 38.95 -6.19
O1 EDO SB . -57.33 39.09 -7.16
C2 EDO SB . -58.77 37.54 -5.99
O2 EDO SB . -59.99 37.57 -5.30
C1 EDO TB . -44.42 19.46 -31.64
O1 EDO TB . -43.96 18.33 -32.34
C2 EDO TB . -45.81 19.18 -31.22
O2 EDO TB . -46.31 20.31 -30.54
C1 EDO UB . -51.52 -4.89 -41.27
O1 EDO UB . -50.62 -5.84 -40.74
C2 EDO UB . -52.93 -4.94 -40.80
O2 EDO UB . -53.18 -5.35 -39.48
C1 EDO VB . -28.05 16.70 -18.69
O1 EDO VB . -29.30 16.05 -18.71
C2 EDO VB . -27.62 16.95 -17.30
O2 EDO VB . -28.07 18.21 -16.90
C1 PEG WB . -32.68 5.13 -23.13
O1 PEG WB . -31.75 6.12 -23.45
C2 PEG WB . -33.19 5.31 -21.73
O2 PEG WB . -32.10 5.37 -20.84
C3 PEG WB . -31.81 4.12 -20.22
C4 PEG WB . -31.12 4.29 -18.87
O4 PEG WB . -31.76 5.21 -17.97
C1 EDO XB . -22.62 17.55 -10.85
O1 EDO XB . -23.81 18.22 -10.44
C2 EDO XB . -22.19 18.04 -12.19
O2 EDO XB . -22.05 17.01 -13.15
C1 EDO YB . -27.79 5.04 -16.33
O1 EDO YB . -27.87 4.52 -17.63
C2 EDO YB . -26.94 6.25 -16.32
O2 EDO YB . -25.60 5.94 -16.61
C1 EDO ZB . 35.65 -10.61 43.50
O1 EDO ZB . 36.55 -11.33 44.31
C2 EDO ZB . 36.15 -9.29 43.11
O2 EDO ZB . 36.64 -8.58 44.22
C1 EDO AC . 14.63 -32.89 37.43
O1 EDO AC . 15.65 -32.46 36.58
C2 EDO AC . 13.48 -33.10 36.54
O2 EDO AC . 12.25 -32.78 37.16
C1 EDO BC . 21.05 -33.44 53.97
O1 EDO BC . 20.44 -34.61 54.48
C2 EDO BC . 21.86 -32.72 54.98
O2 EDO BC . 23.23 -32.75 54.63
C1 PEG CC . 3.95 -28.41 37.45
O1 PEG CC . 4.61 -28.50 36.21
C2 PEG CC . 4.21 -27.11 38.11
O2 PEG CC . 3.18 -26.16 37.81
C3 PEG CC . 2.96 -25.21 38.84
C4 PEG CC . 2.91 -25.90 40.16
O4 PEG CC . 4.00 -25.56 40.99
C1 EDO DC . -8.04 -2.50 36.28
O1 EDO DC . -8.50 -1.17 36.28
C2 EDO DC . -8.47 -3.11 37.56
O2 EDO DC . -9.88 -3.20 37.72
C1 EDO EC . -15.69 22.37 33.14
O1 EDO EC . -16.43 21.32 32.55
C2 EDO EC . -14.34 22.54 32.54
O2 EDO EC . -13.41 23.34 33.26
C1 EDO FC . -4.92 28.30 32.20
O1 EDO FC . -4.42 28.41 33.51
C2 EDO FC . -6.31 27.84 32.22
O2 EDO FC . -7.10 28.68 31.42
C1 EDO GC . -7.84 13.25 16.81
O1 EDO GC . -8.17 11.90 16.52
C2 EDO GC . -8.98 13.90 17.48
O2 EDO GC . -10.20 13.17 17.46
C1 EDO HC . -4.01 11.95 12.91
O1 EDO HC . -4.69 13.08 12.42
C2 EDO HC . -3.52 12.18 14.29
O2 EDO HC . -4.55 12.53 15.22
C1 EDO IC . 5.12 22.64 15.89
O1 EDO IC . 6.47 22.78 16.26
C2 EDO IC . 4.32 23.74 16.47
O2 EDO IC . 4.60 23.89 17.83
C1 EDO JC . 16.34 10.11 29.33
O1 EDO JC . 15.98 8.80 29.76
C2 EDO JC . 15.29 11.13 29.60
O2 EDO JC . 14.31 10.73 30.57
C1 EDO KC . -13.74 5.43 18.39
O1 EDO KC . -14.39 5.10 19.60
C2 EDO KC . -12.86 6.60 18.55
O2 EDO KC . -13.55 7.74 19.02
C1 EDO LC . -23.74 -5.14 28.47
O1 EDO LC . -22.57 -5.89 28.39
C2 EDO LC . -23.63 -4.20 29.59
O2 EDO LC . -22.93 -3.05 29.20
C1 EDO MC . 20.85 -14.65 31.51
O1 EDO MC . 21.89 -15.49 31.04
C2 EDO MC . 20.81 -13.25 31.02
O2 EDO MC . 21.11 -13.10 29.63
C1 EDO NC . -3.00 5.50 43.97
O1 EDO NC . -3.90 4.59 43.38
C2 EDO NC . -2.64 5.23 45.39
O2 EDO NC . -2.38 3.88 45.53
C1 EDO OC . -21.81 -1.92 39.95
O1 EDO OC . -20.52 -1.34 39.96
C2 EDO OC . -22.42 -1.77 38.62
O2 EDO OC . -23.67 -1.15 38.75
C1 PEG PC . 19.87 4.30 35.16
O1 PEG PC . 19.00 3.19 35.25
C2 PEG PC . 20.21 4.90 36.49
O2 PEG PC . 19.37 6.02 36.78
C3 PEG PC . 18.35 5.72 37.73
C4 PEG PC . 18.23 6.78 38.78
O4 PEG PC . 17.00 7.45 38.69
C1 EDO QC . 38.99 -24.83 47.22
O1 EDO QC . 37.98 -25.01 48.24
C2 EDO QC . 40.24 -24.25 47.76
O2 EDO QC . 39.99 -23.23 48.73
C1 PEG RC . 26.65 2.04 47.25
O1 PEG RC . 27.96 2.08 46.72
C2 PEG RC . 26.01 0.73 46.92
O2 PEG RC . 24.66 0.91 46.46
C3 PEG RC . 23.88 -0.27 46.62
C4 PEG RC . 22.58 0.01 47.30
O4 PEG RC . 22.77 0.82 48.45
C1 EDO SC . 29.78 -27.75 33.82
O1 EDO SC . 30.58 -27.86 34.97
C2 EDO SC . 30.47 -28.36 32.67
O2 EDO SC . 31.86 -28.10 32.73
C1 EDO TC . -11.17 7.84 21.69
O1 EDO TC . -10.90 6.45 21.49
C2 EDO TC . -12.29 8.19 22.59
O2 EDO TC . -12.55 7.11 23.47
C1 EDO UC . 11.05 15.02 40.26
O1 EDO UC . 10.41 13.91 39.66
C2 EDO UC . 12.42 14.69 40.74
O2 EDO UC . 13.18 14.18 39.67
O1 PG4 VC . 1.30 -5.49 49.60
C1 PG4 VC . 1.16 -6.50 50.59
C2 PG4 VC . 2.46 -7.17 50.96
O2 PG4 VC . 2.94 -7.90 49.83
C3 PG4 VC . 3.88 -8.92 50.16
C4 PG4 VC . 4.69 -9.31 48.94
O3 PG4 VC . 4.15 -10.47 48.31
C5 PG4 VC . 4.25 -10.49 46.88
C6 PG4 VC . 3.24 -11.46 46.24
O4 PG4 VC . 2.62 -10.93 45.06
C7 PG4 VC . 1.38 -10.28 45.34
C8 PG4 VC . 0.89 -9.40 44.20
O5 PG4 VC . -0.24 -8.59 44.55
C1 EDO WC . 19.77 -21.72 28.89
O1 EDO WC . 19.21 -23.02 28.85
C2 EDO WC . 19.93 -21.35 30.30
O2 EDO WC . 19.24 -20.18 30.67
C1 EDO XC . 4.31 -21.79 47.28
O1 EDO XC . 5.33 -22.76 47.41
C2 EDO XC . 4.77 -20.52 46.68
O2 EDO XC . 5.61 -20.73 45.55
C1 EDO YC . -9.33 -14.87 24.88
O1 EDO YC . -10.32 -13.85 24.96
C2 EDO YC . -9.05 -15.19 23.47
O2 EDO YC . -9.06 -13.98 22.77
C1 EDO ZC . -5.70 -7.15 43.86
O1 EDO ZC . -4.69 -8.09 43.73
C2 EDO ZC . -6.75 -7.57 42.93
O2 EDO ZC . -7.75 -6.59 42.86
C1 EDO AD . -20.36 14.58 -8.32
O1 EDO AD . -21.28 14.38 -9.37
C2 EDO AD . -21.01 14.45 -6.99
O2 EDO AD . -20.24 13.71 -6.06
C1 PEG BD . 9.22 -40.98 19.96
O1 PEG BD . 8.08 -40.50 20.65
C2 PEG BD . 10.30 -41.35 20.93
O2 PEG BD . 11.59 -41.34 20.35
C3 PEG BD . 12.10 -42.66 20.15
C4 PEG BD . 12.83 -42.69 18.87
O4 PEG BD . 13.77 -41.64 18.78
C1 EDO CD . -5.26 -4.44 3.18
O1 EDO CD . -5.17 -3.06 3.52
C2 EDO CD . -6.54 -4.82 2.55
O2 EDO CD . -7.70 -4.14 3.05
C1 PEG DD . 14.15 -10.60 -3.84
O1 PEG DD . 13.20 -9.61 -4.21
C2 PEG DD . 13.69 -11.47 -2.70
O2 PEG DD . 13.28 -10.68 -1.59
C3 PEG DD . 13.93 -10.98 -0.37
C4 PEG DD . 13.35 -10.17 0.76
O4 PEG DD . 12.03 -10.59 1.11
C1 EDO ED . 13.85 -5.32 10.78
O1 EDO ED . 15.01 -5.19 9.97
C2 EDO ED . 12.59 -5.34 10.01
O2 EDO ED . 12.59 -6.35 8.99
C1 EDO FD . -33.52 -15.13 -4.68
O1 EDO FD . -34.54 -15.68 -3.85
C2 EDO FD . -34.00 -14.53 -5.94
O2 EDO FD . -35.14 -13.72 -5.66
C1 EDO GD . -8.28 -24.91 -15.44
O1 EDO GD . -7.59 -25.66 -14.46
C2 EDO GD . -7.45 -23.91 -16.16
O2 EDO GD . -7.03 -22.84 -15.32
C1 EDO HD . -16.59 -23.01 10.30
O1 EDO HD . -17.05 -23.69 9.15
C2 EDO HD . -15.71 -23.83 11.12
O2 EDO HD . -14.81 -23.02 11.83
C1 EDO ID . 25.26 -17.89 -13.82
O1 EDO ID . 24.75 -18.92 -14.66
C2 EDO ID . 25.01 -16.55 -14.38
O2 EDO ID . 25.23 -15.48 -13.47
C1 EDO JD . 25.11 -28.44 17.11
O1 EDO JD . 25.36 -29.55 16.26
C2 EDO JD . 24.02 -28.62 18.11
O2 EDO JD . 23.14 -29.65 17.80
C1 EDO KD . 6.49 -33.77 6.08
O1 EDO KD . 6.75 -35.00 6.75
C2 EDO KD . 7.50 -32.71 6.47
O2 EDO KD . 8.82 -32.98 5.98
C1 EDO LD . 0.38 -35.20 2.62
O1 EDO LD . 0.35 -35.42 4.02
C2 EDO LD . -0.80 -34.42 2.18
O2 EDO LD . -0.96 -33.20 2.86
C1 EDO MD . -6.69 -16.08 -15.63
O1 EDO MD . -5.66 -15.40 -16.39
C2 EDO MD . -7.75 -16.89 -16.30
O2 EDO MD . -9.05 -16.24 -16.21
C1 EDO ND . -15.30 -11.28 8.20
O1 EDO ND . -14.04 -10.79 8.57
C2 EDO ND . -16.44 -10.48 8.64
O2 EDO ND . -16.60 -9.40 7.74
C1 EDO OD . -12.15 1.98 -16.54
O1 EDO OD . -10.82 1.61 -16.32
C2 EDO OD . -12.77 1.80 -15.23
O2 EDO OD . -14.14 2.06 -15.32
C1 EDO PD . -28.30 3.01 -12.20
O1 EDO PD . -27.88 1.69 -12.49
C2 EDO PD . -27.18 3.91 -12.59
O2 EDO PD . -27.30 5.26 -12.15
C1 EDO QD . 15.63 -42.52 24.38
O1 EDO QD . 14.28 -42.85 24.08
C2 EDO QD . 16.09 -42.87 25.74
O2 EDO QD . 16.18 -41.76 26.63
C1 EDO RD . 8.86 -33.22 -6.39
O1 EDO RD . 7.53 -33.01 -5.98
C2 EDO RD . 9.81 -32.65 -5.42
O2 EDO RD . 9.47 -32.84 -4.07
C1 EDO SD . -2.65 -12.00 -17.67
O1 EDO SD . -1.61 -12.77 -18.21
C2 EDO SD . -2.04 -11.00 -16.79
O2 EDO SD . -1.51 -9.88 -17.45
C1 EDO TD . 11.71 -31.79 27.99
O1 EDO TD . 12.04 -32.66 26.93
C2 EDO TD . 10.75 -30.71 27.61
O2 EDO TD . 11.06 -29.47 28.20
C1 PEG UD . 0.71 -29.40 19.42
O1 PEG UD . -0.31 -29.11 20.37
C2 PEG UD . 2.09 -29.41 20.01
O2 PEG UD . 2.36 -28.18 20.70
C3 PEG UD . 3.37 -28.28 21.68
C4 PEG UD . 3.90 -26.92 22.00
O4 PEG UD . 3.08 -26.22 22.90
C1 EDO VD . -21.46 2.09 3.64
O1 EDO VD . -22.36 2.06 2.55
C2 EDO VD . -20.74 3.38 3.76
O2 EDO VD . -21.62 4.46 3.52
C1 EDO WD . -19.07 -23.82 -0.40
O1 EDO WD . -17.85 -24.54 -0.22
C2 EDO WD . -18.84 -22.79 -1.43
O2 EDO WD . -18.13 -21.65 -0.97
C1 PGE XD . 9.91 -26.25 28.41
O1 PGE XD . 10.06 -25.35 29.52
C2 PGE XD . 11.15 -26.33 27.53
O2 PGE XD . 11.80 -25.05 27.36
C3 PGE XD . 12.81 -24.77 28.34
C4 PGE XD . 13.40 -23.39 28.15
O4 PGE XD . 17.12 -22.71 25.75
C6 PGE XD . 16.87 -22.53 27.16
C5 PGE XD . 15.42 -22.27 27.53
O3 PGE XD . 14.82 -23.36 28.24
C1 EDO YD . 39.01 -31.04 13.03
O1 EDO YD . 37.74 -31.50 13.43
C2 EDO YD . 39.18 -29.64 13.46
O2 EDO YD . 40.48 -29.21 13.12
C1 EDO ZD . 23.74 -29.56 12.79
O1 EDO ZD . 22.55 -30.28 12.90
C2 EDO ZD . 23.76 -28.53 13.86
O2 EDO ZD . 22.52 -27.85 14.07
C1 EDO AE . 0.17 -21.53 10.48
O1 EDO AE . 0.13 -22.29 9.33
C2 EDO AE . -0.98 -21.99 11.30
O2 EDO AE . -0.60 -22.02 12.62
C1 EDO BE . 36.14 -13.12 0.79
O1 EDO BE . 37.44 -13.69 0.73
C2 EDO BE . 35.68 -13.15 2.18
O2 EDO BE . 35.69 -11.84 2.74
C1 EDO CE . -17.60 -20.09 13.90
O1 EDO CE . -17.45 -21.15 12.97
C2 EDO CE . -16.94 -18.82 13.48
O2 EDO CE . -15.60 -18.90 12.97
C1 EDO DE . 15.56 -18.00 -14.86
O1 EDO DE . 16.63 -18.72 -14.29
C2 EDO DE . 14.44 -18.14 -13.91
O2 EDO DE . 14.93 -18.78 -12.75
C1 EDO EE . -23.24 -12.38 12.07
O1 EDO EE . -23.16 -13.80 12.00
C2 EDO EE . -23.40 -11.70 10.76
O2 EDO EE . -24.54 -12.29 10.16
C1 EDO FE . 7.30 -33.75 -0.37
O1 EDO FE . 8.32 -34.72 -0.19
C2 EDO FE . 5.96 -34.33 -0.23
O2 EDO FE . 5.89 -35.28 0.83
C1 EDO GE . 29.41 -18.53 13.49
O1 EDO GE . 29.24 -19.44 12.44
C2 EDO GE . 30.79 -18.68 14.01
O2 EDO GE . 30.77 -18.42 15.38
C1 EDO HE . -33.47 -15.98 -12.57
O1 EDO HE . -32.12 -15.80 -12.98
C2 EDO HE . -33.56 -16.03 -11.09
O2 EDO HE . -32.28 -16.23 -10.46
#